data_2LCR
#
_entry.id   2LCR
#
_entity_poly.entity_id   1
_entity_poly.type   'polypeptide(L)'
_entity_poly.pdbx_seq_one_letter_code
;MTQGDPVKPSRGPLVTCTCESPHCKGPTCRGAWCTVVLVREEGRHPQEHRGCGNLHRELCRGRPTEFVNHYCCDSHLCNH
NVSLVLEATQPPSEQPGTDGQ
;
_entity_poly.pdbx_strand_id   A
#
# COMPACT_ATOMS: atom_id res chain seq x y z
N ASP A 5 12.69 -17.93 -10.55
CA ASP A 5 13.59 -18.40 -9.50
C ASP A 5 12.75 -18.97 -8.35
N PRO A 6 13.28 -19.98 -7.63
CA PRO A 6 12.58 -20.59 -6.49
C PRO A 6 12.28 -19.59 -5.37
N VAL A 7 11.14 -18.93 -5.48
CA VAL A 7 10.70 -17.98 -4.47
C VAL A 7 9.33 -18.39 -3.94
N LYS A 8 9.12 -18.19 -2.63
CA LYS A 8 7.84 -18.50 -2.01
C LYS A 8 6.70 -17.80 -2.73
N PRO A 9 5.74 -18.57 -3.27
CA PRO A 9 4.57 -18.01 -3.94
C PRO A 9 3.82 -17.03 -3.04
N SER A 10 3.81 -15.76 -3.44
CA SER A 10 3.26 -14.67 -2.63
C SER A 10 3.72 -14.72 -1.17
N ARG A 11 4.92 -15.27 -0.95
CA ARG A 11 5.54 -15.37 0.38
C ARG A 11 4.94 -16.47 1.24
N GLY A 12 3.66 -16.70 1.08
CA GLY A 12 2.99 -17.71 1.87
C GLY A 12 1.60 -17.30 2.34
N PRO A 13 1.50 -16.65 3.51
CA PRO A 13 0.22 -16.23 4.09
C PRO A 13 -0.54 -15.24 3.20
N LEU A 14 -1.48 -15.78 2.43
CA LEU A 14 -2.19 -15.00 1.41
C LEU A 14 -3.21 -14.05 2.00
N VAL A 15 -2.86 -12.78 1.99
CA VAL A 15 -3.79 -11.70 2.30
C VAL A 15 -4.24 -11.03 1.01
N THR A 16 -5.53 -11.05 0.73
CA THR A 16 -6.05 -10.35 -0.43
C THR A 16 -6.29 -8.88 -0.10
N CYS A 17 -5.96 -8.00 -1.03
CA CYS A 17 -6.16 -6.58 -0.85
C CYS A 17 -6.62 -5.94 -2.16
N THR A 18 -7.51 -4.96 -2.05
CA THR A 18 -7.89 -4.12 -3.19
C THR A 18 -6.64 -3.55 -3.85
N CYS A 19 -6.35 -3.96 -5.07
CA CYS A 19 -5.18 -3.46 -5.75
C CYS A 19 -5.53 -2.34 -6.71
N GLU A 20 -4.60 -1.41 -6.86
CA GLU A 20 -4.79 -0.31 -7.77
C GLU A 20 -3.41 0.15 -8.30
N SER A 21 -2.98 -0.48 -9.39
CA SER A 21 -1.72 -0.14 -10.08
C SER A 21 -0.42 -0.31 -9.25
N PRO A 22 -0.35 -1.12 -8.20
CA PRO A 22 0.82 -1.20 -7.35
C PRO A 22 1.63 -2.46 -7.59
N HIS A 23 1.08 -3.56 -7.11
CA HIS A 23 1.69 -4.86 -7.20
C HIS A 23 0.86 -5.70 -8.16
N CYS A 24 -0.21 -5.08 -8.65
CA CYS A 24 -1.19 -5.75 -9.47
C CYS A 24 -1.61 -4.79 -10.54
N LYS A 25 -2.02 -5.29 -11.68
CA LYS A 25 -2.30 -4.41 -12.78
C LYS A 25 -3.80 -4.17 -12.92
N GLY A 26 -4.45 -3.80 -11.82
CA GLY A 26 -5.82 -3.40 -11.90
C GLY A 26 -6.64 -3.77 -10.70
N PRO A 27 -6.89 -5.06 -10.50
CA PRO A 27 -7.91 -5.55 -9.57
C PRO A 27 -7.46 -5.78 -8.13
N THR A 28 -7.12 -7.02 -7.81
CA THR A 28 -6.89 -7.43 -6.44
C THR A 28 -5.77 -8.45 -6.39
N CYS A 29 -5.33 -8.79 -5.20
CA CYS A 29 -4.26 -9.76 -5.07
C CYS A 29 -4.22 -10.40 -3.71
N ARG A 30 -3.97 -11.68 -3.77
CA ARG A 30 -3.52 -12.47 -2.64
C ARG A 30 -2.03 -12.40 -2.58
N GLY A 31 -1.50 -12.10 -1.43
CA GLY A 31 -0.08 -11.90 -1.36
C GLY A 31 0.46 -12.09 0.02
N ALA A 32 1.37 -11.23 0.37
CA ALA A 32 2.06 -11.33 1.64
C ALA A 32 1.26 -10.64 2.72
N TRP A 33 0.78 -9.48 2.36
CA TRP A 33 0.00 -8.62 3.24
C TRP A 33 -0.48 -7.44 2.42
N CYS A 34 -1.17 -6.53 3.06
CA CYS A 34 -1.69 -5.36 2.37
C CYS A 34 -0.71 -4.21 2.49
N THR A 35 -0.23 -3.72 1.34
CA THR A 35 0.66 -2.58 1.32
C THR A 35 0.09 -1.46 0.46
N VAL A 36 -0.01 -0.27 1.05
CA VAL A 36 -0.42 0.90 0.31
C VAL A 36 0.79 1.79 0.09
N VAL A 37 0.78 2.54 -0.99
CA VAL A 37 1.90 3.36 -1.38
C VAL A 37 1.39 4.46 -2.26
N LEU A 38 1.45 5.68 -1.78
CA LEU A 38 1.02 6.81 -2.56
C LEU A 38 2.21 7.41 -3.27
N VAL A 39 2.09 7.57 -4.56
CA VAL A 39 3.11 8.26 -5.30
C VAL A 39 2.85 9.74 -5.16
N ARG A 40 3.50 10.34 -4.18
CA ARG A 40 3.23 11.71 -3.80
C ARG A 40 3.48 12.63 -4.98
N GLU A 41 2.72 13.71 -5.01
CA GLU A 41 2.65 14.59 -6.16
C GLU A 41 4.00 15.20 -6.51
N GLU A 42 4.42 16.19 -5.72
CA GLU A 42 5.57 17.02 -6.05
C GLU A 42 5.57 17.34 -7.56
N GLY A 43 4.63 18.18 -7.98
CA GLY A 43 4.51 18.51 -9.38
C GLY A 43 3.67 17.52 -10.16
N ARG A 44 3.79 16.23 -9.84
CA ARG A 44 3.10 15.18 -10.57
C ARG A 44 1.65 15.03 -10.12
N HIS A 45 1.38 14.09 -9.22
CA HIS A 45 0.02 13.79 -8.75
C HIS A 45 0.05 12.61 -7.80
N PRO A 46 -0.65 12.69 -6.66
CA PRO A 46 -0.72 11.60 -5.70
C PRO A 46 -1.58 10.44 -6.20
N GLN A 47 -0.93 9.34 -6.56
CA GLN A 47 -1.63 8.15 -7.01
C GLN A 47 -1.61 7.09 -5.93
N GLU A 48 -2.79 6.68 -5.47
CA GLU A 48 -2.91 5.75 -4.36
C GLU A 48 -2.90 4.29 -4.83
N HIS A 49 -1.73 3.67 -4.78
CA HIS A 49 -1.60 2.30 -5.23
C HIS A 49 -1.57 1.35 -4.03
N ARG A 50 -2.54 0.44 -3.97
CA ARG A 50 -2.77 -0.41 -2.80
C ARG A 50 -2.87 -1.88 -3.23
N GLY A 51 -2.59 -2.83 -2.33
CA GLY A 51 -2.75 -4.25 -2.69
C GLY A 51 -1.82 -5.19 -1.94
N CYS A 52 -1.51 -6.35 -2.55
CA CYS A 52 -0.74 -7.37 -1.88
C CYS A 52 0.74 -7.08 -2.06
N GLY A 53 1.49 -7.01 -0.97
CA GLY A 53 2.93 -6.80 -1.10
C GLY A 53 3.57 -7.93 -1.88
N ASN A 54 2.93 -9.09 -1.79
CA ASN A 54 3.33 -10.30 -2.51
C ASN A 54 4.72 -10.78 -2.10
N LEU A 55 5.74 -10.18 -2.68
CA LEU A 55 7.12 -10.54 -2.38
C LEU A 55 7.95 -9.31 -2.04
N HIS A 56 7.35 -8.14 -2.15
CA HIS A 56 8.07 -6.90 -1.93
C HIS A 56 7.91 -6.42 -0.50
N ARG A 57 8.96 -6.59 0.28
CA ARG A 57 8.97 -6.17 1.68
C ARG A 57 9.44 -4.72 1.76
N GLU A 58 10.04 -4.25 0.66
CA GLU A 58 10.53 -2.89 0.53
C GLU A 58 9.42 -1.86 0.80
N LEU A 59 8.20 -2.21 0.40
CA LEU A 59 7.06 -1.32 0.54
C LEU A 59 6.53 -1.33 1.98
N CYS A 60 7.26 -2.00 2.85
CA CYS A 60 6.93 -2.07 4.27
C CYS A 60 8.19 -1.81 5.08
N ARG A 61 8.96 -0.83 4.63
CA ARG A 61 10.23 -0.49 5.29
C ARG A 61 10.82 0.80 4.70
N GLY A 62 10.59 1.05 3.42
CA GLY A 62 11.02 2.30 2.83
C GLY A 62 11.96 2.14 1.65
N ARG A 63 11.51 2.58 0.49
CA ARG A 63 12.36 2.68 -0.70
C ARG A 63 13.05 4.03 -0.74
N PRO A 64 14.14 4.16 -1.53
CA PRO A 64 14.81 5.44 -1.78
C PRO A 64 13.87 6.44 -2.44
N THR A 65 13.03 7.05 -1.62
CA THR A 65 12.01 7.97 -2.07
C THR A 65 11.64 8.90 -0.92
N GLU A 66 11.56 8.32 0.29
CA GLU A 66 11.38 9.09 1.53
C GLU A 66 9.93 9.57 1.70
N PHE A 67 9.46 10.37 0.76
CA PHE A 67 8.14 10.99 0.87
C PHE A 67 7.05 10.10 0.27
N VAL A 68 7.24 8.80 0.37
CA VAL A 68 6.27 7.85 -0.15
C VAL A 68 5.67 7.04 0.99
N ASN A 69 4.35 7.02 1.05
CA ASN A 69 3.65 6.39 2.16
C ASN A 69 3.51 4.92 1.93
N HIS A 70 4.43 4.17 2.51
CA HIS A 70 4.45 2.74 2.37
C HIS A 70 3.85 2.10 3.63
N TYR A 71 2.56 1.84 3.61
CA TYR A 71 1.89 1.28 4.76
C TYR A 71 1.62 -0.20 4.53
N CYS A 72 1.78 -0.99 5.58
CA CYS A 72 1.59 -2.42 5.49
C CYS A 72 0.74 -2.93 6.64
N CYS A 73 -0.16 -3.84 6.32
CA CYS A 73 -1.06 -4.41 7.31
C CYS A 73 -1.39 -5.85 6.93
N ASP A 74 -1.39 -6.72 7.91
CA ASP A 74 -1.52 -8.16 7.68
C ASP A 74 -2.97 -8.62 7.76
N SER A 75 -3.89 -7.80 7.29
CA SER A 75 -5.30 -8.11 7.38
C SER A 75 -5.94 -8.08 6.00
N HIS A 76 -6.78 -9.07 5.72
CA HIS A 76 -7.46 -9.16 4.43
C HIS A 76 -8.25 -7.88 4.14
N LEU A 77 -8.12 -7.40 2.91
CA LEU A 77 -8.90 -6.25 2.43
C LEU A 77 -8.64 -5.02 3.29
N CYS A 78 -7.40 -4.87 3.71
CA CYS A 78 -7.01 -3.77 4.58
C CYS A 78 -6.79 -2.53 3.75
N ASN A 79 -6.32 -2.74 2.53
CA ASN A 79 -6.12 -1.65 1.60
C ASN A 79 -7.42 -1.30 0.89
N HIS A 80 -8.50 -1.94 1.33
CA HIS A 80 -9.80 -1.68 0.75
C HIS A 80 -10.29 -0.32 1.21
N ASN A 81 -9.99 -0.02 2.45
CA ASN A 81 -10.33 1.25 3.06
C ASN A 81 -9.15 1.77 3.87
N VAL A 82 -8.22 2.39 3.18
CA VAL A 82 -6.97 2.83 3.79
C VAL A 82 -6.78 4.32 3.57
N SER A 83 -5.90 4.92 4.34
CA SER A 83 -5.55 6.32 4.17
C SER A 83 -4.24 6.45 3.39
N LEU A 84 -4.33 7.02 2.21
CA LEU A 84 -3.14 7.36 1.45
C LEU A 84 -3.10 8.85 1.18
N VAL A 85 -2.65 9.57 2.18
CA VAL A 85 -2.57 11.00 2.12
C VAL A 85 -1.47 11.51 3.03
N LEU A 86 -0.49 10.63 3.26
CA LEU A 86 0.70 10.95 4.05
C LEU A 86 1.27 12.29 3.59
N GLU A 87 1.00 13.30 4.39
CA GLU A 87 1.28 14.68 4.02
C GLU A 87 0.78 15.59 5.11
N ALA A 88 -0.46 15.36 5.44
CA ALA A 88 -1.16 16.07 6.49
C ALA A 88 -2.43 15.30 6.85
N THR A 89 -3.06 15.66 7.96
CA THR A 89 -4.27 14.99 8.41
C THR A 89 -5.49 15.39 7.56
N GLN A 90 -5.44 15.00 6.29
CA GLN A 90 -6.54 15.19 5.37
C GLN A 90 -7.66 14.20 5.70
N PRO A 91 -8.82 14.28 5.02
CA PRO A 91 -9.92 13.37 5.26
C PRO A 91 -9.91 12.13 4.35
N PRO A 92 -9.37 11.01 4.85
CA PRO A 92 -9.43 9.72 4.17
C PRO A 92 -10.62 8.87 4.63
N SER A 93 -10.60 7.58 4.31
CA SER A 93 -11.66 6.68 4.73
C SER A 93 -11.41 6.14 6.13
N GLU A 94 -10.48 5.20 6.24
CA GLU A 94 -10.09 4.66 7.54
C GLU A 94 -8.69 5.13 7.90
N GLN A 95 -8.62 6.13 8.76
CA GLN A 95 -7.33 6.70 9.16
C GLN A 95 -6.79 5.99 10.39
N PRO A 96 -5.71 5.20 10.21
CA PRO A 96 -5.13 4.40 11.29
C PRO A 96 -4.09 5.15 12.10
N GLY A 97 -3.92 6.44 11.81
CA GLY A 97 -2.96 7.24 12.53
C GLY A 97 -2.85 8.62 11.92
N THR A 98 -2.26 9.55 12.67
CA THR A 98 -2.10 10.92 12.18
C THR A 98 -1.15 10.97 10.98
N ASP A 99 -1.73 11.08 9.78
CA ASP A 99 -0.96 11.23 8.55
C ASP A 99 -0.10 12.49 8.61
N GLY A 100 1.21 12.29 8.63
CA GLY A 100 2.14 13.40 8.64
C GLY A 100 3.41 13.05 7.93
N GLN A 101 3.87 13.95 7.07
CA GLN A 101 5.05 13.69 6.26
C GLN A 101 6.31 14.04 7.03
N ASP A 5 15.53 -19.81 2.32
CA ASP A 5 14.68 -20.95 2.65
C ASP A 5 13.40 -20.90 1.83
N PRO A 6 12.59 -21.98 1.85
CA PRO A 6 11.28 -21.99 1.18
C PRO A 6 10.33 -20.96 1.79
N VAL A 7 10.32 -19.78 1.20
CA VAL A 7 9.61 -18.64 1.77
C VAL A 7 8.16 -18.56 1.31
N LYS A 8 7.65 -19.68 0.79
CA LYS A 8 6.29 -19.73 0.23
C LYS A 8 6.22 -18.88 -1.05
N PRO A 9 5.20 -19.09 -1.90
CA PRO A 9 5.05 -18.33 -3.15
C PRO A 9 4.58 -16.89 -2.91
N SER A 10 4.30 -16.58 -1.65
CA SER A 10 3.81 -15.25 -1.29
C SER A 10 4.53 -14.71 -0.06
N ARG A 11 5.67 -15.32 0.28
CA ARG A 11 6.45 -14.94 1.46
C ARG A 11 5.66 -15.14 2.76
N GLY A 12 4.83 -16.17 2.77
CA GLY A 12 4.14 -16.54 3.98
C GLY A 12 2.68 -16.88 3.76
N PRO A 13 1.78 -16.18 4.45
CA PRO A 13 0.33 -16.40 4.33
C PRO A 13 -0.23 -15.80 3.04
N LEU A 14 -1.53 -15.92 2.85
CA LEU A 14 -2.19 -15.30 1.72
C LEU A 14 -3.18 -14.25 2.18
N VAL A 15 -3.10 -13.08 1.58
CA VAL A 15 -3.98 -11.97 1.90
C VAL A 15 -4.36 -11.23 0.63
N THR A 16 -5.64 -11.19 0.32
CA THR A 16 -6.12 -10.37 -0.78
C THR A 16 -6.23 -8.93 -0.34
N CYS A 17 -5.80 -8.04 -1.21
CA CYS A 17 -5.89 -6.63 -0.95
C CYS A 17 -6.25 -5.88 -2.23
N THR A 18 -7.14 -4.90 -2.11
CA THR A 18 -7.46 -3.98 -3.19
C THR A 18 -6.17 -3.47 -3.83
N CYS A 19 -5.96 -3.78 -5.10
CA CYS A 19 -4.65 -3.59 -5.71
C CYS A 19 -4.72 -2.57 -6.85
N GLU A 20 -4.32 -1.34 -6.56
CA GLU A 20 -4.55 -0.23 -7.49
C GLU A 20 -3.23 0.18 -8.16
N SER A 21 -2.94 -0.43 -9.30
CA SER A 21 -1.73 -0.13 -10.09
C SER A 21 -0.39 -0.39 -9.36
N PRO A 22 -0.31 -1.22 -8.31
CA PRO A 22 0.86 -1.33 -7.47
C PRO A 22 1.65 -2.59 -7.76
N HIS A 23 1.12 -3.67 -7.24
CA HIS A 23 1.70 -4.99 -7.37
C HIS A 23 0.92 -5.73 -8.43
N CYS A 24 -0.16 -5.07 -8.91
CA CYS A 24 -1.11 -5.71 -9.78
C CYS A 24 -1.49 -4.73 -10.88
N LYS A 25 -2.39 -5.12 -11.75
CA LYS A 25 -2.78 -4.28 -12.85
C LYS A 25 -3.90 -3.32 -12.45
N GLY A 26 -4.61 -3.62 -11.37
CA GLY A 26 -5.84 -2.88 -11.12
C GLY A 26 -6.77 -3.48 -10.09
N PRO A 27 -7.09 -4.78 -10.17
CA PRO A 27 -8.03 -5.41 -9.25
C PRO A 27 -7.44 -5.79 -7.89
N THR A 28 -7.11 -7.07 -7.72
CA THR A 28 -6.78 -7.62 -6.40
C THR A 28 -5.93 -8.86 -6.55
N CYS A 29 -5.18 -9.20 -5.52
CA CYS A 29 -4.40 -10.42 -5.52
C CYS A 29 -4.20 -10.97 -4.12
N ARG A 30 -4.14 -12.29 -4.03
CA ARG A 30 -3.77 -12.97 -2.79
C ARG A 30 -2.25 -13.01 -2.67
N GLY A 31 -1.75 -12.21 -1.76
CA GLY A 31 -0.31 -12.04 -1.62
C GLY A 31 0.19 -12.41 -0.25
N ALA A 32 0.57 -11.40 0.50
CA ALA A 32 1.21 -11.59 1.80
C ALA A 32 0.49 -10.78 2.84
N TRP A 33 0.14 -9.58 2.41
CA TRP A 33 -0.48 -8.60 3.26
C TRP A 33 -0.80 -7.37 2.43
N CYS A 34 -1.35 -6.35 3.04
CA CYS A 34 -1.73 -5.15 2.31
C CYS A 34 -0.63 -4.10 2.41
N THR A 35 -0.13 -3.66 1.27
CA THR A 35 0.84 -2.59 1.23
C THR A 35 0.31 -1.44 0.38
N VAL A 36 0.21 -0.27 0.97
CA VAL A 36 -0.29 0.89 0.26
C VAL A 36 0.81 1.90 0.05
N VAL A 37 0.74 2.59 -1.06
CA VAL A 37 1.72 3.59 -1.43
C VAL A 37 1.09 4.67 -2.29
N LEU A 38 1.10 5.89 -1.81
CA LEU A 38 0.63 7.01 -2.59
C LEU A 38 1.74 7.44 -3.52
N VAL A 39 1.66 7.00 -4.76
CA VAL A 39 2.66 7.31 -5.73
C VAL A 39 2.31 8.62 -6.38
N ARG A 40 3.26 9.55 -6.38
CA ARG A 40 3.08 10.81 -7.05
C ARG A 40 3.03 10.62 -8.58
N GLU A 41 1.90 10.04 -9.01
CA GLU A 41 1.57 9.80 -10.41
C GLU A 41 2.75 9.17 -11.15
N GLU A 42 3.30 9.91 -12.10
CA GLU A 42 4.58 9.60 -12.69
C GLU A 42 5.24 10.93 -13.00
N GLY A 43 5.66 11.59 -11.93
CA GLY A 43 6.14 12.95 -12.00
C GLY A 43 5.73 13.72 -10.77
N ARG A 44 4.42 13.91 -10.60
CA ARG A 44 3.87 14.61 -9.47
C ARG A 44 2.34 14.70 -9.55
N HIS A 45 1.67 13.84 -8.79
CA HIS A 45 0.21 13.85 -8.65
C HIS A 45 -0.13 12.69 -7.71
N PRO A 46 -1.27 12.70 -7.03
CA PRO A 46 -1.58 11.65 -6.07
C PRO A 46 -2.27 10.43 -6.70
N GLN A 47 -1.70 9.25 -6.49
CA GLN A 47 -2.36 8.01 -6.84
C GLN A 47 -2.16 6.98 -5.74
N GLU A 48 -3.27 6.52 -5.17
CA GLU A 48 -3.22 5.57 -4.07
C GLU A 48 -3.04 4.16 -4.59
N HIS A 49 -1.80 3.72 -4.71
CA HIS A 49 -1.55 2.36 -5.17
C HIS A 49 -1.51 1.43 -3.98
N ARG A 50 -2.60 0.74 -3.76
CA ARG A 50 -2.77 -0.14 -2.60
C ARG A 50 -2.77 -1.59 -3.07
N GLY A 51 -2.47 -2.54 -2.19
CA GLY A 51 -2.66 -3.94 -2.59
C GLY A 51 -1.80 -4.94 -1.82
N CYS A 52 -1.57 -6.07 -2.45
CA CYS A 52 -0.89 -7.21 -1.83
C CYS A 52 0.61 -7.11 -2.04
N GLY A 53 1.36 -7.04 -0.95
CA GLY A 53 2.79 -6.84 -1.05
C GLY A 53 3.53 -8.07 -1.54
N ASN A 54 2.95 -9.24 -1.30
CA ASN A 54 3.53 -10.51 -1.74
C ASN A 54 4.94 -10.70 -1.19
N LEU A 55 5.86 -11.07 -2.07
CA LEU A 55 7.20 -11.44 -1.66
C LEU A 55 8.10 -10.21 -1.53
N HIS A 56 7.57 -9.04 -1.86
CA HIS A 56 8.36 -7.82 -1.82
C HIS A 56 8.06 -7.01 -0.55
N ARG A 57 9.10 -6.82 0.25
CA ARG A 57 9.00 -6.08 1.50
C ARG A 57 9.47 -4.64 1.27
N GLU A 58 10.39 -4.51 0.32
CA GLU A 58 11.07 -3.24 0.00
C GLU A 58 10.09 -2.07 -0.16
N LEU A 59 8.99 -2.30 -0.85
CA LEU A 59 8.04 -1.24 -1.18
C LEU A 59 7.20 -0.82 0.03
N CYS A 60 7.44 -1.46 1.16
CA CYS A 60 6.74 -1.12 2.38
C CYS A 60 7.70 -1.25 3.56
N ARG A 61 8.93 -0.84 3.33
CA ARG A 61 10.05 -1.08 4.25
C ARG A 61 11.31 -0.44 3.71
N GLY A 62 11.43 0.86 3.89
CA GLY A 62 12.61 1.56 3.42
C GLY A 62 12.80 2.86 4.13
N ARG A 63 12.36 3.94 3.50
CA ARG A 63 12.44 5.27 4.07
C ARG A 63 11.16 6.03 3.77
N PRO A 64 10.72 6.90 4.69
CA PRO A 64 9.60 7.78 4.47
C PRO A 64 9.98 8.97 3.60
N THR A 65 9.87 8.79 2.30
CA THR A 65 10.17 9.85 1.35
C THR A 65 8.93 10.72 1.11
N GLU A 66 8.95 11.53 0.06
CA GLU A 66 7.83 12.42 -0.22
C GLU A 66 6.95 11.88 -1.35
N PHE A 67 7.56 11.63 -2.51
CA PHE A 67 6.82 11.09 -3.66
C PHE A 67 6.24 9.71 -3.40
N VAL A 68 6.72 9.05 -2.35
CA VAL A 68 6.24 7.73 -2.00
C VAL A 68 5.95 7.65 -0.51
N ASN A 69 4.89 6.94 -0.15
CA ASN A 69 4.50 6.79 1.25
C ASN A 69 3.83 5.45 1.47
N HIS A 70 4.60 4.48 1.94
CA HIS A 70 4.09 3.11 2.11
C HIS A 70 3.52 2.87 3.49
N TYR A 71 2.46 2.10 3.51
CA TYR A 71 1.83 1.62 4.75
C TYR A 71 1.48 0.15 4.56
N CYS A 72 1.65 -0.64 5.61
CA CYS A 72 1.41 -2.08 5.48
C CYS A 72 0.37 -2.56 6.49
N CYS A 73 -0.39 -3.56 6.09
CA CYS A 73 -1.40 -4.19 6.93
C CYS A 73 -1.21 -5.68 6.88
N ASP A 74 -1.35 -6.32 8.02
CA ASP A 74 -1.26 -7.77 8.09
C ASP A 74 -2.66 -8.33 8.30
N SER A 75 -3.54 -8.02 7.35
CA SER A 75 -4.96 -8.39 7.42
C SER A 75 -5.58 -8.34 6.02
N HIS A 76 -6.52 -9.25 5.77
CA HIS A 76 -7.20 -9.32 4.48
C HIS A 76 -8.02 -8.05 4.26
N LEU A 77 -7.95 -7.50 3.05
CA LEU A 77 -8.73 -6.33 2.65
C LEU A 77 -8.57 -5.18 3.64
N CYS A 78 -7.34 -4.91 4.05
CA CYS A 78 -7.08 -3.83 4.99
C CYS A 78 -6.89 -2.54 4.21
N ASN A 79 -6.23 -2.65 3.07
CA ASN A 79 -6.01 -1.50 2.23
C ASN A 79 -7.24 -1.21 1.39
N HIS A 80 -8.29 -2.00 1.59
CA HIS A 80 -9.56 -1.74 0.94
C HIS A 80 -10.27 -0.59 1.65
N ASN A 81 -9.89 -0.39 2.91
CA ASN A 81 -10.50 0.64 3.73
C ASN A 81 -9.46 1.67 4.16
N VAL A 82 -8.26 1.56 3.62
CA VAL A 82 -7.13 2.41 4.04
C VAL A 82 -7.21 3.78 3.36
N SER A 83 -6.47 4.73 3.90
CA SER A 83 -6.28 6.01 3.29
C SER A 83 -4.93 6.59 3.68
N LEU A 84 -4.03 6.65 2.74
CA LEU A 84 -2.76 7.32 2.97
C LEU A 84 -2.98 8.80 2.84
N VAL A 85 -3.51 9.14 1.68
CA VAL A 85 -3.95 10.49 1.34
C VAL A 85 -3.02 11.58 1.87
N LEU A 86 -1.73 11.38 1.64
CA LEU A 86 -0.70 12.36 2.01
C LEU A 86 -0.92 13.65 1.24
N GLU A 87 -1.77 13.54 0.25
CA GLU A 87 -2.05 14.62 -0.67
C GLU A 87 -3.24 15.44 -0.17
N ALA A 88 -3.83 14.96 0.93
CA ALA A 88 -4.96 15.60 1.60
C ALA A 88 -6.19 15.81 0.69
N THR A 89 -6.19 15.16 -0.45
CA THR A 89 -7.30 15.29 -1.40
C THR A 89 -7.34 14.12 -2.37
N GLN A 90 -7.89 13.02 -1.93
CA GLN A 90 -8.10 11.86 -2.78
C GLN A 90 -9.09 10.92 -2.12
N PRO A 91 -10.04 10.36 -2.90
CA PRO A 91 -11.09 9.45 -2.41
C PRO A 91 -10.61 8.51 -1.31
N PRO A 92 -10.95 8.84 -0.05
CA PRO A 92 -10.51 8.10 1.12
C PRO A 92 -11.56 7.11 1.62
N SER A 93 -11.27 6.48 2.75
CA SER A 93 -12.18 5.55 3.38
C SER A 93 -12.03 5.63 4.89
N GLU A 94 -10.90 5.16 5.40
CA GLU A 94 -10.59 5.25 6.81
C GLU A 94 -9.08 5.28 7.02
N GLN A 95 -8.59 6.31 7.69
CA GLN A 95 -7.17 6.45 7.92
C GLN A 95 -6.89 6.57 9.41
N PRO A 96 -5.79 5.97 9.89
CA PRO A 96 -5.37 6.09 11.29
C PRO A 96 -4.84 7.49 11.59
N GLY A 97 -4.55 8.22 10.53
CA GLY A 97 -4.04 9.55 10.64
C GLY A 97 -3.67 10.13 9.29
N THR A 98 -2.93 11.24 9.32
CA THR A 98 -2.50 11.93 8.10
C THR A 98 -3.65 12.72 7.48
N ASP A 99 -3.47 14.03 7.40
CA ASP A 99 -4.45 14.92 6.79
C ASP A 99 -3.75 15.80 5.76
N GLY A 100 -2.62 15.30 5.28
CA GLY A 100 -1.83 16.06 4.35
C GLY A 100 -0.67 16.74 5.04
N GLN A 101 -0.27 17.90 4.55
CA GLN A 101 0.83 18.63 5.14
C GLN A 101 0.36 20.02 5.56
N ASP A 5 17.13 -20.10 -6.13
CA ASP A 5 15.75 -20.04 -6.60
C ASP A 5 15.06 -18.84 -5.94
N PRO A 6 13.98 -18.32 -6.56
CA PRO A 6 13.26 -17.15 -6.05
C PRO A 6 12.80 -17.33 -4.60
N VAL A 7 13.45 -16.62 -3.69
CA VAL A 7 13.12 -16.72 -2.27
C VAL A 7 11.74 -16.14 -1.99
N LYS A 8 11.10 -16.61 -0.94
CA LYS A 8 9.84 -16.07 -0.54
C LYS A 8 9.73 -15.94 0.99
N PRO A 9 10.40 -14.93 1.56
CA PRO A 9 10.31 -14.63 2.99
C PRO A 9 9.04 -13.84 3.29
N SER A 10 8.14 -13.86 2.32
CA SER A 10 6.93 -13.08 2.33
C SER A 10 5.89 -13.73 1.42
N ARG A 11 5.72 -15.02 1.59
CA ARG A 11 4.75 -15.80 0.85
C ARG A 11 4.19 -16.88 1.74
N GLY A 12 2.91 -16.78 2.05
CA GLY A 12 2.27 -17.74 2.93
C GLY A 12 0.80 -17.87 2.65
N PRO A 13 -0.05 -17.71 3.69
CA PRO A 13 -1.50 -17.81 3.56
C PRO A 13 -2.12 -16.55 2.96
N LEU A 14 -1.80 -16.32 1.68
CA LEU A 14 -2.32 -15.24 0.84
C LEU A 14 -3.34 -14.29 1.46
N VAL A 15 -2.90 -13.04 1.61
CA VAL A 15 -3.76 -11.94 2.02
C VAL A 15 -4.20 -11.15 0.79
N THR A 16 -5.49 -11.19 0.47
CA THR A 16 -6.01 -10.42 -0.65
C THR A 16 -6.18 -8.97 -0.26
N CYS A 17 -5.80 -8.10 -1.17
CA CYS A 17 -5.89 -6.67 -0.94
C CYS A 17 -6.34 -5.97 -2.23
N THR A 18 -6.98 -4.82 -2.07
CA THR A 18 -7.51 -4.05 -3.19
C THR A 18 -6.37 -3.43 -4.01
N CYS A 19 -5.85 -4.19 -4.97
CA CYS A 19 -4.84 -3.66 -5.89
C CYS A 19 -5.38 -2.56 -6.79
N GLU A 20 -4.54 -1.56 -7.02
CA GLU A 20 -4.84 -0.52 -7.99
C GLU A 20 -3.52 -0.01 -8.54
N SER A 21 -3.04 -0.67 -9.61
CA SER A 21 -1.82 -0.29 -10.33
C SER A 21 -0.51 -0.38 -9.51
N PRO A 22 -0.39 -1.18 -8.43
CA PRO A 22 0.81 -1.23 -7.63
C PRO A 22 1.60 -2.51 -7.85
N HIS A 23 1.08 -3.58 -7.25
CA HIS A 23 1.66 -4.90 -7.35
C HIS A 23 0.93 -5.67 -8.42
N CYS A 24 -0.12 -5.03 -8.96
CA CYS A 24 -1.02 -5.71 -9.87
C CYS A 24 -1.42 -4.77 -10.98
N LYS A 25 -1.85 -5.33 -12.09
CA LYS A 25 -2.22 -4.54 -13.23
C LYS A 25 -3.73 -4.31 -13.29
N GLY A 26 -4.33 -3.86 -12.18
CA GLY A 26 -5.71 -3.50 -12.25
C GLY A 26 -6.46 -3.85 -11.02
N PRO A 27 -6.68 -5.14 -10.86
CA PRO A 27 -7.67 -5.64 -9.96
C PRO A 27 -7.19 -5.93 -8.54
N THR A 28 -7.17 -7.19 -8.14
CA THR A 28 -6.90 -7.54 -6.76
C THR A 28 -5.88 -8.65 -6.68
N CYS A 29 -5.34 -8.89 -5.51
CA CYS A 29 -4.29 -9.86 -5.36
C CYS A 29 -4.20 -10.35 -3.92
N ARG A 30 -3.91 -11.63 -3.77
CA ARG A 30 -3.67 -12.22 -2.47
C ARG A 30 -2.19 -12.53 -2.30
N GLY A 31 -1.48 -11.64 -1.63
CA GLY A 31 -0.06 -11.81 -1.42
C GLY A 31 0.29 -12.17 0.00
N ALA A 32 1.05 -11.30 0.64
CA ALA A 32 1.58 -11.57 1.99
C ALA A 32 0.87 -10.74 3.02
N TRP A 33 0.53 -9.54 2.60
CA TRP A 33 -0.06 -8.55 3.46
C TRP A 33 -0.54 -7.40 2.59
N CYS A 34 -1.22 -6.44 3.18
CA CYS A 34 -1.75 -5.33 2.41
C CYS A 34 -0.79 -4.17 2.50
N THR A 35 -0.26 -3.74 1.38
CA THR A 35 0.65 -2.61 1.36
C THR A 35 0.09 -1.54 0.47
N VAL A 36 0.09 -0.33 0.98
CA VAL A 36 -0.44 0.79 0.24
C VAL A 36 0.67 1.81 0.04
N VAL A 37 0.56 2.57 -1.04
CA VAL A 37 1.63 3.47 -1.40
C VAL A 37 1.07 4.67 -2.16
N LEU A 38 1.16 5.83 -1.54
CA LEU A 38 0.86 7.07 -2.22
C LEU A 38 2.14 7.54 -2.89
N VAL A 39 2.25 7.28 -4.18
CA VAL A 39 3.43 7.64 -4.92
C VAL A 39 3.31 9.09 -5.32
N ARG A 40 3.92 9.96 -4.53
CA ARG A 40 3.75 11.39 -4.67
C ARG A 40 4.70 11.94 -5.69
N GLU A 41 5.06 11.04 -6.59
CA GLU A 41 6.10 11.26 -7.59
C GLU A 41 7.38 11.80 -6.93
N GLU A 42 7.44 13.11 -6.76
CA GLU A 42 8.43 13.75 -5.92
C GLU A 42 7.84 15.06 -5.45
N GLY A 43 6.85 14.96 -4.58
CA GLY A 43 6.03 16.10 -4.24
C GLY A 43 5.45 16.74 -5.47
N ARG A 44 4.84 15.93 -6.32
CA ARG A 44 4.38 16.39 -7.61
C ARG A 44 2.94 15.92 -7.91
N HIS A 45 2.75 14.62 -8.12
CA HIS A 45 1.41 14.09 -8.39
C HIS A 45 1.18 12.76 -7.66
N PRO A 46 1.03 12.82 -6.33
CA PRO A 46 0.66 11.70 -5.46
C PRO A 46 -0.43 10.79 -6.03
N GLN A 47 -0.11 9.51 -6.19
CA GLN A 47 -1.05 8.50 -6.63
C GLN A 47 -1.11 7.36 -5.59
N GLU A 48 -2.28 7.12 -5.02
CA GLU A 48 -2.41 6.08 -4.01
C GLU A 48 -2.68 4.73 -4.66
N HIS A 49 -1.67 3.86 -4.62
CA HIS A 49 -1.78 2.53 -5.20
C HIS A 49 -1.72 1.47 -4.10
N ARG A 50 -2.79 0.72 -3.94
CA ARG A 50 -2.95 -0.20 -2.82
C ARG A 50 -2.90 -1.65 -3.28
N GLY A 51 -2.59 -2.57 -2.38
CA GLY A 51 -2.69 -3.99 -2.73
C GLY A 51 -1.90 -4.90 -1.80
N CYS A 52 -1.54 -6.09 -2.28
CA CYS A 52 -0.86 -7.08 -1.49
C CYS A 52 0.63 -7.00 -1.77
N GLY A 53 1.42 -7.01 -0.72
CA GLY A 53 2.84 -7.04 -0.89
C GLY A 53 3.37 -8.40 -0.52
N ASN A 54 3.50 -9.28 -1.49
CA ASN A 54 3.92 -10.63 -1.17
C ASN A 54 5.44 -10.69 -1.04
N LEU A 55 6.11 -11.37 -1.95
CA LEU A 55 7.53 -11.63 -1.80
C LEU A 55 8.39 -10.39 -2.14
N HIS A 56 7.93 -9.22 -1.70
CA HIS A 56 8.63 -7.97 -1.95
C HIS A 56 8.82 -7.18 -0.65
N ARG A 57 10.00 -6.58 -0.51
CA ARG A 57 10.38 -5.88 0.71
C ARG A 57 10.20 -4.37 0.57
N GLU A 58 10.35 -3.88 -0.65
CA GLU A 58 10.32 -2.44 -0.93
C GLU A 58 8.95 -1.84 -0.60
N LEU A 59 7.95 -2.69 -0.57
CA LEU A 59 6.58 -2.25 -0.35
C LEU A 59 6.36 -1.84 1.10
N CYS A 60 7.37 -2.05 1.93
CA CYS A 60 7.31 -1.65 3.33
C CYS A 60 8.61 -0.95 3.75
N ARG A 61 9.50 -0.71 2.80
CA ARG A 61 10.86 -0.27 3.13
C ARG A 61 11.73 -0.11 1.88
N GLY A 62 11.12 0.30 0.77
CA GLY A 62 11.89 0.50 -0.44
C GLY A 62 12.67 1.79 -0.39
N ARG A 63 11.97 2.90 -0.40
CA ARG A 63 12.58 4.21 -0.28
C ARG A 63 12.04 4.91 0.95
N PRO A 64 12.89 5.20 1.93
CA PRO A 64 12.50 5.91 3.14
C PRO A 64 12.41 7.41 2.90
N THR A 65 11.27 7.85 2.38
CA THR A 65 11.07 9.24 2.08
C THR A 65 9.57 9.60 2.13
N GLU A 66 9.28 10.84 1.81
CA GLU A 66 7.95 11.41 2.03
C GLU A 66 7.08 11.29 0.78
N PHE A 67 7.69 11.07 -0.38
CA PHE A 67 6.91 10.97 -1.61
C PHE A 67 6.50 9.53 -1.86
N VAL A 68 6.64 8.69 -0.83
CA VAL A 68 6.25 7.29 -0.92
C VAL A 68 5.98 6.72 0.49
N ASN A 69 4.71 6.69 0.86
CA ASN A 69 4.30 6.26 2.19
C ASN A 69 3.87 4.81 2.17
N HIS A 70 4.86 3.92 2.03
CA HIS A 70 4.58 2.48 2.01
C HIS A 70 4.06 2.03 3.37
N TYR A 71 2.77 1.76 3.43
CA TYR A 71 2.14 1.31 4.65
C TYR A 71 1.72 -0.14 4.48
N CYS A 72 1.72 -0.90 5.57
CA CYS A 72 1.48 -2.33 5.49
C CYS A 72 0.45 -2.73 6.55
N CYS A 73 -0.31 -3.77 6.28
CA CYS A 73 -1.29 -4.28 7.23
C CYS A 73 -1.26 -5.80 7.16
N ASP A 74 -1.84 -6.47 8.12
CA ASP A 74 -1.69 -7.92 8.22
C ASP A 74 -3.04 -8.62 8.09
N SER A 75 -3.98 -7.97 7.42
CA SER A 75 -5.31 -8.51 7.28
C SER A 75 -5.78 -8.34 5.84
N HIS A 76 -6.52 -9.31 5.32
CA HIS A 76 -7.00 -9.23 3.95
C HIS A 76 -8.05 -8.14 3.83
N LEU A 77 -7.96 -7.37 2.75
CA LEU A 77 -8.86 -6.26 2.49
C LEU A 77 -8.71 -5.18 3.56
N CYS A 78 -7.47 -4.90 3.91
CA CYS A 78 -7.18 -3.95 4.99
C CYS A 78 -6.79 -2.61 4.38
N ASN A 79 -6.28 -2.68 3.16
CA ASN A 79 -5.93 -1.48 2.42
C ASN A 79 -7.18 -0.82 1.86
N HIS A 80 -8.32 -1.52 1.93
CA HIS A 80 -9.54 -1.04 1.28
C HIS A 80 -10.24 0.04 2.11
N ASN A 81 -9.47 0.62 3.02
CA ASN A 81 -9.95 1.71 3.88
C ASN A 81 -8.78 2.24 4.70
N VAL A 82 -7.59 2.08 4.14
CA VAL A 82 -6.36 2.40 4.84
C VAL A 82 -6.16 3.91 4.98
N SER A 83 -5.50 4.31 6.04
CA SER A 83 -5.18 5.69 6.23
C SER A 83 -3.68 5.92 6.23
N LEU A 84 -3.16 6.07 5.04
CA LEU A 84 -1.74 6.26 4.84
C LEU A 84 -1.47 7.63 4.23
N VAL A 85 -2.44 8.08 3.46
CA VAL A 85 -2.26 9.14 2.52
C VAL A 85 -2.16 10.50 3.20
N LEU A 86 -1.16 11.27 2.79
CA LEU A 86 -1.05 12.67 3.17
C LEU A 86 -2.13 13.43 2.41
N GLU A 87 -3.34 13.35 2.93
CA GLU A 87 -4.53 13.82 2.24
C GLU A 87 -5.33 14.72 3.18
N ALA A 88 -6.58 15.00 2.81
CA ALA A 88 -7.48 15.86 3.60
C ALA A 88 -7.37 15.62 5.10
N THR A 89 -7.37 16.71 5.85
CA THR A 89 -7.28 16.65 7.31
C THR A 89 -8.61 16.19 7.89
N GLN A 90 -8.79 14.88 7.93
CA GLN A 90 -10.05 14.23 8.25
C GLN A 90 -9.74 12.79 8.62
N PRO A 91 -10.74 12.00 9.07
CA PRO A 91 -10.57 10.55 9.22
C PRO A 91 -10.30 9.89 7.88
N PRO A 92 -9.05 9.49 7.63
CA PRO A 92 -8.61 9.00 6.33
C PRO A 92 -8.97 7.54 6.11
N SER A 93 -9.46 7.24 4.91
CA SER A 93 -9.82 5.89 4.53
C SER A 93 -9.87 5.77 3.01
N GLU A 94 -8.74 5.38 2.42
CA GLU A 94 -8.65 5.15 0.97
C GLU A 94 -8.92 6.45 0.20
N GLN A 95 -7.86 7.19 -0.08
CA GLN A 95 -7.97 8.52 -0.69
C GLN A 95 -7.08 8.64 -1.92
N PRO A 96 -7.63 8.46 -3.12
CA PRO A 96 -6.86 8.52 -4.36
C PRO A 96 -6.51 9.96 -4.75
N GLY A 97 -5.25 10.33 -4.55
CA GLY A 97 -4.80 11.66 -4.95
C GLY A 97 -5.11 12.70 -3.90
N THR A 98 -4.06 13.20 -3.24
CA THR A 98 -4.22 14.26 -2.24
C THR A 98 -4.81 15.53 -2.86
N ASP A 99 -5.50 16.30 -2.01
CA ASP A 99 -6.08 17.59 -2.40
C ASP A 99 -7.30 17.38 -3.29
N GLY A 100 -7.58 16.13 -3.61
CA GLY A 100 -8.68 15.80 -4.48
C GLY A 100 -10.02 15.89 -3.78
N GLN A 101 -10.04 15.59 -2.49
CA GLN A 101 -11.30 15.59 -1.75
C GLN A 101 -11.19 16.43 -0.49
N ASP A 5 19.51 -15.65 1.45
CA ASP A 5 18.65 -15.99 2.57
C ASP A 5 17.27 -16.41 2.04
N PRO A 6 16.98 -17.72 2.08
CA PRO A 6 15.72 -18.25 1.59
C PRO A 6 14.55 -17.96 2.52
N VAL A 7 13.61 -17.16 2.04
CA VAL A 7 12.41 -16.84 2.79
C VAL A 7 11.25 -17.70 2.32
N LYS A 8 10.20 -17.77 3.13
CA LYS A 8 9.02 -18.54 2.78
C LYS A 8 8.16 -17.77 1.78
N PRO A 9 7.78 -18.41 0.66
CA PRO A 9 6.99 -17.77 -0.40
C PRO A 9 5.54 -17.50 0.02
N SER A 10 5.39 -16.67 1.04
CA SER A 10 4.08 -16.29 1.55
C SER A 10 4.16 -15.05 2.42
N ARG A 11 5.28 -14.90 3.13
CA ARG A 11 5.46 -13.83 4.12
C ARG A 11 4.20 -13.67 4.98
N GLY A 12 3.94 -14.65 5.83
CA GLY A 12 2.72 -14.64 6.62
C GLY A 12 1.59 -15.38 5.93
N PRO A 13 0.36 -14.87 6.04
CA PRO A 13 -0.82 -15.48 5.44
C PRO A 13 -1.13 -14.93 4.05
N LEU A 14 -1.78 -15.74 3.23
CA LEU A 14 -2.15 -15.30 1.88
C LEU A 14 -3.46 -14.53 1.92
N VAL A 15 -3.34 -13.21 1.95
CA VAL A 15 -4.49 -12.34 2.01
C VAL A 15 -4.72 -11.69 0.65
N THR A 16 -5.98 -11.54 0.26
CA THR A 16 -6.31 -10.72 -0.89
C THR A 16 -6.32 -9.26 -0.48
N CYS A 17 -5.69 -8.43 -1.28
CA CYS A 17 -5.78 -7.00 -1.08
C CYS A 17 -6.27 -6.33 -2.35
N THR A 18 -7.19 -5.39 -2.18
CA THR A 18 -7.56 -4.47 -3.24
C THR A 18 -6.27 -3.95 -3.88
N CYS A 19 -6.13 -4.04 -5.18
CA CYS A 19 -4.82 -3.80 -5.78
C CYS A 19 -4.90 -2.71 -6.83
N GLU A 20 -4.93 -1.47 -6.38
CA GLU A 20 -5.17 -0.34 -7.26
C GLU A 20 -3.85 0.12 -7.90
N SER A 21 -3.53 -0.47 -9.06
CA SER A 21 -2.34 -0.10 -9.86
C SER A 21 -0.99 -0.22 -9.12
N PRO A 22 -0.81 -1.10 -8.12
CA PRO A 22 0.38 -1.15 -7.30
C PRO A 22 1.29 -2.33 -7.65
N HIS A 23 0.83 -3.50 -7.24
CA HIS A 23 1.50 -4.75 -7.44
C HIS A 23 0.78 -5.48 -8.56
N CYS A 24 -0.30 -4.85 -9.02
CA CYS A 24 -1.18 -5.44 -9.99
C CYS A 24 -1.57 -4.39 -11.00
N LYS A 25 -2.43 -4.73 -11.93
CA LYS A 25 -2.83 -3.77 -12.95
C LYS A 25 -4.04 -2.96 -12.49
N GLY A 26 -4.68 -3.35 -11.38
CA GLY A 26 -5.87 -2.65 -10.96
C GLY A 26 -6.82 -3.38 -10.02
N PRO A 27 -6.96 -4.72 -10.08
CA PRO A 27 -8.03 -5.39 -9.39
C PRO A 27 -7.67 -5.87 -7.98
N THR A 28 -7.16 -7.08 -7.87
CA THR A 28 -6.95 -7.72 -6.58
C THR A 28 -5.78 -8.70 -6.64
N CYS A 29 -5.12 -8.90 -5.50
CA CYS A 29 -4.10 -9.93 -5.42
C CYS A 29 -3.95 -10.47 -4.00
N ARG A 30 -3.77 -11.78 -3.91
CA ARG A 30 -3.35 -12.42 -2.69
C ARG A 30 -1.84 -12.43 -2.58
N GLY A 31 -1.37 -12.11 -1.40
CA GLY A 31 0.05 -12.04 -1.17
C GLY A 31 0.41 -12.36 0.26
N ALA A 32 0.74 -11.34 1.01
CA ALA A 32 1.22 -11.52 2.39
C ALA A 32 0.47 -10.61 3.33
N TRP A 33 0.25 -9.42 2.82
CA TRP A 33 -0.36 -8.34 3.56
C TRP A 33 -0.69 -7.23 2.59
N CYS A 34 -1.30 -6.18 3.08
CA CYS A 34 -1.69 -5.08 2.23
C CYS A 34 -0.66 -3.97 2.36
N THR A 35 -0.02 -3.61 1.27
CA THR A 35 0.91 -2.51 1.26
C THR A 35 0.35 -1.40 0.39
N VAL A 36 0.15 -0.25 0.99
CA VAL A 36 -0.32 0.89 0.26
C VAL A 36 0.83 1.87 0.11
N VAL A 37 0.84 2.60 -0.99
CA VAL A 37 1.99 3.38 -1.35
C VAL A 37 1.56 4.63 -2.09
N LEU A 38 1.83 5.78 -1.51
CA LEU A 38 1.55 7.02 -2.20
C LEU A 38 2.71 7.41 -3.08
N VAL A 39 2.42 7.67 -4.33
CA VAL A 39 3.37 8.31 -5.20
C VAL A 39 3.27 9.80 -4.98
N ARG A 40 4.10 10.33 -4.09
CA ARG A 40 4.09 11.75 -3.81
C ARG A 40 4.76 12.49 -4.93
N GLU A 41 4.10 12.50 -6.06
CA GLU A 41 4.56 13.18 -7.24
C GLU A 41 4.12 14.63 -7.18
N GLU A 42 4.91 15.43 -6.48
CA GLU A 42 4.55 16.82 -6.23
C GLU A 42 4.51 17.58 -7.54
N GLY A 43 3.32 17.73 -8.07
CA GLY A 43 3.15 18.38 -9.34
C GLY A 43 2.04 17.76 -10.16
N ARG A 44 2.22 16.49 -10.55
CA ARG A 44 1.28 15.85 -11.45
C ARG A 44 0.41 14.82 -10.74
N HIS A 45 0.96 13.62 -10.48
CA HIS A 45 0.14 12.50 -10.02
C HIS A 45 0.51 11.99 -8.63
N PRO A 46 -0.07 12.58 -7.58
CA PRO A 46 -0.11 11.96 -6.27
C PRO A 46 -1.09 10.79 -6.29
N GLN A 47 -0.58 9.58 -6.36
CA GLN A 47 -1.42 8.41 -6.55
C GLN A 47 -1.31 7.44 -5.39
N GLU A 48 -2.45 7.17 -4.75
CA GLU A 48 -2.52 6.23 -3.66
C GLU A 48 -2.75 4.82 -4.20
N HIS A 49 -1.66 4.08 -4.40
CA HIS A 49 -1.77 2.72 -4.90
C HIS A 49 -1.67 1.74 -3.74
N ARG A 50 -2.45 0.67 -3.79
CA ARG A 50 -2.63 -0.23 -2.65
C ARG A 50 -2.89 -1.66 -3.09
N GLY A 51 -2.38 -2.64 -2.34
CA GLY A 51 -2.58 -4.05 -2.69
C GLY A 51 -1.76 -4.98 -1.83
N CYS A 52 -1.46 -6.18 -2.34
CA CYS A 52 -0.72 -7.18 -1.58
C CYS A 52 0.77 -7.07 -1.87
N GLY A 53 1.59 -7.02 -0.84
CA GLY A 53 3.02 -6.89 -1.05
C GLY A 53 3.73 -8.22 -1.18
N ASN A 54 3.09 -9.28 -0.66
CA ASN A 54 3.63 -10.65 -0.66
C ASN A 54 5.11 -10.69 -0.23
N LEU A 55 5.97 -11.14 -1.12
CA LEU A 55 7.38 -11.34 -0.77
C LEU A 55 8.17 -10.03 -0.89
N HIS A 56 7.50 -8.99 -1.35
CA HIS A 56 8.16 -7.71 -1.57
C HIS A 56 8.13 -6.87 -0.30
N ARG A 57 9.05 -7.14 0.61
CA ARG A 57 9.17 -6.37 1.84
C ARG A 57 9.83 -5.03 1.53
N GLU A 58 10.53 -5.00 0.41
CA GLU A 58 11.08 -3.75 -0.12
C GLU A 58 9.96 -2.74 -0.36
N LEU A 59 8.87 -3.22 -0.94
CA LEU A 59 7.72 -2.37 -1.22
C LEU A 59 6.88 -2.15 0.04
N CYS A 60 7.44 -2.49 1.20
CA CYS A 60 6.74 -2.34 2.46
C CYS A 60 7.40 -1.27 3.33
N ARG A 61 8.71 -1.09 3.16
CA ARG A 61 9.44 -0.13 3.99
C ARG A 61 10.85 0.10 3.45
N GLY A 62 11.59 0.93 4.16
CA GLY A 62 12.87 1.43 3.69
C GLY A 62 13.04 2.88 4.09
N ARG A 63 12.49 3.77 3.28
CA ARG A 63 12.33 5.17 3.66
C ARG A 63 10.89 5.58 3.42
N PRO A 64 10.01 5.39 4.42
CA PRO A 64 8.57 5.65 4.28
C PRO A 64 8.23 7.13 4.36
N THR A 65 8.99 7.96 3.66
CA THR A 65 8.78 9.39 3.70
C THR A 65 9.33 10.06 2.44
N GLU A 66 9.26 11.39 2.43
CA GLU A 66 9.85 12.25 1.39
C GLU A 66 8.99 12.31 0.14
N PHE A 67 8.80 11.15 -0.47
CA PHE A 67 8.05 11.06 -1.71
C PHE A 67 7.38 9.71 -1.83
N VAL A 68 7.44 8.95 -0.75
CA VAL A 68 6.99 7.57 -0.78
C VAL A 68 6.47 7.17 0.59
N ASN A 69 5.53 6.24 0.64
CA ASN A 69 4.92 5.81 1.88
C ASN A 69 4.30 4.44 1.71
N HIS A 70 5.01 3.40 2.11
CA HIS A 70 4.45 2.06 2.03
C HIS A 70 3.79 1.71 3.36
N TYR A 71 2.49 1.90 3.44
CA TYR A 71 1.77 1.51 4.64
C TYR A 71 1.31 0.05 4.54
N CYS A 72 1.90 -0.78 5.39
CA CYS A 72 1.59 -2.22 5.38
C CYS A 72 0.68 -2.58 6.53
N CYS A 73 -0.08 -3.67 6.35
CA CYS A 73 -0.98 -4.19 7.38
C CYS A 73 -1.33 -5.64 7.06
N ASP A 74 -1.44 -6.47 8.09
CA ASP A 74 -1.49 -7.92 7.92
C ASP A 74 -2.92 -8.46 7.79
N SER A 75 -3.80 -7.71 7.14
CA SER A 75 -5.18 -8.13 7.02
C SER A 75 -5.61 -8.12 5.56
N HIS A 76 -6.49 -9.04 5.21
CA HIS A 76 -7.03 -9.10 3.85
C HIS A 76 -8.00 -7.95 3.63
N LEU A 77 -7.86 -7.27 2.50
CA LEU A 77 -8.74 -6.16 2.13
C LEU A 77 -8.56 -5.00 3.10
N CYS A 78 -7.33 -4.83 3.54
CA CYS A 78 -7.01 -3.87 4.58
C CYS A 78 -6.67 -2.54 3.96
N ASN A 79 -6.10 -2.61 2.78
CA ASN A 79 -5.74 -1.41 2.04
C ASN A 79 -6.99 -0.77 1.46
N HIS A 80 -8.09 -1.51 1.48
CA HIS A 80 -9.35 -1.03 0.95
C HIS A 80 -9.83 0.21 1.71
N ASN A 81 -9.54 0.25 2.99
CA ASN A 81 -9.97 1.35 3.88
C ASN A 81 -8.78 1.95 4.60
N VAL A 82 -7.69 2.10 3.88
CA VAL A 82 -6.42 2.48 4.48
C VAL A 82 -6.17 3.99 4.44
N SER A 83 -5.15 4.43 5.15
CA SER A 83 -4.66 5.79 5.07
C SER A 83 -3.18 5.77 4.68
N LEU A 84 -2.80 6.55 3.69
CA LEU A 84 -1.42 6.52 3.19
C LEU A 84 -0.97 7.89 2.72
N VAL A 85 -1.37 8.92 3.44
CA VAL A 85 -1.12 10.31 3.05
C VAL A 85 0.34 10.74 3.23
N LEU A 86 1.27 9.87 2.83
CA LEU A 86 2.71 10.13 2.98
C LEU A 86 3.04 10.45 4.43
N GLU A 87 2.34 9.77 5.32
CA GLU A 87 2.30 10.13 6.74
C GLU A 87 1.35 9.21 7.45
N ALA A 88 0.09 9.39 7.08
CA ALA A 88 -1.01 8.50 7.43
C ALA A 88 -1.47 8.69 8.87
N THR A 89 -1.19 9.86 9.44
CA THR A 89 -1.68 10.18 10.77
C THR A 89 -2.83 11.17 10.71
N GLN A 90 -3.17 11.56 9.49
CA GLN A 90 -4.25 12.50 9.25
C GLN A 90 -5.61 11.77 9.36
N PRO A 91 -6.74 12.48 9.13
CA PRO A 91 -8.09 11.88 9.22
C PRO A 91 -8.55 10.91 8.08
N PRO A 92 -7.74 10.62 7.00
CA PRO A 92 -8.07 9.59 6.01
C PRO A 92 -8.70 8.32 6.60
N SER A 93 -9.48 7.63 5.77
CA SER A 93 -10.22 6.45 6.18
C SER A 93 -11.03 5.95 4.99
N GLU A 94 -10.52 4.90 4.34
CA GLU A 94 -11.14 4.33 3.14
C GLU A 94 -10.94 5.23 1.93
N GLN A 95 -11.44 6.46 1.99
CA GLN A 95 -11.32 7.43 0.92
C GLN A 95 -9.86 7.84 0.71
N PRO A 96 -9.46 8.04 -0.56
CA PRO A 96 -8.13 8.57 -0.89
C PRO A 96 -7.95 10.03 -0.48
N GLY A 97 -7.00 10.72 -1.08
CA GLY A 97 -6.64 12.05 -0.64
C GLY A 97 -5.40 12.01 0.21
N THR A 98 -4.60 13.06 0.19
CA THR A 98 -3.31 13.02 0.84
C THR A 98 -2.95 14.37 1.45
N ASP A 99 -2.27 14.32 2.60
CA ASP A 99 -1.80 15.51 3.28
C ASP A 99 -0.61 15.16 4.15
N GLY A 100 0.58 15.53 3.71
CA GLY A 100 1.79 15.18 4.42
C GLY A 100 2.91 14.81 3.47
N GLN A 101 4.15 14.86 3.95
CA GLN A 101 5.32 14.52 3.15
C GLN A 101 6.56 14.44 4.03
N ASP A 5 14.29 -20.83 -4.18
CA ASP A 5 13.37 -21.94 -4.35
C ASP A 5 12.56 -22.21 -3.07
N PRO A 6 13.22 -22.41 -1.91
CA PRO A 6 12.53 -22.67 -0.64
C PRO A 6 11.90 -21.40 -0.04
N VAL A 7 11.52 -20.46 -0.90
CA VAL A 7 10.89 -19.23 -0.47
C VAL A 7 9.38 -19.41 -0.47
N LYS A 8 8.75 -19.08 0.66
CA LYS A 8 7.30 -19.23 0.79
C LYS A 8 6.57 -18.34 -0.21
N PRO A 9 5.54 -18.88 -0.88
CA PRO A 9 4.77 -18.16 -1.90
C PRO A 9 4.06 -16.93 -1.31
N SER A 10 4.73 -15.79 -1.40
CA SER A 10 4.22 -14.53 -0.90
C SER A 10 4.29 -14.54 0.62
N ARG A 11 5.45 -14.93 1.11
CA ARG A 11 5.76 -14.98 2.55
C ARG A 11 4.98 -16.08 3.28
N GLY A 12 3.97 -16.63 2.63
CA GLY A 12 3.19 -17.68 3.24
C GLY A 12 1.70 -17.33 3.36
N PRO A 13 1.33 -16.52 4.37
CA PRO A 13 -0.07 -16.14 4.59
C PRO A 13 -0.59 -15.26 3.46
N LEU A 14 -1.55 -15.78 2.71
CA LEU A 14 -2.08 -15.07 1.56
C LEU A 14 -3.12 -14.05 1.97
N VAL A 15 -2.70 -12.80 1.99
CA VAL A 15 -3.59 -11.69 2.28
C VAL A 15 -3.94 -10.97 0.98
N THR A 16 -5.19 -11.10 0.57
CA THR A 16 -5.68 -10.37 -0.57
C THR A 16 -6.12 -8.98 -0.16
N CYS A 17 -5.86 -8.02 -1.03
CA CYS A 17 -6.34 -6.68 -0.83
C CYS A 17 -6.72 -6.05 -2.14
N THR A 18 -7.58 -5.05 -2.07
CA THR A 18 -7.85 -4.17 -3.19
C THR A 18 -6.55 -3.70 -3.80
N CYS A 19 -6.45 -3.79 -5.10
CA CYS A 19 -5.24 -3.40 -5.79
C CYS A 19 -5.59 -2.33 -6.80
N GLU A 20 -4.61 -1.49 -7.13
CA GLU A 20 -4.81 -0.46 -8.13
C GLU A 20 -3.47 0.10 -8.57
N SER A 21 -2.87 -0.53 -9.59
CA SER A 21 -1.66 -0.01 -10.23
C SER A 21 -0.36 -0.01 -9.37
N PRO A 22 -0.23 -0.82 -8.31
CA PRO A 22 0.94 -0.82 -7.47
C PRO A 22 1.84 -2.03 -7.75
N HIS A 23 1.73 -2.99 -6.86
CA HIS A 23 2.29 -4.32 -7.01
C HIS A 23 1.30 -5.20 -7.79
N CYS A 24 0.31 -4.53 -8.41
CA CYS A 24 -0.73 -5.18 -9.17
C CYS A 24 -0.93 -4.42 -10.46
N LYS A 25 -1.55 -5.04 -11.45
CA LYS A 25 -1.74 -4.38 -12.73
C LYS A 25 -3.10 -3.74 -12.81
N GLY A 26 -3.81 -3.72 -11.70
CA GLY A 26 -5.16 -3.23 -11.74
C GLY A 26 -6.00 -3.72 -10.61
N PRO A 27 -6.33 -5.00 -10.66
CA PRO A 27 -7.42 -5.55 -9.90
C PRO A 27 -7.13 -5.91 -8.44
N THR A 28 -6.83 -7.18 -8.17
CA THR A 28 -6.55 -7.65 -6.83
C THR A 28 -5.44 -8.69 -6.86
N CYS A 29 -5.03 -9.16 -5.69
CA CYS A 29 -3.95 -10.13 -5.59
C CYS A 29 -3.98 -10.85 -4.24
N ARG A 30 -3.54 -12.10 -4.22
CA ARG A 30 -3.18 -12.75 -2.96
C ARG A 30 -1.69 -12.60 -2.71
N GLY A 31 -1.35 -11.81 -1.72
CA GLY A 31 0.03 -11.59 -1.40
C GLY A 31 0.39 -12.11 -0.03
N ALA A 32 1.03 -11.26 0.73
CA ALA A 32 1.49 -11.61 2.07
C ALA A 32 0.71 -10.84 3.09
N TRP A 33 0.38 -9.63 2.69
CA TRP A 33 -0.31 -8.67 3.53
C TRP A 33 -0.68 -7.48 2.67
N CYS A 34 -1.34 -6.51 3.25
CA CYS A 34 -1.85 -5.40 2.47
C CYS A 34 -0.85 -4.26 2.44
N THR A 35 -0.39 -3.92 1.26
CA THR A 35 0.55 -2.84 1.09
C THR A 35 -0.13 -1.65 0.45
N VAL A 36 -0.11 -0.53 1.15
CA VAL A 36 -0.70 0.69 0.65
C VAL A 36 0.41 1.63 0.23
N VAL A 37 0.24 2.34 -0.87
CA VAL A 37 1.31 3.16 -1.39
C VAL A 37 0.76 4.42 -2.03
N LEU A 38 1.05 5.55 -1.41
CA LEU A 38 0.70 6.82 -1.97
C LEU A 38 1.86 7.37 -2.77
N VAL A 39 1.59 7.69 -4.02
CA VAL A 39 2.53 8.46 -4.81
C VAL A 39 2.29 9.93 -4.50
N ARG A 40 3.15 10.52 -3.68
CA ARG A 40 2.92 11.89 -3.21
C ARG A 40 3.16 12.89 -4.33
N GLU A 41 2.67 14.12 -4.14
CA GLU A 41 2.75 15.13 -5.17
C GLU A 41 3.98 16.03 -4.99
N GLU A 42 3.76 17.31 -4.63
CA GLU A 42 4.81 18.33 -4.65
C GLU A 42 5.67 18.19 -5.89
N GLY A 43 5.17 18.71 -7.00
CA GLY A 43 5.80 18.51 -8.28
C GLY A 43 5.23 17.29 -8.98
N ARG A 44 5.17 16.18 -8.26
CA ARG A 44 4.56 14.95 -8.74
C ARG A 44 3.02 15.06 -8.68
N HIS A 45 2.34 14.02 -8.17
CA HIS A 45 0.89 14.04 -8.09
C HIS A 45 0.40 12.85 -7.24
N PRO A 46 -0.53 13.08 -6.29
CA PRO A 46 -0.94 12.08 -5.32
C PRO A 46 -1.89 11.05 -5.89
N GLN A 47 -1.48 9.79 -5.84
CA GLN A 47 -2.28 8.68 -6.33
C GLN A 47 -2.20 7.50 -5.37
N GLU A 48 -3.36 7.02 -4.93
CA GLU A 48 -3.42 5.86 -4.05
C GLU A 48 -3.29 4.56 -4.84
N HIS A 49 -2.15 3.90 -4.71
CA HIS A 49 -1.97 2.59 -5.31
C HIS A 49 -1.76 1.57 -4.19
N ARG A 50 -2.71 0.65 -4.06
CA ARG A 50 -2.76 -0.22 -2.87
C ARG A 50 -2.96 -1.68 -3.24
N GLY A 51 -2.67 -2.59 -2.30
CA GLY A 51 -2.97 -4.01 -2.50
C GLY A 51 -2.29 -4.92 -1.50
N CYS A 52 -1.48 -5.85 -2.00
CA CYS A 52 -0.88 -6.89 -1.21
C CYS A 52 0.57 -7.06 -1.64
N GLY A 53 1.49 -6.88 -0.71
CA GLY A 53 2.88 -7.12 -1.01
C GLY A 53 3.18 -8.59 -0.91
N ASN A 54 3.85 -9.15 -1.91
CA ASN A 54 4.04 -10.59 -1.95
C ASN A 54 5.31 -11.01 -1.21
N LEU A 55 6.46 -10.87 -1.86
CA LEU A 55 7.71 -11.32 -1.26
C LEU A 55 8.71 -10.18 -1.18
N HIS A 56 8.20 -8.95 -1.09
CA HIS A 56 9.06 -7.77 -1.03
C HIS A 56 8.87 -7.03 0.29
N ARG A 57 9.96 -6.84 1.03
CA ARG A 57 9.91 -6.14 2.30
C ARG A 57 10.25 -4.65 2.12
N GLU A 58 10.81 -4.31 0.97
CA GLU A 58 11.12 -2.92 0.66
C GLU A 58 9.84 -2.12 0.49
N LEU A 59 8.72 -2.84 0.36
CA LEU A 59 7.42 -2.21 0.27
C LEU A 59 6.99 -1.66 1.63
N CYS A 60 7.84 -1.85 2.63
CA CYS A 60 7.60 -1.27 3.95
C CYS A 60 8.82 -0.52 4.45
N ARG A 61 9.77 -0.24 3.55
CA ARG A 61 11.04 0.37 3.92
C ARG A 61 11.55 1.26 2.80
N GLY A 62 12.68 1.92 3.01
CA GLY A 62 13.23 2.76 1.97
C GLY A 62 13.87 4.02 2.53
N ARG A 63 13.59 5.16 1.87
CA ARG A 63 14.18 6.43 2.26
C ARG A 63 13.14 7.53 2.11
N PRO A 64 13.15 8.54 2.99
CA PRO A 64 12.32 9.73 2.83
C PRO A 64 12.83 10.59 1.68
N THR A 65 12.29 10.36 0.49
CA THR A 65 12.80 11.00 -0.71
C THR A 65 11.66 11.39 -1.65
N GLU A 66 10.99 10.39 -2.21
CA GLU A 66 9.87 10.62 -3.14
C GLU A 66 8.57 10.84 -2.38
N PHE A 67 8.71 11.13 -1.08
CA PHE A 67 7.56 11.18 -0.17
C PHE A 67 6.66 9.96 -0.36
N VAL A 68 7.28 8.84 -0.69
CA VAL A 68 6.54 7.61 -0.95
C VAL A 68 5.95 7.05 0.34
N ASN A 69 4.77 6.46 0.25
CA ASN A 69 4.06 5.98 1.41
C ASN A 69 3.64 4.55 1.23
N HIS A 70 4.55 3.62 1.44
CA HIS A 70 4.20 2.22 1.32
C HIS A 70 4.12 1.57 2.70
N TYR A 71 2.89 1.33 3.10
CA TYR A 71 2.57 0.73 4.39
C TYR A 71 2.18 -0.73 4.18
N CYS A 72 2.24 -1.53 5.22
CA CYS A 72 1.78 -2.90 5.14
C CYS A 72 0.92 -3.24 6.34
N CYS A 73 -0.25 -3.80 6.06
CA CYS A 73 -1.22 -4.15 7.09
C CYS A 73 -1.13 -5.65 7.39
N ASP A 74 -1.97 -6.14 8.28
CA ASP A 74 -1.88 -7.53 8.75
C ASP A 74 -3.12 -8.34 8.37
N SER A 75 -4.08 -7.71 7.73
CA SER A 75 -5.36 -8.35 7.48
C SER A 75 -5.79 -8.18 6.03
N HIS A 76 -6.55 -9.13 5.52
CA HIS A 76 -7.00 -9.07 4.13
C HIS A 76 -8.08 -7.99 3.97
N LEU A 77 -7.95 -7.22 2.89
CA LEU A 77 -8.90 -6.16 2.56
C LEU A 77 -8.79 -5.02 3.58
N CYS A 78 -7.55 -4.68 3.91
CA CYS A 78 -7.26 -3.70 4.94
C CYS A 78 -6.99 -2.35 4.31
N ASN A 79 -6.46 -2.37 3.09
CA ASN A 79 -6.14 -1.14 2.37
C ASN A 79 -7.39 -0.56 1.74
N HIS A 80 -8.50 -1.29 1.83
CA HIS A 80 -9.71 -0.90 1.11
C HIS A 80 -10.28 0.37 1.72
N ASN A 81 -9.83 0.66 2.92
CA ASN A 81 -10.28 1.82 3.68
C ASN A 81 -9.11 2.45 4.44
N VAL A 82 -7.89 2.18 3.99
CA VAL A 82 -6.70 2.72 4.64
C VAL A 82 -6.59 4.22 4.39
N SER A 83 -5.98 4.93 5.32
CA SER A 83 -5.71 6.34 5.14
C SER A 83 -4.40 6.52 4.36
N LEU A 84 -4.52 6.52 3.04
CA LEU A 84 -3.34 6.60 2.21
C LEU A 84 -2.95 8.04 1.95
N VAL A 85 -2.66 8.75 3.01
CA VAL A 85 -2.29 10.15 2.92
C VAL A 85 -0.83 10.37 3.31
N LEU A 86 -0.30 9.47 4.14
CA LEU A 86 1.07 9.55 4.70
C LEU A 86 1.24 10.81 5.55
N GLU A 87 0.17 11.53 5.73
CA GLU A 87 0.27 12.90 6.16
C GLU A 87 -0.86 13.24 7.11
N ALA A 88 -0.50 13.55 8.36
CA ALA A 88 -1.47 13.67 9.44
C ALA A 88 -2.34 12.43 9.50
N THR A 89 -1.68 11.27 9.55
CA THR A 89 -2.35 9.99 9.43
C THR A 89 -3.26 9.69 10.63
N GLN A 90 -4.49 10.16 10.53
CA GLN A 90 -5.55 9.80 11.45
C GLN A 90 -6.26 8.55 10.88
N PRO A 91 -7.49 8.18 11.30
CA PRO A 91 -8.22 7.08 10.68
C PRO A 91 -9.36 7.49 9.71
N PRO A 92 -9.11 8.33 8.68
CA PRO A 92 -10.09 8.53 7.60
C PRO A 92 -9.99 7.41 6.57
N SER A 93 -11.13 6.87 6.16
CA SER A 93 -11.13 5.76 5.23
C SER A 93 -10.97 6.25 3.81
N GLU A 94 -9.78 6.00 3.26
CA GLU A 94 -9.42 6.40 1.91
C GLU A 94 -9.22 7.91 1.80
N GLN A 95 -8.65 8.33 0.68
CA GLN A 95 -8.23 9.72 0.46
C GLN A 95 -9.24 10.77 0.94
N PRO A 96 -8.86 11.51 1.99
CA PRO A 96 -9.54 12.70 2.43
C PRO A 96 -8.76 13.95 2.05
N GLY A 97 -8.05 13.85 0.93
CA GLY A 97 -7.01 14.82 0.63
C GLY A 97 -5.90 14.72 1.65
N THR A 98 -5.21 15.82 1.92
CA THR A 98 -4.27 15.84 3.02
C THR A 98 -4.72 16.84 4.08
N ASP A 99 -4.27 16.64 5.30
CA ASP A 99 -4.55 17.59 6.37
C ASP A 99 -3.34 18.48 6.60
N GLY A 100 -2.17 17.98 6.19
CA GLY A 100 -0.94 18.70 6.40
C GLY A 100 -0.18 18.15 7.59
N GLN A 101 1.10 17.90 7.39
CA GLN A 101 1.94 17.36 8.45
C GLN A 101 3.08 18.32 8.76
N ASP A 5 16.16 -19.50 -1.52
CA ASP A 5 15.04 -18.70 -1.04
C ASP A 5 15.30 -18.14 0.35
N PRO A 6 15.73 -16.88 0.41
CA PRO A 6 15.90 -16.16 1.66
C PRO A 6 14.71 -15.26 1.97
N VAL A 7 13.57 -15.55 1.35
CA VAL A 7 12.39 -14.71 1.50
C VAL A 7 11.27 -15.47 2.18
N LYS A 8 11.41 -16.77 2.16
CA LYS A 8 10.40 -17.73 2.64
C LYS A 8 9.14 -17.71 1.76
N PRO A 9 8.69 -18.89 1.33
CA PRO A 9 7.49 -19.03 0.50
C PRO A 9 6.25 -18.61 1.27
N SER A 10 5.56 -17.59 0.76
CA SER A 10 4.40 -17.03 1.42
C SER A 10 4.76 -16.55 2.82
N ARG A 11 5.69 -15.60 2.86
CA ARG A 11 6.11 -14.92 4.09
C ARG A 11 4.96 -14.14 4.75
N GLY A 12 3.89 -14.85 5.07
CA GLY A 12 2.76 -14.27 5.75
C GLY A 12 1.50 -15.05 5.44
N PRO A 13 0.39 -14.78 6.13
CA PRO A 13 -0.89 -15.39 5.80
C PRO A 13 -1.39 -14.86 4.46
N LEU A 14 -1.71 -15.77 3.53
CA LEU A 14 -2.20 -15.36 2.21
C LEU A 14 -3.29 -14.30 2.33
N VAL A 15 -2.90 -13.07 2.02
CA VAL A 15 -3.76 -11.93 2.16
C VAL A 15 -4.02 -11.28 0.81
N THR A 16 -5.25 -11.36 0.35
CA THR A 16 -5.67 -10.59 -0.79
C THR A 16 -6.03 -9.19 -0.34
N CYS A 17 -5.79 -8.22 -1.20
CA CYS A 17 -6.16 -6.86 -0.91
C CYS A 17 -6.65 -6.19 -2.17
N THR A 18 -7.42 -5.11 -2.00
CA THR A 18 -7.73 -4.23 -3.10
C THR A 18 -6.43 -3.83 -3.79
N CYS A 19 -6.47 -3.60 -5.07
CA CYS A 19 -5.24 -3.31 -5.78
C CYS A 19 -5.51 -2.22 -6.79
N GLU A 20 -4.60 -1.28 -6.88
CA GLU A 20 -4.80 -0.17 -7.80
C GLU A 20 -3.46 0.27 -8.37
N SER A 21 -3.07 -0.39 -9.46
CA SER A 21 -1.80 -0.10 -10.16
C SER A 21 -0.51 -0.29 -9.32
N PRO A 22 -0.48 -1.09 -8.24
CA PRO A 22 0.68 -1.25 -7.38
C PRO A 22 1.44 -2.53 -7.67
N HIS A 23 0.86 -3.60 -7.20
CA HIS A 23 1.37 -4.94 -7.38
C HIS A 23 0.60 -5.57 -8.51
N CYS A 24 -0.43 -4.84 -8.96
CA CYS A 24 -1.34 -5.31 -9.95
C CYS A 24 -1.52 -4.20 -10.96
N LYS A 25 -2.43 -4.35 -11.88
CA LYS A 25 -2.67 -3.28 -12.81
C LYS A 25 -4.16 -2.99 -12.92
N GLY A 26 -4.88 -3.22 -11.84
CA GLY A 26 -6.31 -2.97 -11.89
C GLY A 26 -7.05 -3.46 -10.69
N PRO A 27 -7.20 -4.78 -10.62
CA PRO A 27 -8.16 -5.42 -9.74
C PRO A 27 -7.66 -5.66 -8.30
N THR A 28 -7.32 -6.90 -7.98
CA THR A 28 -6.89 -7.27 -6.65
C THR A 28 -5.71 -8.21 -6.74
N CYS A 29 -5.15 -8.62 -5.61
CA CYS A 29 -4.06 -9.56 -5.60
C CYS A 29 -4.01 -10.30 -4.28
N ARG A 30 -3.63 -11.57 -4.32
CA ARG A 30 -3.32 -12.32 -3.12
C ARG A 30 -1.86 -12.09 -2.77
N GLY A 31 -1.50 -12.33 -1.54
CA GLY A 31 -0.18 -11.96 -1.09
C GLY A 31 0.09 -12.39 0.33
N ALA A 32 0.56 -11.45 1.12
CA ALA A 32 1.01 -11.75 2.49
C ALA A 32 0.34 -10.83 3.46
N TRP A 33 0.12 -9.62 2.99
CA TRP A 33 -0.42 -8.56 3.78
C TRP A 33 -0.69 -7.39 2.85
N CYS A 34 -1.21 -6.31 3.37
CA CYS A 34 -1.64 -5.21 2.52
C CYS A 34 -0.62 -4.08 2.57
N THR A 35 -0.03 -3.77 1.44
CA THR A 35 0.84 -2.61 1.32
C THR A 35 0.25 -1.59 0.35
N VAL A 36 0.20 -0.36 0.79
CA VAL A 36 -0.22 0.73 -0.06
C VAL A 36 0.97 1.57 -0.44
N VAL A 37 0.78 2.41 -1.43
CA VAL A 37 1.81 3.35 -1.82
C VAL A 37 1.22 4.46 -2.65
N LEU A 38 1.20 5.65 -2.07
CA LEU A 38 1.12 6.88 -2.81
C LEU A 38 2.52 7.23 -3.27
N VAL A 39 2.69 7.49 -4.56
CA VAL A 39 4.02 7.68 -5.11
C VAL A 39 4.47 9.12 -4.89
N ARG A 40 5.55 9.28 -4.13
CA ARG A 40 6.06 10.61 -3.82
C ARG A 40 6.89 11.15 -4.96
N GLU A 41 6.30 11.09 -6.10
CA GLU A 41 6.82 11.73 -7.28
C GLU A 41 6.34 13.16 -7.28
N GLU A 42 6.99 13.94 -6.43
CA GLU A 42 6.55 15.26 -5.99
C GLU A 42 6.23 16.17 -7.17
N GLY A 43 4.94 16.47 -7.34
CA GLY A 43 4.50 17.41 -8.35
C GLY A 43 4.29 16.76 -9.70
N ARG A 44 4.70 15.51 -9.84
CA ARG A 44 4.60 14.82 -11.11
C ARG A 44 3.48 13.78 -11.10
N HIS A 45 3.66 12.71 -10.33
CA HIS A 45 2.66 11.65 -10.27
C HIS A 45 2.47 11.10 -8.85
N PRO A 46 1.85 11.87 -7.96
CA PRO A 46 1.44 11.37 -6.66
C PRO A 46 0.10 10.64 -6.74
N GLN A 47 0.15 9.34 -6.93
CA GLN A 47 -1.05 8.53 -7.09
C GLN A 47 -1.13 7.46 -6.00
N GLU A 48 -2.33 7.29 -5.44
CA GLU A 48 -2.54 6.30 -4.37
C GLU A 48 -2.74 4.91 -4.96
N HIS A 49 -1.74 4.06 -4.78
CA HIS A 49 -1.84 2.67 -5.17
C HIS A 49 -1.92 1.80 -3.92
N ARG A 50 -2.66 0.69 -3.96
CA ARG A 50 -2.84 -0.13 -2.77
C ARG A 50 -2.94 -1.62 -3.13
N GLY A 51 -2.57 -2.50 -2.20
CA GLY A 51 -2.73 -3.94 -2.47
C GLY A 51 -1.97 -4.84 -1.52
N CYS A 52 -1.57 -5.99 -2.02
CA CYS A 52 -0.84 -6.97 -1.25
C CYS A 52 0.65 -6.86 -1.58
N GLY A 53 1.50 -6.80 -0.56
CA GLY A 53 2.92 -6.64 -0.83
C GLY A 53 3.60 -7.97 -1.10
N ASN A 54 2.81 -9.03 -1.16
CA ASN A 54 3.34 -10.38 -1.37
C ASN A 54 4.33 -10.72 -0.27
N LEU A 55 5.18 -11.70 -0.52
CA LEU A 55 6.15 -12.16 0.47
C LEU A 55 7.32 -11.19 0.62
N HIS A 56 7.15 -9.97 0.13
CA HIS A 56 8.22 -8.98 0.19
C HIS A 56 8.04 -8.06 1.40
N ARG A 57 9.06 -7.98 2.23
CA ARG A 57 9.05 -7.08 3.37
C ARG A 57 9.85 -5.82 3.05
N GLU A 58 10.70 -5.90 2.05
CA GLU A 58 11.56 -4.79 1.65
C GLU A 58 10.73 -3.58 1.25
N LEU A 59 9.61 -3.84 0.57
CA LEU A 59 8.72 -2.79 0.11
C LEU A 59 7.78 -2.31 1.22
N CYS A 60 8.20 -2.43 2.46
CA CYS A 60 7.49 -1.81 3.57
C CYS A 60 8.27 -0.60 4.08
N ARG A 61 9.39 -0.30 3.43
CA ARG A 61 10.34 0.71 3.90
C ARG A 61 11.35 1.02 2.79
N GLY A 62 12.41 1.77 3.13
CA GLY A 62 13.44 2.08 2.16
C GLY A 62 14.33 3.21 2.64
N ARG A 63 14.72 4.07 1.73
CA ARG A 63 15.47 5.27 2.08
C ARG A 63 14.69 6.49 1.59
N PRO A 64 14.95 7.69 2.15
CA PRO A 64 14.16 8.92 1.89
C PRO A 64 14.16 9.38 0.43
N THR A 65 13.68 8.52 -0.45
CA THR A 65 13.51 8.81 -1.86
C THR A 65 12.46 7.85 -2.42
N GLU A 66 12.67 6.57 -2.14
CA GLU A 66 11.77 5.52 -2.55
C GLU A 66 11.32 4.83 -1.29
N PHE A 67 11.35 5.59 -0.21
CA PHE A 67 10.82 5.15 1.06
C PHE A 67 9.33 5.07 0.86
N VAL A 68 8.90 6.01 0.01
CA VAL A 68 7.53 6.20 -0.45
C VAL A 68 6.45 5.85 0.61
N ASN A 69 5.20 6.12 0.29
CA ASN A 69 4.08 5.81 1.16
C ASN A 69 3.83 4.30 1.30
N HIS A 70 4.88 3.50 1.43
CA HIS A 70 4.68 2.07 1.61
C HIS A 70 4.15 1.80 3.01
N TYR A 71 2.83 1.77 3.13
CA TYR A 71 2.21 1.36 4.38
C TYR A 71 1.88 -0.12 4.29
N CYS A 72 1.78 -0.80 5.44
CA CYS A 72 1.57 -2.24 5.44
C CYS A 72 0.61 -2.62 6.56
N CYS A 73 -0.22 -3.60 6.29
CA CYS A 73 -1.24 -4.05 7.25
C CYS A 73 -1.10 -5.54 7.48
N ASP A 74 -1.94 -6.10 8.34
CA ASP A 74 -1.89 -7.53 8.65
C ASP A 74 -3.28 -8.13 8.65
N SER A 75 -3.89 -8.17 7.46
CA SER A 75 -5.26 -8.63 7.30
C SER A 75 -5.64 -8.49 5.83
N HIS A 76 -6.49 -9.38 5.33
CA HIS A 76 -6.88 -9.36 3.93
C HIS A 76 -7.96 -8.31 3.70
N LEU A 77 -7.85 -7.63 2.57
CA LEU A 77 -8.76 -6.55 2.19
C LEU A 77 -8.67 -5.40 3.19
N CYS A 78 -7.46 -5.20 3.71
CA CYS A 78 -7.24 -4.20 4.74
C CYS A 78 -7.06 -2.83 4.13
N ASN A 79 -6.21 -2.75 3.10
CA ASN A 79 -5.95 -1.49 2.45
C ASN A 79 -7.05 -1.15 1.46
N HIS A 80 -8.14 -1.92 1.52
CA HIS A 80 -9.37 -1.55 0.85
C HIS A 80 -9.85 -0.21 1.39
N ASN A 81 -9.66 -0.02 2.69
CA ASN A 81 -10.00 1.22 3.36
C ASN A 81 -8.74 1.81 3.96
N VAL A 82 -7.96 2.45 3.13
CA VAL A 82 -6.68 3.01 3.56
C VAL A 82 -6.59 4.49 3.20
N SER A 83 -5.69 5.19 3.88
CA SER A 83 -5.40 6.59 3.57
C SER A 83 -3.91 6.75 3.30
N LEU A 84 -3.55 7.16 2.09
CA LEU A 84 -2.16 7.48 1.80
C LEU A 84 -1.86 8.90 2.25
N VAL A 85 -1.81 9.05 3.56
CA VAL A 85 -1.79 10.35 4.23
C VAL A 85 -0.36 10.81 4.53
N LEU A 86 0.62 10.17 3.92
CA LEU A 86 2.02 10.62 4.03
C LEU A 86 2.23 11.83 3.10
N GLU A 87 1.17 12.62 2.98
CA GLU A 87 1.12 13.76 2.10
C GLU A 87 -0.08 14.61 2.51
N ALA A 88 -0.32 14.64 3.83
CA ALA A 88 -1.51 15.26 4.42
C ALA A 88 -2.77 14.55 3.93
N THR A 89 -3.94 15.14 4.21
CA THR A 89 -5.20 14.52 3.84
C THR A 89 -5.45 14.61 2.34
N GLN A 90 -5.87 13.51 1.75
CA GLN A 90 -6.14 13.42 0.33
C GLN A 90 -7.18 12.33 0.08
N PRO A 91 -8.38 12.72 -0.43
CA PRO A 91 -9.58 11.88 -0.54
C PRO A 91 -9.33 10.38 -0.65
N PRO A 92 -9.27 9.69 0.49
CA PRO A 92 -9.05 8.26 0.57
C PRO A 92 -10.35 7.48 0.83
N SER A 93 -10.23 6.17 0.98
CA SER A 93 -11.37 5.34 1.32
C SER A 93 -11.58 5.32 2.83
N GLU A 94 -10.50 5.53 3.55
CA GLU A 94 -10.51 5.63 5.00
C GLU A 94 -10.48 7.10 5.38
N GLN A 95 -11.10 7.48 6.49
CA GLN A 95 -11.13 8.87 6.88
C GLN A 95 -10.59 9.08 8.28
N PRO A 96 -9.42 9.71 8.40
CA PRO A 96 -8.87 10.11 9.69
C PRO A 96 -9.44 11.44 10.16
N GLY A 97 -8.87 12.01 11.20
CA GLY A 97 -9.29 13.32 11.66
C GLY A 97 -8.45 14.42 11.06
N THR A 98 -7.28 14.64 11.65
CA THR A 98 -6.33 15.63 11.15
C THR A 98 -4.92 15.27 11.64
N ASP A 99 -4.35 14.24 11.04
CA ASP A 99 -3.05 13.75 11.44
C ASP A 99 -2.38 13.02 10.28
N GLY A 100 -1.22 12.43 10.54
CA GLY A 100 -0.50 11.73 9.50
C GLY A 100 0.91 12.25 9.36
N GLN A 101 1.24 12.74 8.18
CA GLN A 101 2.57 13.27 7.92
C GLN A 101 2.48 14.34 6.84
N ASP A 5 16.30 -15.93 2.48
CA ASP A 5 15.54 -15.41 1.35
C ASP A 5 14.02 -15.57 1.55
N PRO A 6 13.52 -16.78 1.84
CA PRO A 6 12.08 -17.01 2.04
C PRO A 6 11.64 -16.64 3.45
N VAL A 7 11.74 -15.36 3.76
CA VAL A 7 11.43 -14.86 5.10
C VAL A 7 9.91 -14.62 5.21
N LYS A 8 9.40 -14.52 6.42
CA LYS A 8 7.95 -14.44 6.64
C LYS A 8 7.32 -13.11 6.21
N PRO A 9 7.98 -11.94 6.39
CA PRO A 9 7.52 -10.68 5.75
C PRO A 9 7.55 -10.76 4.23
N SER A 10 7.84 -11.95 3.74
CA SER A 10 7.89 -12.25 2.33
C SER A 10 7.11 -13.54 2.05
N ARG A 11 6.49 -14.08 3.09
CA ARG A 11 5.76 -15.34 2.99
C ARG A 11 4.95 -15.58 4.26
N GLY A 12 3.64 -15.45 4.14
CA GLY A 12 2.76 -15.64 5.28
C GLY A 12 1.41 -16.15 4.85
N PRO A 13 0.32 -15.56 5.38
CA PRO A 13 -1.03 -15.87 4.94
C PRO A 13 -1.32 -15.22 3.60
N LEU A 14 -2.11 -15.86 2.76
CA LEU A 14 -2.43 -15.27 1.48
C LEU A 14 -3.48 -14.19 1.68
N VAL A 15 -3.00 -12.97 1.77
CA VAL A 15 -3.84 -11.84 2.08
C VAL A 15 -4.24 -11.12 0.81
N THR A 16 -5.53 -11.15 0.52
CA THR A 16 -6.08 -10.40 -0.59
C THR A 16 -6.24 -8.95 -0.21
N CYS A 17 -5.80 -8.08 -1.07
CA CYS A 17 -5.96 -6.67 -0.87
C CYS A 17 -6.40 -6.03 -2.18
N THR A 18 -7.23 -4.99 -2.07
CA THR A 18 -7.58 -4.15 -3.21
C THR A 18 -6.32 -3.77 -3.97
N CYS A 19 -6.33 -3.86 -5.28
CA CYS A 19 -5.13 -3.52 -6.02
C CYS A 19 -5.42 -2.40 -7.00
N GLU A 20 -4.45 -1.54 -7.22
CA GLU A 20 -4.61 -0.45 -8.20
C GLU A 20 -3.23 0.01 -8.68
N SER A 21 -2.77 -0.62 -9.76
CA SER A 21 -1.47 -0.29 -10.38
C SER A 21 -0.23 -0.46 -9.48
N PRO A 22 -0.24 -1.29 -8.42
CA PRO A 22 0.86 -1.39 -7.49
C PRO A 22 1.66 -2.68 -7.69
N HIS A 23 1.03 -3.75 -7.25
CA HIS A 23 1.55 -5.10 -7.39
C HIS A 23 0.74 -5.77 -8.48
N CYS A 24 -0.19 -4.99 -9.03
CA CYS A 24 -1.16 -5.47 -9.99
C CYS A 24 -1.35 -4.39 -11.04
N LYS A 25 -2.30 -4.59 -11.93
CA LYS A 25 -2.57 -3.61 -12.95
C LYS A 25 -3.97 -3.00 -12.79
N GLY A 26 -4.59 -3.18 -11.63
CA GLY A 26 -5.87 -2.54 -11.42
C GLY A 26 -6.86 -3.21 -10.48
N PRO A 27 -6.92 -4.56 -10.35
CA PRO A 27 -8.00 -5.21 -9.63
C PRO A 27 -7.69 -5.56 -8.18
N THR A 28 -7.12 -6.73 -7.97
CA THR A 28 -6.91 -7.28 -6.63
C THR A 28 -5.72 -8.22 -6.64
N CYS A 29 -5.28 -8.66 -5.48
CA CYS A 29 -4.23 -9.66 -5.40
C CYS A 29 -4.15 -10.20 -3.99
N ARG A 30 -4.01 -11.52 -3.87
CA ARG A 30 -3.69 -12.12 -2.59
C ARG A 30 -2.21 -12.44 -2.51
N GLY A 31 -1.55 -11.85 -1.53
CA GLY A 31 -0.12 -11.98 -1.38
C GLY A 31 0.26 -12.48 -0.01
N ALA A 32 0.80 -11.59 0.79
CA ALA A 32 1.21 -11.93 2.15
C ALA A 32 0.61 -10.97 3.14
N TRP A 33 0.36 -9.77 2.65
CA TRP A 33 -0.18 -8.69 3.45
C TRP A 33 -0.48 -7.52 2.56
N CYS A 34 -1.07 -6.49 3.12
CA CYS A 34 -1.44 -5.34 2.33
C CYS A 34 -0.32 -4.32 2.39
N THR A 35 -0.07 -3.70 1.27
CA THR A 35 0.81 -2.54 1.21
C THR A 35 0.15 -1.45 0.39
N VAL A 36 -0.03 -0.31 1.01
CA VAL A 36 -0.65 0.82 0.37
C VAL A 36 0.39 1.90 0.11
N VAL A 37 0.17 2.74 -0.89
CA VAL A 37 1.09 3.79 -1.21
C VAL A 37 0.41 4.87 -2.05
N LEU A 38 0.23 6.03 -1.45
CA LEU A 38 -0.10 7.22 -2.19
C LEU A 38 1.17 7.93 -2.57
N VAL A 39 1.34 8.19 -3.85
CA VAL A 39 2.52 8.86 -4.32
C VAL A 39 2.32 10.36 -4.34
N ARG A 40 3.17 11.05 -3.59
CA ARG A 40 3.12 12.50 -3.53
C ARG A 40 3.99 13.11 -4.59
N GLU A 41 3.51 12.93 -5.78
CA GLU A 41 4.12 13.52 -6.95
C GLU A 41 3.62 14.95 -7.05
N GLU A 42 4.33 15.83 -6.34
CA GLU A 42 3.85 17.16 -6.01
C GLU A 42 3.38 17.94 -7.24
N GLY A 43 2.07 18.03 -7.38
CA GLY A 43 1.50 18.89 -8.39
C GLY A 43 1.09 18.16 -9.67
N ARG A 44 1.31 16.85 -9.75
CA ARG A 44 0.95 16.13 -10.96
C ARG A 44 0.25 14.81 -10.66
N HIS A 45 0.95 13.91 -9.96
CA HIS A 45 0.49 12.52 -9.90
C HIS A 45 0.36 11.98 -8.47
N PRO A 46 -0.55 12.54 -7.65
CA PRO A 46 -0.96 11.93 -6.40
C PRO A 46 -1.85 10.71 -6.64
N GLN A 47 -1.27 9.52 -6.53
CA GLN A 47 -2.00 8.30 -6.86
C GLN A 47 -1.88 7.26 -5.75
N GLU A 48 -3.02 6.68 -5.38
CA GLU A 48 -3.06 5.58 -4.41
C GLU A 48 -2.89 4.24 -5.12
N HIS A 49 -1.75 3.61 -4.91
CA HIS A 49 -1.51 2.27 -5.44
C HIS A 49 -1.44 1.28 -4.28
N ARG A 50 -2.49 0.49 -4.12
CA ARG A 50 -2.66 -0.35 -2.94
C ARG A 50 -2.82 -1.82 -3.34
N GLY A 51 -2.46 -2.75 -2.44
CA GLY A 51 -2.63 -4.18 -2.73
C GLY A 51 -1.82 -5.06 -1.80
N CYS A 52 -1.47 -6.25 -2.26
CA CYS A 52 -0.71 -7.19 -1.47
C CYS A 52 0.77 -7.07 -1.78
N GLY A 53 1.61 -7.06 -0.76
CA GLY A 53 3.04 -6.86 -0.97
C GLY A 53 3.76 -8.11 -1.44
N ASN A 54 3.06 -9.25 -1.35
CA ASN A 54 3.58 -10.56 -1.76
C ASN A 54 4.81 -10.95 -0.95
N LEU A 55 5.97 -10.47 -1.38
CA LEU A 55 7.22 -10.80 -0.73
C LEU A 55 8.24 -9.68 -0.89
N HIS A 56 7.75 -8.49 -1.26
CA HIS A 56 8.62 -7.35 -1.46
C HIS A 56 8.66 -6.49 -0.21
N ARG A 57 9.74 -6.61 0.56
CA ARG A 57 9.90 -5.86 1.80
C ARG A 57 10.08 -4.37 1.52
N GLU A 58 10.55 -4.05 0.32
CA GLU A 58 10.77 -2.67 -0.08
C GLU A 58 9.46 -1.90 -0.14
N LEU A 59 8.34 -2.62 -0.14
CA LEU A 59 7.02 -2.01 -0.15
C LEU A 59 6.64 -1.49 1.24
N CYS A 60 7.54 -1.62 2.19
CA CYS A 60 7.33 -1.07 3.52
C CYS A 60 8.37 0.01 3.83
N ARG A 61 8.97 0.56 2.77
CA ARG A 61 9.97 1.62 2.90
C ARG A 61 9.31 3.00 3.01
N GLY A 62 10.05 4.05 2.70
CA GLY A 62 9.54 5.39 2.82
C GLY A 62 10.64 6.42 2.95
N ARG A 63 10.59 7.45 2.10
CA ARG A 63 11.58 8.53 2.11
C ARG A 63 10.89 9.85 1.77
N PRO A 64 11.41 10.98 2.26
CA PRO A 64 10.87 12.31 1.97
C PRO A 64 11.05 12.70 0.50
N THR A 65 10.23 12.10 -0.35
CA THR A 65 10.28 12.34 -1.78
C THR A 65 8.94 11.97 -2.41
N GLU A 66 8.68 10.69 -2.43
CA GLU A 66 7.56 10.10 -3.08
C GLU A 66 7.33 8.76 -2.43
N PHE A 67 6.28 8.09 -2.88
CA PHE A 67 5.88 6.77 -2.39
C PHE A 67 6.04 6.65 -0.87
N VAL A 68 5.93 7.79 -0.23
CA VAL A 68 6.13 7.93 1.18
C VAL A 68 5.22 7.00 1.96
N ASN A 69 3.95 7.07 1.63
CA ASN A 69 2.89 6.39 2.37
C ASN A 69 2.87 4.88 2.18
N HIS A 70 4.03 4.23 2.24
CA HIS A 70 4.06 2.78 2.23
C HIS A 70 3.53 2.25 3.55
N TYR A 71 2.24 2.02 3.61
CA TYR A 71 1.64 1.43 4.80
C TYR A 71 1.32 -0.03 4.55
N CYS A 72 1.79 -0.89 5.43
CA CYS A 72 1.59 -2.32 5.27
C CYS A 72 0.64 -2.84 6.35
N CYS A 73 0.01 -3.97 6.10
CA CYS A 73 -0.99 -4.53 7.02
C CYS A 73 -0.65 -5.99 7.29
N ASP A 74 -1.56 -6.68 7.96
CA ASP A 74 -1.45 -8.12 8.17
C ASP A 74 -2.80 -8.79 7.92
N SER A 75 -3.77 -8.01 7.47
CA SER A 75 -5.12 -8.50 7.34
C SER A 75 -5.63 -8.32 5.91
N HIS A 76 -6.50 -9.23 5.49
CA HIS A 76 -7.08 -9.17 4.16
C HIS A 76 -8.08 -8.03 4.06
N LEU A 77 -7.94 -7.26 2.99
CA LEU A 77 -8.82 -6.14 2.70
C LEU A 77 -8.64 -5.06 3.77
N CYS A 78 -7.38 -4.74 4.02
CA CYS A 78 -7.01 -3.74 5.01
C CYS A 78 -6.81 -2.43 4.30
N ASN A 79 -6.31 -2.54 3.09
CA ASN A 79 -6.03 -1.39 2.27
C ASN A 79 -7.29 -0.91 1.57
N HIS A 80 -8.40 -1.59 1.83
CA HIS A 80 -9.67 -1.22 1.22
C HIS A 80 -10.38 -0.18 2.11
N ASN A 81 -9.69 0.25 3.15
CA ASN A 81 -10.21 1.21 4.10
C ASN A 81 -9.07 1.81 4.92
N VAL A 82 -7.88 1.77 4.33
CA VAL A 82 -6.65 2.15 5.04
C VAL A 82 -6.49 3.67 5.13
N SER A 83 -5.76 4.10 6.15
CA SER A 83 -5.37 5.49 6.28
C SER A 83 -3.93 5.67 5.86
N LEU A 84 -3.75 6.19 4.67
CA LEU A 84 -2.41 6.29 4.12
C LEU A 84 -2.15 7.63 3.46
N VAL A 85 -3.21 8.37 3.19
CA VAL A 85 -3.16 9.57 2.36
C VAL A 85 -2.05 10.57 2.76
N LEU A 86 -1.55 10.47 3.99
CA LEU A 86 -0.48 11.37 4.48
C LEU A 86 -1.00 12.80 4.56
N GLU A 87 -2.30 12.92 4.29
CA GLU A 87 -2.92 14.19 4.04
C GLU A 87 -4.39 14.13 4.45
N ALA A 88 -4.65 14.27 5.75
CA ALA A 88 -5.98 14.05 6.28
C ALA A 88 -6.13 14.71 7.65
N THR A 89 -7.37 15.00 8.02
CA THR A 89 -7.66 15.59 9.30
C THR A 89 -9.01 15.10 9.82
N GLN A 90 -9.47 13.99 9.24
CA GLN A 90 -10.72 13.36 9.60
C GLN A 90 -10.47 11.87 9.72
N PRO A 91 -11.47 11.05 10.13
CA PRO A 91 -11.32 9.59 10.12
C PRO A 91 -11.09 9.05 8.71
N PRO A 92 -9.83 8.70 8.38
CA PRO A 92 -9.44 8.33 7.03
C PRO A 92 -9.56 6.83 6.76
N SER A 93 -10.61 6.46 6.04
CA SER A 93 -10.79 5.09 5.61
C SER A 93 -10.87 5.03 4.08
N GLU A 94 -9.73 4.82 3.44
CA GLU A 94 -9.63 4.87 1.97
C GLU A 94 -10.00 6.29 1.50
N GLN A 95 -9.80 7.22 2.42
CA GLN A 95 -10.21 8.62 2.26
C GLN A 95 -9.53 9.31 1.08
N PRO A 96 -10.31 9.62 0.03
CA PRO A 96 -9.84 10.38 -1.11
C PRO A 96 -10.27 11.84 -1.04
N GLY A 97 -9.80 12.65 -1.97
CA GLY A 97 -10.24 14.03 -2.05
C GLY A 97 -9.25 14.99 -1.42
N THR A 98 -8.37 14.45 -0.58
CA THR A 98 -7.34 15.24 0.09
C THR A 98 -7.93 16.09 1.21
N ASP A 99 -7.97 15.54 2.42
CA ASP A 99 -8.50 16.22 3.58
C ASP A 99 -7.56 17.34 4.03
N GLY A 100 -6.27 17.06 3.99
CA GLY A 100 -5.29 18.02 4.43
C GLY A 100 -5.07 19.12 3.40
N GLN A 101 -4.83 20.32 3.88
CA GLN A 101 -4.60 21.46 3.00
C GLN A 101 -3.79 22.51 3.76
N ASP A 5 17.45 -15.07 -5.24
CA ASP A 5 16.81 -15.49 -6.48
C ASP A 5 15.48 -16.17 -6.16
N PRO A 6 15.47 -17.18 -5.26
CA PRO A 6 14.23 -17.78 -4.79
C PRO A 6 13.62 -17.00 -3.64
N VAL A 7 12.37 -16.58 -3.82
CA VAL A 7 11.63 -15.90 -2.77
C VAL A 7 10.44 -16.75 -2.34
N LYS A 8 9.97 -16.53 -1.14
CA LYS A 8 8.87 -17.33 -0.61
C LYS A 8 7.53 -16.80 -1.11
N PRO A 9 6.80 -17.61 -1.89
CA PRO A 9 5.50 -17.22 -2.46
C PRO A 9 4.48 -16.89 -1.38
N SER A 10 4.11 -15.61 -1.32
CA SER A 10 3.14 -15.09 -0.36
C SER A 10 3.77 -14.93 1.03
N ARG A 11 4.98 -15.47 1.17
CA ARG A 11 5.82 -15.30 2.36
C ARG A 11 5.12 -15.78 3.65
N GLY A 12 4.08 -16.59 3.49
CA GLY A 12 3.36 -17.09 4.64
C GLY A 12 1.87 -16.79 4.59
N PRO A 13 1.41 -15.75 5.29
CA PRO A 13 0.00 -15.40 5.36
C PRO A 13 -0.54 -14.86 4.04
N LEU A 14 -1.51 -15.56 3.48
CA LEU A 14 -2.11 -15.15 2.22
C LEU A 14 -3.18 -14.09 2.49
N VAL A 15 -3.06 -12.96 1.82
CA VAL A 15 -3.91 -11.82 2.09
C VAL A 15 -4.27 -11.10 0.80
N THR A 16 -5.54 -11.19 0.42
CA THR A 16 -6.04 -10.41 -0.70
C THR A 16 -6.43 -9.02 -0.25
N CYS A 17 -6.07 -8.04 -1.06
CA CYS A 17 -6.39 -6.66 -0.78
C CYS A 17 -6.70 -5.93 -2.08
N THR A 18 -7.52 -4.88 -1.97
CA THR A 18 -7.77 -3.98 -3.09
C THR A 18 -6.46 -3.56 -3.71
N CYS A 19 -6.30 -3.82 -5.01
CA CYS A 19 -5.06 -3.49 -5.68
C CYS A 19 -5.32 -2.41 -6.73
N GLU A 20 -4.45 -1.42 -6.80
CA GLU A 20 -4.66 -0.33 -7.73
C GLU A 20 -3.33 0.15 -8.31
N SER A 21 -2.91 -0.47 -9.42
CA SER A 21 -1.70 -0.08 -10.14
C SER A 21 -0.35 -0.31 -9.41
N PRO A 22 -0.28 -1.16 -8.36
CA PRO A 22 0.93 -1.33 -7.58
C PRO A 22 1.64 -2.63 -7.91
N HIS A 23 1.12 -3.68 -7.31
CA HIS A 23 1.59 -5.04 -7.51
C HIS A 23 0.69 -5.69 -8.55
N CYS A 24 -0.27 -4.90 -9.03
CA CYS A 24 -1.34 -5.40 -9.85
C CYS A 24 -1.71 -4.37 -10.90
N LYS A 25 -2.59 -4.74 -11.82
CA LYS A 25 -2.92 -3.89 -12.95
C LYS A 25 -4.20 -3.08 -12.68
N GLY A 26 -4.66 -3.04 -11.44
CA GLY A 26 -5.87 -2.31 -11.18
C GLY A 26 -6.90 -2.99 -10.28
N PRO A 27 -6.95 -4.34 -10.16
CA PRO A 27 -8.02 -4.97 -9.43
C PRO A 27 -7.69 -5.39 -8.01
N THR A 28 -7.16 -6.60 -7.87
CA THR A 28 -6.95 -7.22 -6.57
C THR A 28 -5.84 -8.24 -6.65
N CYS A 29 -5.30 -8.61 -5.49
CA CYS A 29 -4.33 -9.69 -5.42
C CYS A 29 -4.30 -10.27 -4.01
N ARG A 30 -3.64 -11.42 -3.89
CA ARG A 30 -3.38 -12.02 -2.60
C ARG A 30 -1.90 -12.29 -2.47
N GLY A 31 -1.34 -11.90 -1.36
CA GLY A 31 0.09 -11.99 -1.18
C GLY A 31 0.47 -12.18 0.26
N ALA A 32 1.44 -11.39 0.70
CA ALA A 32 1.99 -11.55 2.05
C ALA A 32 1.24 -10.69 3.04
N TRP A 33 0.88 -9.51 2.58
CA TRP A 33 0.20 -8.55 3.39
C TRP A 33 -0.26 -7.39 2.52
N CYS A 34 -1.01 -6.49 3.10
CA CYS A 34 -1.54 -5.39 2.35
C CYS A 34 -0.58 -4.22 2.39
N THR A 35 -0.24 -3.70 1.23
CA THR A 35 0.71 -2.61 1.15
C THR A 35 0.13 -1.48 0.34
N VAL A 36 0.04 -0.32 0.96
CA VAL A 36 -0.39 0.88 0.28
C VAL A 36 0.77 1.80 0.04
N VAL A 37 0.68 2.55 -1.02
CA VAL A 37 1.68 3.55 -1.36
C VAL A 37 0.99 4.75 -1.96
N LEU A 38 1.08 5.87 -1.25
CA LEU A 38 0.49 7.10 -1.72
C LEU A 38 1.46 7.86 -2.57
N VAL A 39 1.02 8.22 -3.77
CA VAL A 39 1.76 9.15 -4.59
C VAL A 39 1.37 10.55 -4.15
N ARG A 40 2.15 11.09 -3.21
CA ARG A 40 1.76 12.30 -2.48
C ARG A 40 1.55 13.49 -3.41
N GLU A 41 0.46 14.21 -3.18
CA GLU A 41 0.15 15.40 -3.94
C GLU A 41 1.03 16.56 -3.49
N GLU A 42 2.18 16.68 -4.15
CA GLU A 42 3.09 17.79 -3.94
C GLU A 42 3.80 18.07 -5.26
N GLY A 43 3.26 19.00 -6.03
CA GLY A 43 3.71 19.17 -7.40
C GLY A 43 3.40 17.93 -8.20
N ARG A 44 2.30 17.29 -7.83
CA ARG A 44 1.95 15.97 -8.29
C ARG A 44 0.58 15.64 -7.70
N HIS A 45 -0.17 14.72 -8.29
CA HIS A 45 -1.50 14.39 -7.75
C HIS A 45 -1.48 13.05 -7.02
N PRO A 46 -2.35 12.89 -6.01
CA PRO A 46 -2.33 11.73 -5.13
C PRO A 46 -2.93 10.48 -5.76
N GLN A 47 -2.18 9.39 -5.69
CA GLN A 47 -2.65 8.10 -6.17
C GLN A 47 -2.46 7.04 -5.10
N GLU A 48 -3.56 6.43 -4.70
CA GLU A 48 -3.53 5.37 -3.72
C GLU A 48 -3.35 4.01 -4.38
N HIS A 49 -2.11 3.55 -4.46
CA HIS A 49 -1.84 2.22 -4.99
C HIS A 49 -1.76 1.22 -3.84
N ARG A 50 -2.71 0.29 -3.80
CA ARG A 50 -2.87 -0.63 -2.66
C ARG A 50 -2.81 -2.08 -3.12
N GLY A 51 -2.59 -3.02 -2.21
CA GLY A 51 -2.67 -4.44 -2.58
C GLY A 51 -1.81 -5.31 -1.71
N CYS A 52 -1.31 -6.41 -2.26
CA CYS A 52 -0.51 -7.35 -1.51
C CYS A 52 0.95 -7.23 -1.94
N GLY A 53 1.85 -7.16 -0.96
CA GLY A 53 3.27 -7.11 -1.28
C GLY A 53 3.76 -8.45 -1.80
N ASN A 54 3.03 -9.49 -1.40
CA ASN A 54 3.24 -10.87 -1.86
C ASN A 54 4.59 -11.44 -1.43
N LEU A 55 5.66 -10.96 -2.03
CA LEU A 55 6.99 -11.46 -1.72
C LEU A 55 8.02 -10.33 -1.65
N HIS A 56 7.54 -9.10 -1.61
CA HIS A 56 8.42 -7.94 -1.54
C HIS A 56 8.31 -7.25 -0.18
N ARG A 57 9.46 -6.93 0.40
CA ARG A 57 9.53 -6.29 1.71
C ARG A 57 9.74 -4.78 1.55
N GLU A 58 10.36 -4.38 0.45
CA GLU A 58 10.69 -2.98 0.22
C GLU A 58 9.43 -2.15 -0.09
N LEU A 59 8.31 -2.84 -0.29
CA LEU A 59 7.04 -2.17 -0.54
C LEU A 59 6.46 -1.61 0.75
N CYS A 60 7.22 -1.78 1.83
CA CYS A 60 6.84 -1.28 3.13
C CYS A 60 8.05 -1.34 4.05
N ARG A 61 8.96 -0.41 3.80
CA ARG A 61 10.09 -0.22 4.69
C ARG A 61 9.63 0.52 5.95
N GLY A 62 8.37 0.97 5.92
CA GLY A 62 7.80 1.66 7.06
C GLY A 62 8.34 3.06 7.18
N ARG A 63 8.05 3.89 6.20
CA ARG A 63 8.67 5.20 6.09
C ARG A 63 7.71 6.21 5.47
N PRO A 64 7.11 7.09 6.28
CA PRO A 64 6.39 8.25 5.78
C PRO A 64 7.39 9.34 5.42
N THR A 65 7.87 9.32 4.19
CA THR A 65 8.99 10.15 3.79
C THR A 65 8.56 11.56 3.41
N GLU A 66 7.99 11.69 2.23
CA GLU A 66 7.70 12.99 1.66
C GLU A 66 6.82 12.83 0.43
N PHE A 67 7.17 11.88 -0.41
CA PHE A 67 6.50 11.71 -1.70
C PHE A 67 5.73 10.41 -1.74
N VAL A 68 5.98 9.55 -0.76
CA VAL A 68 5.36 8.23 -0.74
C VAL A 68 4.99 7.85 0.69
N ASN A 69 3.96 7.02 0.82
CA ASN A 69 3.53 6.52 2.11
C ASN A 69 3.29 5.03 1.99
N HIS A 70 4.37 4.27 2.02
CA HIS A 70 4.29 2.84 1.84
C HIS A 70 4.01 2.15 3.17
N TYR A 71 2.76 1.75 3.33
CA TYR A 71 2.26 1.18 4.59
C TYR A 71 1.85 -0.27 4.37
N CYS A 72 2.10 -1.11 5.36
CA CYS A 72 1.71 -2.52 5.27
C CYS A 72 0.77 -2.91 6.40
N CYS A 73 -0.31 -3.58 6.03
CA CYS A 73 -1.30 -4.06 6.98
C CYS A 73 -1.24 -5.58 7.04
N ASP A 74 -1.94 -6.17 8.00
CA ASP A 74 -1.85 -7.61 8.25
C ASP A 74 -3.23 -8.27 8.27
N SER A 75 -4.10 -7.82 7.39
CA SER A 75 -5.46 -8.34 7.33
C SER A 75 -5.98 -8.22 5.90
N HIS A 76 -6.79 -9.19 5.49
CA HIS A 76 -7.33 -9.19 4.13
C HIS A 76 -8.28 -8.01 3.95
N LEU A 77 -8.23 -7.38 2.78
CA LEU A 77 -9.08 -6.24 2.46
C LEU A 77 -8.87 -5.09 3.44
N CYS A 78 -7.64 -4.92 3.87
CA CYS A 78 -7.29 -3.86 4.82
C CYS A 78 -6.98 -2.60 4.04
N ASN A 79 -6.49 -2.78 2.81
CA ASN A 79 -6.29 -1.66 1.91
C ASN A 79 -7.59 -1.32 1.22
N HIS A 80 -8.65 -1.98 1.64
CA HIS A 80 -9.96 -1.69 1.12
C HIS A 80 -10.54 -0.52 1.91
N ASN A 81 -9.92 -0.26 3.06
CA ASN A 81 -10.32 0.81 3.94
C ASN A 81 -9.11 1.26 4.76
N VAL A 82 -8.11 1.79 4.04
CA VAL A 82 -6.87 2.23 4.67
C VAL A 82 -6.78 3.76 4.63
N SER A 83 -6.15 4.34 5.63
CA SER A 83 -5.91 5.77 5.64
C SER A 83 -4.63 6.09 4.89
N LEU A 84 -4.71 6.22 3.59
CA LEU A 84 -3.55 6.53 2.78
C LEU A 84 -3.42 8.04 2.62
N VAL A 85 -2.98 8.69 3.67
CA VAL A 85 -2.97 10.15 3.70
C VAL A 85 -1.62 10.68 4.18
N LEU A 86 -0.64 9.78 4.29
CA LEU A 86 0.65 10.11 4.92
C LEU A 86 0.42 10.35 6.41
N GLU A 87 -0.74 9.88 6.88
CA GLU A 87 -1.20 10.07 8.25
C GLU A 87 -1.21 11.56 8.62
N ALA A 88 -2.22 12.27 8.11
CA ALA A 88 -2.37 13.71 8.33
C ALA A 88 -3.62 14.21 7.62
N THR A 89 -3.76 15.52 7.50
CA THR A 89 -4.95 16.13 6.92
C THR A 89 -5.09 15.82 5.42
N GLN A 90 -5.88 14.81 5.14
CA GLN A 90 -6.28 14.45 3.79
C GLN A 90 -7.45 13.49 3.91
N PRO A 91 -8.48 13.58 3.05
CA PRO A 91 -9.66 12.70 3.13
C PRO A 91 -9.28 11.22 3.09
N PRO A 92 -9.33 10.53 4.25
CA PRO A 92 -8.92 9.15 4.38
C PRO A 92 -10.09 8.16 4.27
N SER A 93 -9.79 6.95 3.83
CA SER A 93 -10.80 5.88 3.77
C SER A 93 -11.20 5.48 5.20
N GLU A 94 -10.22 5.13 6.02
CA GLU A 94 -10.48 4.84 7.42
C GLU A 94 -10.15 6.07 8.27
N GLN A 95 -10.78 6.17 9.42
CA GLN A 95 -10.50 7.25 10.36
C GLN A 95 -10.05 6.68 11.71
N PRO A 96 -8.78 6.91 12.08
CA PRO A 96 -8.21 6.44 13.34
C PRO A 96 -8.66 7.32 14.52
N GLY A 97 -9.95 7.63 14.54
CA GLY A 97 -10.50 8.56 15.50
C GLY A 97 -10.19 10.00 15.13
N THR A 98 -8.96 10.25 14.71
CA THR A 98 -8.54 11.56 14.24
C THR A 98 -9.07 11.83 12.82
N ASP A 99 -8.47 12.77 12.12
CA ASP A 99 -8.93 13.13 10.78
C ASP A 99 -7.76 13.72 10.01
N GLY A 100 -7.12 14.70 10.62
CA GLY A 100 -5.94 15.30 10.03
C GLY A 100 -5.13 16.05 11.07
N GLN A 101 -3.94 15.57 11.35
CA GLN A 101 -3.06 16.22 12.32
C GLN A 101 -2.37 17.41 11.68
N ASP A 5 17.99 -19.08 -2.50
CA ASP A 5 17.30 -18.46 -1.36
C ASP A 5 15.79 -18.74 -1.40
N PRO A 6 15.09 -18.52 -0.28
CA PRO A 6 13.63 -18.60 -0.23
C PRO A 6 12.99 -17.37 -0.85
N VAL A 7 11.77 -17.53 -1.37
CA VAL A 7 11.05 -16.41 -1.97
C VAL A 7 10.45 -15.50 -0.93
N LYS A 8 11.31 -14.71 -0.27
CA LYS A 8 10.90 -13.70 0.69
C LYS A 8 10.36 -14.31 1.98
N PRO A 9 10.71 -13.73 3.13
CA PRO A 9 10.10 -14.08 4.41
C PRO A 9 8.69 -13.47 4.52
N SER A 10 8.00 -13.48 3.38
CA SER A 10 6.71 -12.82 3.28
C SER A 10 5.72 -13.68 2.52
N ARG A 11 6.15 -14.19 1.37
CA ARG A 11 5.34 -15.09 0.56
C ARG A 11 4.92 -16.34 1.34
N GLY A 12 3.89 -16.18 2.16
CA GLY A 12 3.30 -17.30 2.86
C GLY A 12 1.79 -17.16 2.96
N PRO A 13 1.30 -16.36 3.92
CA PRO A 13 -0.14 -16.15 4.11
C PRO A 13 -0.75 -15.27 3.02
N LEU A 14 -1.29 -15.92 2.00
CA LEU A 14 -1.93 -15.23 0.89
C LEU A 14 -3.11 -14.36 1.34
N VAL A 15 -2.82 -13.09 1.51
CA VAL A 15 -3.82 -12.10 1.85
C VAL A 15 -4.21 -11.31 0.62
N THR A 16 -5.47 -11.37 0.24
CA THR A 16 -5.95 -10.55 -0.86
C THR A 16 -6.20 -9.14 -0.35
N CYS A 17 -5.77 -8.17 -1.15
CA CYS A 17 -6.00 -6.78 -0.85
C CYS A 17 -6.44 -6.09 -2.13
N THR A 18 -7.27 -5.05 -1.99
CA THR A 18 -7.65 -4.20 -3.11
C THR A 18 -6.40 -3.78 -3.86
N CYS A 19 -6.45 -3.77 -5.17
CA CYS A 19 -5.29 -3.38 -5.93
C CYS A 19 -5.62 -2.13 -6.73
N GLU A 20 -4.68 -1.22 -6.81
CA GLU A 20 -4.79 -0.09 -7.70
C GLU A 20 -3.40 0.29 -8.22
N SER A 21 -3.01 -0.35 -9.33
CA SER A 21 -1.69 -0.17 -9.95
C SER A 21 -0.49 -0.46 -9.01
N PRO A 22 -0.59 -1.41 -8.08
CA PRO A 22 0.41 -1.63 -7.05
C PRO A 22 1.30 -2.83 -7.35
N HIS A 23 0.69 -3.99 -7.19
CA HIS A 23 1.35 -5.27 -7.36
C HIS A 23 0.59 -6.04 -8.41
N CYS A 24 -0.40 -5.35 -8.98
CA CYS A 24 -1.33 -5.95 -9.92
C CYS A 24 -1.71 -4.89 -10.92
N LYS A 25 -2.34 -5.29 -12.00
CA LYS A 25 -2.64 -4.35 -13.06
C LYS A 25 -3.81 -3.46 -12.71
N GLY A 26 -4.54 -3.73 -11.63
CA GLY A 26 -5.72 -2.93 -11.39
C GLY A 26 -6.70 -3.49 -10.37
N PRO A 27 -7.10 -4.75 -10.47
CA PRO A 27 -8.11 -5.32 -9.57
C PRO A 27 -7.66 -5.67 -8.16
N THR A 28 -7.21 -6.91 -7.97
CA THR A 28 -6.91 -7.42 -6.63
C THR A 28 -5.80 -8.44 -6.69
N CYS A 29 -5.12 -8.64 -5.58
CA CYS A 29 -4.13 -9.71 -5.50
C CYS A 29 -4.03 -10.25 -4.09
N ARG A 30 -3.67 -11.52 -3.98
CA ARG A 30 -3.41 -12.14 -2.69
C ARG A 30 -1.92 -12.42 -2.55
N GLY A 31 -1.35 -11.86 -1.50
CA GLY A 31 0.09 -11.95 -1.33
C GLY A 31 0.50 -12.37 0.06
N ALA A 32 0.84 -11.40 0.87
CA ALA A 32 1.31 -11.65 2.23
C ALA A 32 0.56 -10.78 3.20
N TRP A 33 0.29 -9.58 2.73
CA TRP A 33 -0.30 -8.53 3.52
C TRP A 33 -0.62 -7.38 2.60
N CYS A 34 -1.26 -6.37 3.13
CA CYS A 34 -1.63 -5.23 2.33
C CYS A 34 -0.53 -4.17 2.40
N THR A 35 -0.13 -3.67 1.25
CA THR A 35 0.81 -2.56 1.19
C THR A 35 0.21 -1.46 0.32
N VAL A 36 0.09 -0.28 0.90
CA VAL A 36 -0.41 0.86 0.17
C VAL A 36 0.69 1.87 -0.04
N VAL A 37 0.63 2.62 -1.13
CA VAL A 37 1.65 3.59 -1.45
C VAL A 37 1.12 4.68 -2.35
N LEU A 38 1.10 5.89 -1.83
CA LEU A 38 0.77 7.06 -2.61
C LEU A 38 2.05 7.67 -3.14
N VAL A 39 2.23 7.62 -4.44
CA VAL A 39 3.40 8.19 -5.07
C VAL A 39 3.13 9.65 -5.39
N ARG A 40 3.68 10.54 -4.56
CA ARG A 40 3.53 11.98 -4.77
C ARG A 40 4.13 12.38 -6.10
N GLU A 41 3.86 13.59 -6.56
CA GLU A 41 4.32 14.02 -7.86
C GLU A 41 5.84 14.26 -7.91
N GLU A 42 6.57 13.17 -8.01
CA GLU A 42 8.00 13.21 -8.27
C GLU A 42 8.23 12.58 -9.65
N GLY A 43 7.85 13.32 -10.68
CA GLY A 43 7.96 12.83 -12.03
C GLY A 43 6.61 12.43 -12.59
N ARG A 44 5.65 12.19 -11.70
CA ARG A 44 4.33 11.79 -12.07
C ARG A 44 3.37 12.08 -10.92
N HIS A 45 2.16 12.54 -11.25
CA HIS A 45 1.16 12.95 -10.26
C HIS A 45 0.90 11.88 -9.19
N PRO A 46 0.40 12.30 -8.02
CA PRO A 46 0.06 11.41 -6.91
C PRO A 46 -0.84 10.24 -7.33
N GLN A 47 -0.41 9.04 -6.98
CA GLN A 47 -1.15 7.82 -7.32
C GLN A 47 -1.20 6.88 -6.11
N GLU A 48 -2.39 6.45 -5.74
CA GLU A 48 -2.56 5.50 -4.64
C GLU A 48 -2.44 4.07 -5.16
N HIS A 49 -1.28 3.47 -4.97
CA HIS A 49 -1.11 2.08 -5.37
C HIS A 49 -1.23 1.19 -4.15
N ARG A 50 -2.38 0.57 -3.99
CA ARG A 50 -2.69 -0.22 -2.80
C ARG A 50 -2.90 -1.68 -3.18
N GLY A 51 -2.42 -2.62 -2.37
CA GLY A 51 -2.67 -4.04 -2.65
C GLY A 51 -1.91 -4.99 -1.73
N CYS A 52 -1.62 -6.18 -2.22
CA CYS A 52 -0.90 -7.19 -1.47
C CYS A 52 0.61 -7.09 -1.75
N GLY A 53 1.42 -6.99 -0.70
CA GLY A 53 2.84 -6.75 -0.91
C GLY A 53 3.63 -8.02 -1.20
N ASN A 54 3.51 -9.01 -0.31
CA ASN A 54 4.23 -10.29 -0.40
C ASN A 54 5.73 -10.12 -0.69
N LEU A 55 6.14 -10.41 -1.92
CA LEU A 55 7.55 -10.38 -2.28
C LEU A 55 8.09 -8.96 -2.27
N HIS A 56 7.20 -7.98 -2.30
CA HIS A 56 7.61 -6.58 -2.29
C HIS A 56 7.62 -6.02 -0.87
N ARG A 57 8.55 -6.51 -0.04
CA ARG A 57 8.82 -5.87 1.25
C ARG A 57 9.41 -4.50 0.98
N GLU A 58 10.00 -4.40 -0.21
CA GLU A 58 10.43 -3.15 -0.80
C GLU A 58 9.37 -2.06 -0.65
N LEU A 59 8.11 -2.42 -0.92
CA LEU A 59 7.02 -1.45 -0.91
C LEU A 59 6.55 -1.12 0.51
N CYS A 60 7.33 -1.50 1.51
CA CYS A 60 7.06 -1.10 2.88
C CYS A 60 8.01 0.02 3.32
N ARG A 61 8.93 0.40 2.43
CA ARG A 61 9.87 1.48 2.69
C ARG A 61 10.75 1.77 1.47
N GLY A 62 10.74 3.03 1.04
CA GLY A 62 11.60 3.46 -0.04
C GLY A 62 12.56 4.53 0.44
N ARG A 63 12.00 5.52 1.09
CA ARG A 63 12.79 6.55 1.76
C ARG A 63 12.28 6.66 3.19
N PRO A 64 13.01 7.33 4.09
CA PRO A 64 12.56 7.55 5.48
C PRO A 64 11.38 8.53 5.55
N THR A 65 10.46 8.39 4.59
CA THR A 65 9.30 9.25 4.45
C THR A 65 9.71 10.64 3.99
N GLU A 66 8.82 11.27 3.24
CA GLU A 66 9.09 12.55 2.59
C GLU A 66 7.95 12.89 1.67
N PHE A 67 7.56 11.90 0.87
CA PHE A 67 6.52 12.07 -0.14
C PHE A 67 5.97 10.69 -0.51
N VAL A 68 6.34 9.69 0.30
CA VAL A 68 6.02 8.31 0.02
C VAL A 68 5.31 7.70 1.21
N ASN A 69 4.28 6.93 0.93
CA ASN A 69 3.44 6.38 1.99
C ASN A 69 3.43 4.88 1.93
N HIS A 70 4.61 4.26 1.98
CA HIS A 70 4.72 2.82 1.97
C HIS A 70 4.18 2.25 3.28
N TYR A 71 2.90 1.91 3.28
CA TYR A 71 2.25 1.43 4.50
C TYR A 71 1.84 -0.03 4.36
N CYS A 72 2.10 -0.82 5.39
CA CYS A 72 1.75 -2.23 5.36
C CYS A 72 0.71 -2.54 6.44
N CYS A 73 -0.23 -3.41 6.10
CA CYS A 73 -1.24 -3.90 7.05
C CYS A 73 -1.19 -5.41 7.05
N ASP A 74 -1.87 -6.04 7.99
CA ASP A 74 -1.80 -7.49 8.13
C ASP A 74 -3.20 -8.08 8.33
N SER A 75 -4.02 -7.94 7.30
CA SER A 75 -5.37 -8.50 7.28
C SER A 75 -5.90 -8.47 5.84
N HIS A 76 -6.80 -9.39 5.54
CA HIS A 76 -7.39 -9.48 4.20
C HIS A 76 -8.23 -8.25 3.92
N LEU A 77 -8.03 -7.65 2.75
CA LEU A 77 -8.80 -6.49 2.32
C LEU A 77 -8.71 -5.36 3.34
N CYS A 78 -7.51 -5.14 3.84
CA CYS A 78 -7.28 -4.15 4.89
C CYS A 78 -7.00 -2.80 4.26
N ASN A 79 -6.34 -2.85 3.12
CA ASN A 79 -5.99 -1.63 2.41
C ASN A 79 -7.19 -1.10 1.65
N HIS A 80 -8.29 -1.84 1.68
CA HIS A 80 -9.49 -1.46 0.96
C HIS A 80 -10.05 -0.14 1.48
N ASN A 81 -9.82 0.11 2.76
CA ASN A 81 -10.35 1.31 3.42
C ASN A 81 -9.23 2.08 4.10
N VAL A 82 -8.03 1.95 3.58
CA VAL A 82 -6.86 2.59 4.18
C VAL A 82 -6.87 4.09 3.93
N SER A 83 -6.12 4.82 4.74
CA SER A 83 -5.94 6.24 4.53
C SER A 83 -4.49 6.60 4.76
N LEU A 84 -3.71 6.43 3.72
CA LEU A 84 -2.27 6.69 3.75
C LEU A 84 -1.98 8.03 3.13
N VAL A 85 -3.00 8.59 2.52
CA VAL A 85 -2.87 9.73 1.65
C VAL A 85 -2.27 10.95 2.34
N LEU A 86 -0.96 11.14 2.16
CA LEU A 86 -0.33 12.41 2.50
C LEU A 86 -0.84 13.48 1.57
N GLU A 87 -1.94 14.10 1.94
CA GLU A 87 -2.65 15.00 1.07
C GLU A 87 -3.55 15.90 1.90
N ALA A 88 -4.22 16.85 1.28
CA ALA A 88 -5.16 17.70 1.98
C ALA A 88 -6.56 17.48 1.46
N THR A 89 -7.45 17.06 2.36
CA THR A 89 -8.83 16.76 2.02
C THR A 89 -8.94 15.50 1.17
N GLN A 90 -9.29 14.42 1.83
CA GLN A 90 -9.43 13.11 1.21
C GLN A 90 -10.35 12.26 2.08
N PRO A 91 -11.05 11.27 1.49
CA PRO A 91 -11.95 10.41 2.27
C PRO A 91 -11.20 9.44 3.18
N PRO A 92 -11.15 9.75 4.48
CA PRO A 92 -10.39 8.99 5.46
C PRO A 92 -11.25 7.93 6.16
N SER A 93 -10.95 6.67 5.88
CA SER A 93 -11.69 5.58 6.47
C SER A 93 -10.89 4.95 7.61
N GLU A 94 -9.60 4.71 7.39
CA GLU A 94 -8.75 4.19 8.43
C GLU A 94 -8.15 5.31 9.26
N GLN A 95 -7.25 6.08 8.66
CA GLN A 95 -6.57 7.15 9.37
C GLN A 95 -7.22 8.50 9.05
N PRO A 96 -7.81 9.15 10.05
CA PRO A 96 -8.47 10.43 9.88
C PRO A 96 -7.54 11.61 10.10
N GLY A 97 -6.26 11.34 10.31
CA GLY A 97 -5.30 12.40 10.54
C GLY A 97 -4.86 13.07 9.27
N THR A 98 -5.18 14.34 9.15
CA THR A 98 -4.79 15.12 7.98
C THR A 98 -3.35 15.61 8.14
N ASP A 99 -2.43 14.97 7.44
CA ASP A 99 -1.02 15.35 7.51
C ASP A 99 -0.78 16.60 6.67
N GLY A 100 -1.37 16.63 5.48
CA GLY A 100 -1.25 17.78 4.62
C GLY A 100 0.15 17.92 4.03
N GLN A 101 0.58 16.92 3.29
CA GLN A 101 1.87 16.98 2.60
C GLN A 101 1.73 17.82 1.35
N ASP A 5 10.77 -23.54 -7.14
CA ASP A 5 10.82 -22.34 -7.96
C ASP A 5 9.43 -21.72 -8.13
N PRO A 6 8.39 -22.52 -8.46
CA PRO A 6 7.01 -22.02 -8.48
C PRO A 6 6.53 -21.70 -7.06
N VAL A 7 6.53 -20.43 -6.72
CA VAL A 7 6.24 -20.03 -5.35
C VAL A 7 4.90 -19.35 -5.23
N LYS A 8 4.42 -19.24 -4.00
CA LYS A 8 3.22 -18.48 -3.70
C LYS A 8 3.62 -17.15 -3.09
N PRO A 9 2.75 -16.14 -3.22
CA PRO A 9 3.00 -14.77 -2.71
C PRO A 9 3.60 -14.74 -1.31
N SER A 10 4.93 -14.62 -1.25
CA SER A 10 5.70 -14.51 0.00
C SER A 10 5.88 -15.91 0.59
N ARG A 11 4.79 -16.63 0.47
CA ARG A 11 4.70 -18.04 0.84
C ARG A 11 4.40 -18.15 2.34
N GLY A 12 3.26 -17.60 2.72
CA GLY A 12 2.85 -17.63 4.11
C GLY A 12 1.41 -17.19 4.26
N PRO A 13 1.15 -16.04 4.88
CA PRO A 13 -0.19 -15.50 5.03
C PRO A 13 -0.67 -14.81 3.76
N LEU A 14 -1.33 -15.56 2.90
CA LEU A 14 -1.86 -15.00 1.66
C LEU A 14 -2.96 -13.98 1.94
N VAL A 15 -2.56 -12.72 1.94
CA VAL A 15 -3.49 -11.62 2.19
C VAL A 15 -3.92 -10.96 0.90
N THR A 16 -5.20 -11.05 0.59
CA THR A 16 -5.76 -10.34 -0.54
C THR A 16 -6.11 -8.90 -0.15
N CYS A 17 -5.82 -7.97 -1.04
CA CYS A 17 -6.23 -6.60 -0.85
C CYS A 17 -6.47 -5.92 -2.18
N THR A 18 -7.29 -4.87 -2.15
CA THR A 18 -7.56 -4.03 -3.30
C THR A 18 -6.26 -3.49 -3.89
N CYS A 19 -5.78 -4.12 -4.96
CA CYS A 19 -4.49 -3.76 -5.56
C CYS A 19 -4.68 -2.96 -6.85
N GLU A 20 -4.29 -1.69 -6.86
CA GLU A 20 -4.57 -0.83 -8.00
C GLU A 20 -3.27 -0.21 -8.52
N SER A 21 -2.68 -0.86 -9.52
CA SER A 21 -1.41 -0.42 -10.14
C SER A 21 -0.18 -0.42 -9.19
N PRO A 22 -0.18 -1.15 -8.06
CA PRO A 22 0.89 -1.04 -7.10
C PRO A 22 1.90 -2.16 -7.23
N HIS A 23 1.51 -3.32 -6.75
CA HIS A 23 2.34 -4.51 -6.77
C HIS A 23 1.67 -5.51 -7.68
N CYS A 24 0.58 -5.07 -8.29
CA CYS A 24 -0.25 -5.96 -9.07
C CYS A 24 -0.79 -5.23 -10.28
N LYS A 25 -0.91 -5.94 -11.38
CA LYS A 25 -1.69 -5.46 -12.51
C LYS A 25 -3.09 -6.01 -12.35
N GLY A 26 -3.59 -5.98 -11.12
CA GLY A 26 -4.79 -6.70 -10.80
C GLY A 26 -5.39 -6.21 -9.51
N PRO A 27 -6.44 -5.37 -9.62
CA PRO A 27 -7.28 -4.89 -8.53
C PRO A 27 -7.47 -5.85 -7.35
N THR A 28 -7.31 -7.13 -7.57
CA THR A 28 -7.29 -8.06 -6.46
C THR A 28 -6.22 -9.14 -6.67
N CYS A 29 -5.53 -9.45 -5.58
CA CYS A 29 -4.56 -10.54 -5.58
C CYS A 29 -4.38 -11.07 -4.19
N ARG A 30 -4.05 -12.35 -4.09
CA ARG A 30 -3.55 -12.88 -2.85
C ARG A 30 -2.07 -12.61 -2.79
N GLY A 31 -1.64 -12.10 -1.66
CA GLY A 31 -0.28 -11.65 -1.53
C GLY A 31 0.29 -11.89 -0.15
N ALA A 32 1.15 -10.99 0.26
CA ALA A 32 1.86 -11.13 1.52
C ALA A 32 1.09 -10.45 2.63
N TRP A 33 0.55 -9.31 2.27
CA TRP A 33 -0.15 -8.43 3.17
C TRP A 33 -0.66 -7.25 2.37
N CYS A 34 -1.35 -6.34 3.03
CA CYS A 34 -1.87 -5.17 2.34
C CYS A 34 -0.87 -4.04 2.45
N THR A 35 -0.35 -3.62 1.32
CA THR A 35 0.56 -2.51 1.30
C THR A 35 0.03 -1.40 0.41
N VAL A 36 0.05 -0.20 0.92
CA VAL A 36 -0.35 0.95 0.16
C VAL A 36 0.85 1.84 -0.06
N VAL A 37 0.77 2.67 -1.08
CA VAL A 37 1.87 3.50 -1.49
C VAL A 37 1.38 4.66 -2.34
N LEU A 38 1.54 5.86 -1.83
CA LEU A 38 1.28 7.05 -2.61
C LEU A 38 2.58 7.53 -3.18
N VAL A 39 2.62 7.73 -4.47
CA VAL A 39 3.79 8.31 -5.08
C VAL A 39 3.68 9.82 -4.97
N ARG A 40 4.51 10.42 -4.15
CA ARG A 40 4.49 11.86 -3.98
C ARG A 40 4.92 12.54 -5.27
N GLU A 41 4.82 13.85 -5.29
CA GLU A 41 5.23 14.57 -6.47
C GLU A 41 6.64 15.14 -6.34
N GLU A 42 6.75 16.46 -6.29
CA GLU A 42 8.04 17.13 -6.39
C GLU A 42 8.78 16.55 -7.60
N GLY A 43 8.26 16.88 -8.77
CA GLY A 43 8.71 16.26 -10.00
C GLY A 43 7.71 15.24 -10.51
N ARG A 44 7.28 14.33 -9.65
CA ARG A 44 6.29 13.32 -9.99
C ARG A 44 4.88 13.85 -9.69
N HIS A 45 3.98 12.98 -9.20
CA HIS A 45 2.64 13.40 -8.82
C HIS A 45 1.93 12.33 -7.99
N PRO A 46 1.09 12.76 -7.05
CA PRO A 46 0.39 11.88 -6.09
C PRO A 46 -0.44 10.80 -6.76
N GLN A 47 -0.17 9.55 -6.40
CA GLN A 47 -0.91 8.40 -6.90
C GLN A 47 -1.12 7.38 -5.78
N GLU A 48 -2.39 7.11 -5.46
CA GLU A 48 -2.73 6.17 -4.38
C GLU A 48 -2.80 4.75 -4.93
N HIS A 49 -1.75 3.98 -4.71
CA HIS A 49 -1.74 2.59 -5.16
C HIS A 49 -1.73 1.64 -3.96
N ARG A 50 -2.83 0.93 -3.78
CA ARG A 50 -3.01 0.03 -2.65
C ARG A 50 -3.02 -1.42 -3.13
N GLY A 51 -2.75 -2.40 -2.26
CA GLY A 51 -2.87 -3.80 -2.68
C GLY A 51 -2.06 -4.79 -1.86
N CYS A 52 -1.64 -5.87 -2.49
CA CYS A 52 -0.98 -6.97 -1.81
C CYS A 52 0.51 -6.99 -2.15
N GLY A 53 1.36 -6.96 -1.13
CA GLY A 53 2.81 -6.91 -1.34
C GLY A 53 3.37 -8.18 -1.96
N ASN A 54 2.52 -9.19 -2.05
CA ASN A 54 2.85 -10.50 -2.64
C ASN A 54 4.03 -11.16 -1.96
N LEU A 55 5.25 -10.91 -2.42
CA LEU A 55 6.43 -11.53 -1.82
C LEU A 55 7.53 -10.51 -1.58
N HIS A 56 7.17 -9.23 -1.62
CA HIS A 56 8.14 -8.16 -1.38
C HIS A 56 8.15 -7.75 0.09
N ARG A 57 9.19 -8.15 0.80
CA ARG A 57 9.40 -7.70 2.19
C ARG A 57 9.89 -6.27 2.14
N GLU A 58 10.45 -5.92 0.98
CA GLU A 58 10.95 -4.59 0.65
C GLU A 58 9.90 -3.50 0.87
N LEU A 59 8.64 -3.83 0.62
CA LEU A 59 7.57 -2.84 0.63
C LEU A 59 7.14 -2.45 2.04
N CYS A 60 7.98 -2.76 3.02
CA CYS A 60 7.70 -2.45 4.41
C CYS A 60 8.99 -2.15 5.14
N ARG A 61 9.71 -1.17 4.65
CA ARG A 61 10.99 -0.80 5.25
C ARG A 61 10.93 0.58 5.89
N GLY A 62 10.31 1.52 5.19
CA GLY A 62 10.10 2.84 5.75
C GLY A 62 11.35 3.70 5.67
N ARG A 63 11.70 4.14 4.47
CA ARG A 63 12.80 5.07 4.27
C ARG A 63 12.35 6.15 3.30
N PRO A 64 12.03 7.35 3.82
CA PRO A 64 11.64 8.49 2.97
C PRO A 64 12.71 8.78 1.93
N THR A 65 12.51 8.23 0.74
CA THR A 65 13.56 8.22 -0.26
C THR A 65 12.95 8.15 -1.66
N GLU A 66 12.01 7.24 -1.83
CA GLU A 66 11.39 7.01 -3.12
C GLU A 66 10.16 7.88 -3.27
N PHE A 67 9.76 8.52 -2.16
CA PHE A 67 8.56 9.35 -2.10
C PHE A 67 7.34 8.46 -2.17
N VAL A 68 7.50 7.21 -1.75
CA VAL A 68 6.43 6.25 -1.79
C VAL A 68 6.03 5.86 -0.36
N ASN A 69 4.77 6.05 -0.05
CA ASN A 69 4.28 5.84 1.32
C ASN A 69 3.82 4.41 1.50
N HIS A 70 4.77 3.49 1.73
CA HIS A 70 4.40 2.08 1.84
C HIS A 70 3.95 1.72 3.25
N TYR A 71 2.64 1.60 3.40
CA TYR A 71 2.03 1.16 4.66
C TYR A 71 1.63 -0.32 4.54
N CYS A 72 1.61 -1.04 5.65
CA CYS A 72 1.37 -2.48 5.60
C CYS A 72 0.26 -2.90 6.59
N CYS A 73 -0.60 -3.80 6.13
CA CYS A 73 -1.63 -4.43 6.95
C CYS A 73 -1.46 -5.94 6.90
N ASP A 74 -1.68 -6.61 8.03
CA ASP A 74 -1.49 -8.06 8.09
C ASP A 74 -2.84 -8.79 7.99
N SER A 75 -3.84 -8.08 7.47
CA SER A 75 -5.19 -8.63 7.39
C SER A 75 -5.78 -8.33 6.01
N HIS A 76 -6.45 -9.33 5.43
CA HIS A 76 -7.01 -9.20 4.09
C HIS A 76 -8.03 -8.07 4.04
N LEU A 77 -7.98 -7.31 2.94
CA LEU A 77 -8.92 -6.22 2.69
C LEU A 77 -8.78 -5.13 3.75
N CYS A 78 -7.55 -4.72 4.00
CA CYS A 78 -7.28 -3.69 4.99
C CYS A 78 -7.05 -2.36 4.29
N ASN A 79 -6.39 -2.41 3.14
CA ASN A 79 -6.10 -1.19 2.41
C ASN A 79 -7.30 -0.77 1.56
N HIS A 80 -8.44 -1.40 1.81
CA HIS A 80 -9.67 -1.09 1.09
C HIS A 80 -10.39 0.09 1.76
N ASN A 81 -9.65 0.77 2.63
CA ASN A 81 -10.19 1.88 3.43
C ASN A 81 -9.04 2.61 4.12
N VAL A 82 -7.96 2.88 3.40
CA VAL A 82 -6.75 3.39 4.02
C VAL A 82 -6.36 4.79 3.51
N SER A 83 -5.90 5.63 4.43
CA SER A 83 -5.31 6.91 4.06
C SER A 83 -3.82 6.90 4.39
N LEU A 84 -3.01 6.71 3.37
CA LEU A 84 -1.56 6.68 3.52
C LEU A 84 -0.97 7.91 2.88
N VAL A 85 -1.89 8.80 2.56
CA VAL A 85 -1.64 9.98 1.73
C VAL A 85 -0.42 10.83 2.14
N LEU A 86 0.07 10.63 3.37
CA LEU A 86 1.12 11.48 3.96
C LEU A 86 0.84 12.97 3.73
N GLU A 87 -0.43 13.32 3.67
CA GLU A 87 -0.86 14.67 3.31
C GLU A 87 -2.13 14.99 4.08
N ALA A 88 -2.18 14.49 5.31
CA ALA A 88 -3.39 14.45 6.13
C ALA A 88 -3.21 13.40 7.21
N THR A 89 -2.96 13.81 8.44
CA THR A 89 -2.71 12.86 9.51
C THR A 89 -3.85 12.85 10.52
N GLN A 90 -4.91 12.17 10.15
CA GLN A 90 -6.06 11.96 11.00
C GLN A 90 -6.60 10.56 10.72
N PRO A 91 -7.44 10.00 11.61
CA PRO A 91 -8.01 8.65 11.44
C PRO A 91 -8.36 8.32 9.99
N PRO A 92 -7.47 7.57 9.32
CA PRO A 92 -7.58 7.28 7.89
C PRO A 92 -8.82 6.46 7.52
N SER A 93 -9.35 6.74 6.33
CA SER A 93 -10.51 6.03 5.77
C SER A 93 -10.57 6.30 4.27
N GLU A 94 -9.71 5.61 3.51
CA GLU A 94 -9.56 5.80 2.08
C GLU A 94 -8.99 7.18 1.75
N GLN A 95 -8.78 7.46 0.47
CA GLN A 95 -8.16 8.71 0.08
C GLN A 95 -9.11 9.89 0.31
N PRO A 96 -8.63 10.93 0.99
CA PRO A 96 -9.38 12.15 1.22
C PRO A 96 -9.14 13.17 0.12
N GLY A 97 -9.63 14.39 0.34
CA GLY A 97 -9.43 15.46 -0.61
C GLY A 97 -8.00 15.98 -0.63
N THR A 98 -7.11 15.31 0.12
CA THR A 98 -5.71 15.70 0.18
C THR A 98 -5.58 17.10 0.79
N ASP A 99 -6.52 17.41 1.68
CA ASP A 99 -6.60 18.73 2.27
C ASP A 99 -6.13 18.67 3.71
N GLY A 100 -5.38 19.68 4.13
CA GLY A 100 -4.80 19.69 5.46
C GLY A 100 -3.36 20.09 5.44
N GLN A 101 -2.77 20.07 4.25
CA GLN A 101 -1.39 20.46 4.05
C GLN A 101 -1.25 21.23 2.74
N ASP A 5 11.67 -21.48 5.92
CA ASP A 5 11.18 -21.44 4.55
C ASP A 5 12.06 -20.52 3.70
N PRO A 6 12.66 -21.06 2.63
CA PRO A 6 13.50 -20.28 1.72
C PRO A 6 12.68 -19.48 0.72
N VAL A 7 11.38 -19.40 0.96
CA VAL A 7 10.46 -18.69 0.07
C VAL A 7 9.87 -17.50 0.81
N LYS A 8 10.59 -17.03 1.83
CA LYS A 8 10.16 -15.89 2.64
C LYS A 8 8.99 -16.26 3.56
N PRO A 9 8.85 -15.55 4.69
CA PRO A 9 7.70 -15.67 5.58
C PRO A 9 6.54 -14.81 5.10
N SER A 10 6.46 -14.63 3.79
CA SER A 10 5.51 -13.73 3.18
C SER A 10 4.59 -14.46 2.21
N ARG A 11 5.19 -15.24 1.32
CA ARG A 11 4.42 -16.04 0.36
C ARG A 11 3.47 -17.02 1.08
N GLY A 12 3.65 -17.16 2.39
CA GLY A 12 2.87 -18.10 3.17
C GLY A 12 1.42 -17.70 3.32
N PRO A 13 1.12 -16.72 4.18
CA PRO A 13 -0.24 -16.23 4.37
C PRO A 13 -0.68 -15.34 3.21
N LEU A 14 -1.59 -15.85 2.40
CA LEU A 14 -2.02 -15.14 1.21
C LEU A 14 -3.12 -14.14 1.53
N VAL A 15 -2.72 -12.89 1.64
CA VAL A 15 -3.64 -11.81 1.94
C VAL A 15 -4.03 -11.07 0.67
N THR A 16 -5.30 -11.16 0.33
CA THR A 16 -5.85 -10.34 -0.74
C THR A 16 -6.20 -8.95 -0.21
N CYS A 17 -5.99 -7.96 -1.04
CA CYS A 17 -6.40 -6.61 -0.74
C CYS A 17 -6.87 -5.96 -2.01
N THR A 18 -7.56 -4.84 -1.88
CA THR A 18 -7.92 -4.05 -3.04
C THR A 18 -6.64 -3.65 -3.76
N CYS A 19 -6.61 -3.81 -5.06
CA CYS A 19 -5.40 -3.56 -5.81
C CYS A 19 -5.66 -2.49 -6.86
N GLU A 20 -4.71 -1.60 -7.04
CA GLU A 20 -4.87 -0.52 -7.99
C GLU A 20 -3.51 0.03 -8.39
N SER A 21 -2.92 -0.58 -9.43
CA SER A 21 -1.65 -0.16 -10.01
C SER A 21 -0.40 -0.23 -9.09
N PRO A 22 -0.37 -1.05 -8.04
CA PRO A 22 0.75 -1.08 -7.12
C PRO A 22 1.70 -2.23 -7.39
N HIS A 23 1.33 -3.36 -6.84
CA HIS A 23 2.05 -4.61 -7.01
C HIS A 23 1.19 -5.50 -7.86
N CYS A 24 0.08 -4.92 -8.29
CA CYS A 24 -0.94 -5.62 -8.99
C CYS A 24 -1.51 -4.71 -10.05
N LYS A 25 -1.15 -4.94 -11.29
CA LYS A 25 -1.76 -4.20 -12.39
C LYS A 25 -3.11 -4.85 -12.70
N GLY A 26 -3.75 -5.26 -11.62
CA GLY A 26 -4.98 -5.98 -11.63
C GLY A 26 -5.58 -5.89 -10.24
N PRO A 27 -6.59 -5.02 -10.10
CA PRO A 27 -7.34 -4.69 -8.87
C PRO A 27 -7.56 -5.75 -7.78
N THR A 28 -7.02 -6.95 -7.94
CA THR A 28 -6.97 -7.87 -6.82
C THR A 28 -5.71 -8.74 -6.87
N CYS A 29 -5.18 -9.11 -5.70
CA CYS A 29 -4.02 -10.01 -5.63
C CYS A 29 -3.91 -10.65 -4.25
N ARG A 30 -3.56 -11.94 -4.21
CA ARG A 30 -3.18 -12.61 -2.97
C ARG A 30 -1.68 -12.56 -2.77
N GLY A 31 -1.25 -11.74 -1.85
CA GLY A 31 0.15 -11.66 -1.53
C GLY A 31 0.46 -12.12 -0.14
N ALA A 32 1.11 -11.26 0.61
CA ALA A 32 1.52 -11.58 1.97
C ALA A 32 0.67 -10.83 2.96
N TRP A 33 0.34 -9.62 2.56
CA TRP A 33 -0.38 -8.69 3.40
C TRP A 33 -0.74 -7.47 2.56
N CYS A 34 -1.39 -6.51 3.16
CA CYS A 34 -1.82 -5.34 2.43
C CYS A 34 -0.75 -4.27 2.48
N THR A 35 -0.24 -3.85 1.34
CA THR A 35 0.69 -2.74 1.30
C THR A 35 0.19 -1.66 0.37
N VAL A 36 0.26 -0.42 0.82
CA VAL A 36 -0.14 0.70 0.01
C VAL A 36 1.01 1.65 -0.20
N VAL A 37 0.96 2.36 -1.29
CA VAL A 37 2.05 3.24 -1.69
C VAL A 37 1.54 4.41 -2.51
N LEU A 38 1.80 5.62 -2.03
CA LEU A 38 1.45 6.83 -2.77
C LEU A 38 2.54 7.18 -3.76
N VAL A 39 2.18 7.34 -5.02
CA VAL A 39 3.11 7.87 -6.00
C VAL A 39 2.92 9.38 -6.11
N ARG A 40 3.82 10.16 -5.50
CA ARG A 40 3.66 11.60 -5.45
C ARG A 40 3.67 12.23 -6.84
N GLU A 41 2.50 12.79 -7.21
CA GLU A 41 2.29 13.49 -8.47
C GLU A 41 3.02 12.81 -9.64
N GLU A 42 2.45 11.70 -10.07
CA GLU A 42 3.00 10.93 -11.17
C GLU A 42 2.44 11.47 -12.47
N GLY A 43 3.16 12.41 -13.07
CA GLY A 43 2.71 13.01 -14.31
C GLY A 43 1.76 14.16 -14.09
N ARG A 44 0.91 14.06 -13.08
CA ARG A 44 -0.07 15.09 -12.80
C ARG A 44 -0.39 15.18 -11.30
N HIS A 45 -0.84 14.08 -10.71
CA HIS A 45 -1.25 14.10 -9.30
C HIS A 45 -0.76 12.86 -8.57
N PRO A 46 -0.72 12.92 -7.22
CA PRO A 46 -0.37 11.77 -6.39
C PRO A 46 -1.35 10.63 -6.59
N GLN A 47 -0.84 9.43 -6.74
CA GLN A 47 -1.68 8.26 -7.01
C GLN A 47 -1.56 7.23 -5.90
N GLU A 48 -2.69 6.91 -5.30
CA GLU A 48 -2.77 5.92 -4.24
C GLU A 48 -2.82 4.52 -4.83
N HIS A 49 -1.68 3.82 -4.79
CA HIS A 49 -1.63 2.47 -5.31
C HIS A 49 -1.61 1.47 -4.16
N ARG A 50 -2.60 0.60 -4.14
CA ARG A 50 -2.89 -0.25 -2.97
C ARG A 50 -3.05 -1.71 -3.35
N GLY A 51 -2.65 -2.63 -2.46
CA GLY A 51 -2.82 -4.05 -2.75
C GLY A 51 -2.06 -4.95 -1.79
N CYS A 52 -1.54 -6.07 -2.31
CA CYS A 52 -0.83 -7.03 -1.50
C CYS A 52 0.66 -6.99 -1.80
N GLY A 53 1.47 -6.85 -0.77
CA GLY A 53 2.90 -6.92 -0.94
C GLY A 53 3.39 -8.28 -0.52
N ASN A 54 4.12 -8.97 -1.39
CA ASN A 54 4.49 -10.35 -1.10
C ASN A 54 5.87 -10.43 -0.47
N LEU A 55 6.86 -10.67 -1.31
CA LEU A 55 8.15 -11.16 -0.86
C LEU A 55 9.15 -10.03 -0.64
N HIS A 56 8.67 -8.80 -0.62
CA HIS A 56 9.53 -7.64 -0.44
C HIS A 56 9.07 -6.79 0.74
N ARG A 57 9.88 -6.76 1.79
CA ARG A 57 9.57 -5.96 2.97
C ARG A 57 9.91 -4.48 2.70
N GLU A 58 10.60 -4.24 1.59
CA GLU A 58 10.90 -2.88 1.16
C GLU A 58 9.60 -2.13 0.87
N LEU A 59 8.53 -2.89 0.63
CA LEU A 59 7.20 -2.32 0.42
C LEU A 59 6.62 -1.81 1.73
N CYS A 60 7.42 -1.87 2.79
CA CYS A 60 7.06 -1.28 4.07
C CYS A 60 8.19 -0.45 4.66
N ARG A 61 9.32 -0.42 3.97
CA ARG A 61 10.52 0.21 4.52
C ARG A 61 11.57 0.42 3.44
N GLY A 62 11.97 1.66 3.29
CA GLY A 62 13.08 1.98 2.43
C GLY A 62 13.74 3.26 2.87
N ARG A 63 13.45 4.34 2.15
CA ARG A 63 13.91 5.66 2.53
C ARG A 63 12.85 6.68 2.12
N PRO A 64 12.80 7.86 2.77
CA PRO A 64 11.96 8.96 2.31
C PRO A 64 12.20 9.24 0.83
N THR A 65 11.24 8.86 0.01
CA THR A 65 11.44 8.84 -1.43
C THR A 65 11.01 10.17 -2.04
N GLU A 66 10.58 10.15 -3.30
CA GLU A 66 10.11 11.35 -3.98
C GLU A 66 9.03 12.03 -3.16
N PHE A 67 8.16 11.21 -2.56
CA PHE A 67 7.19 11.62 -1.52
C PHE A 67 6.12 10.57 -1.37
N VAL A 68 6.54 9.33 -1.28
CA VAL A 68 5.62 8.23 -1.20
C VAL A 68 5.38 7.80 0.24
N ASN A 69 4.66 6.71 0.40
CA ASN A 69 4.41 6.12 1.70
C ASN A 69 3.99 4.68 1.52
N HIS A 70 4.82 3.76 1.99
CA HIS A 70 4.47 2.35 1.91
C HIS A 70 3.97 1.85 3.25
N TYR A 71 2.65 1.70 3.33
CA TYR A 71 1.99 1.26 4.55
C TYR A 71 1.56 -0.20 4.41
N CYS A 72 1.43 -0.91 5.53
CA CYS A 72 1.05 -2.31 5.47
C CYS A 72 0.05 -2.70 6.55
N CYS A 73 -0.86 -3.58 6.18
CA CYS A 73 -1.80 -4.20 7.11
C CYS A 73 -1.55 -5.71 7.13
N ASP A 74 -1.74 -6.31 8.30
CA ASP A 74 -1.53 -7.74 8.46
C ASP A 74 -2.86 -8.50 8.34
N SER A 75 -3.80 -7.91 7.60
CA SER A 75 -5.13 -8.50 7.46
C SER A 75 -5.66 -8.26 6.05
N HIS A 76 -6.42 -9.23 5.53
CA HIS A 76 -6.99 -9.13 4.19
C HIS A 76 -7.95 -7.94 4.08
N LEU A 77 -7.88 -7.25 2.94
CA LEU A 77 -8.82 -6.17 2.61
C LEU A 77 -8.72 -5.00 3.58
N CYS A 78 -7.55 -4.83 4.18
CA CYS A 78 -7.36 -3.77 5.17
C CYS A 78 -7.04 -2.45 4.48
N ASN A 79 -6.21 -2.53 3.44
CA ASN A 79 -5.82 -1.34 2.70
C ASN A 79 -6.79 -1.05 1.57
N HIS A 80 -7.99 -1.62 1.69
CA HIS A 80 -9.08 -1.30 0.79
C HIS A 80 -9.50 0.15 1.00
N ASN A 81 -9.56 0.51 2.27
CA ASN A 81 -10.09 1.79 2.71
C ASN A 81 -9.00 2.63 3.36
N VAL A 82 -7.83 2.61 2.76
CA VAL A 82 -6.68 3.29 3.32
C VAL A 82 -6.44 4.62 2.60
N SER A 83 -5.59 5.44 3.19
CA SER A 83 -5.14 6.67 2.56
C SER A 83 -3.72 6.46 2.04
N LEU A 84 -3.29 7.28 1.09
CA LEU A 84 -1.92 7.23 0.61
C LEU A 84 -1.33 8.62 0.51
N VAL A 85 -0.51 8.96 1.49
CA VAL A 85 0.33 10.15 1.42
C VAL A 85 1.20 10.33 2.66
N LEU A 86 2.46 9.93 2.53
CA LEU A 86 3.52 10.18 3.52
C LEU A 86 3.13 9.82 4.97
N GLU A 87 2.11 8.97 5.12
CA GLU A 87 1.68 8.51 6.44
C GLU A 87 0.54 7.52 6.30
N ALA A 88 -0.66 8.00 6.57
CA ALA A 88 -1.89 7.25 6.44
C ALA A 88 -1.98 6.15 7.49
N THR A 89 -1.43 6.43 8.65
CA THR A 89 -1.39 5.45 9.73
C THR A 89 -2.33 5.88 10.86
N GLN A 90 -3.18 6.87 10.56
CA GLN A 90 -4.13 7.37 11.54
C GLN A 90 -5.50 7.64 10.88
N PRO A 91 -5.57 8.52 9.85
CA PRO A 91 -6.82 8.82 9.14
C PRO A 91 -6.88 8.25 7.70
N PRO A 92 -7.17 6.95 7.55
CA PRO A 92 -7.38 6.34 6.23
C PRO A 92 -8.70 6.76 5.60
N SER A 93 -8.88 6.44 4.32
CA SER A 93 -10.02 6.91 3.55
C SER A 93 -11.30 6.14 3.90
N GLU A 94 -11.21 5.19 4.83
CA GLU A 94 -12.39 4.51 5.34
C GLU A 94 -13.38 5.51 5.94
N GLN A 95 -12.83 6.46 6.68
CA GLN A 95 -13.65 7.48 7.32
C GLN A 95 -13.49 8.79 6.58
N PRO A 96 -14.42 9.74 6.75
CA PRO A 96 -14.32 11.07 6.15
C PRO A 96 -13.09 11.82 6.63
N GLY A 97 -12.09 11.90 5.77
CA GLY A 97 -10.85 12.56 6.12
C GLY A 97 -9.70 12.09 5.29
N THR A 98 -8.65 12.89 5.23
CA THR A 98 -7.44 12.58 4.47
C THR A 98 -6.29 13.43 4.99
N ASP A 99 -5.47 12.84 5.84
CA ASP A 99 -4.40 13.59 6.50
C ASP A 99 -3.10 12.81 6.47
N GLY A 100 -1.99 13.52 6.60
CA GLY A 100 -0.69 12.91 6.54
C GLY A 100 0.37 13.95 6.30
N GLN A 101 1.51 13.52 5.73
CA GLN A 101 2.65 14.39 5.41
C GLN A 101 2.89 15.45 6.49
N ASP A 5 10.82 -22.94 5.70
CA ASP A 5 11.79 -21.86 5.89
C ASP A 5 11.69 -20.90 4.72
N PRO A 6 11.63 -21.40 3.47
CA PRO A 6 11.14 -20.61 2.35
C PRO A 6 9.64 -20.38 2.50
N VAL A 7 9.09 -19.46 1.71
CA VAL A 7 7.67 -19.07 1.83
C VAL A 7 7.23 -18.93 3.29
N LYS A 8 8.06 -18.25 4.07
CA LYS A 8 7.77 -17.96 5.46
C LYS A 8 6.60 -16.98 5.58
N PRO A 9 6.15 -16.64 6.81
CA PRO A 9 5.10 -15.63 7.02
C PRO A 9 5.46 -14.26 6.42
N SER A 10 5.27 -14.16 5.11
CA SER A 10 5.59 -12.99 4.30
C SER A 10 5.66 -13.41 2.85
N ARG A 11 5.86 -14.71 2.64
CA ARG A 11 5.90 -15.27 1.29
C ARG A 11 4.97 -16.47 1.16
N GLY A 12 4.61 -17.03 2.30
CA GLY A 12 3.80 -18.25 2.34
C GLY A 12 2.30 -17.99 2.50
N PRO A 13 1.86 -17.39 3.64
CA PRO A 13 0.47 -16.97 3.84
C PRO A 13 -0.08 -16.19 2.64
N LEU A 14 -1.36 -15.85 2.68
CA LEU A 14 -2.04 -15.34 1.52
C LEU A 14 -3.08 -14.31 1.94
N VAL A 15 -2.74 -13.06 1.73
CA VAL A 15 -3.63 -11.97 2.03
C VAL A 15 -3.98 -11.23 0.75
N THR A 16 -5.23 -11.32 0.36
CA THR A 16 -5.71 -10.53 -0.74
C THR A 16 -6.07 -9.14 -0.27
N CYS A 17 -5.70 -8.17 -1.07
CA CYS A 17 -5.99 -6.80 -0.77
C CYS A 17 -6.49 -6.11 -2.03
N THR A 18 -7.33 -5.10 -1.86
CA THR A 18 -7.73 -4.26 -2.97
C THR A 18 -6.49 -3.79 -3.71
N CYS A 19 -6.50 -3.80 -5.02
CA CYS A 19 -5.32 -3.45 -5.76
C CYS A 19 -5.67 -2.32 -6.70
N GLU A 20 -4.69 -1.48 -6.99
CA GLU A 20 -4.89 -0.36 -7.88
C GLU A 20 -3.54 0.17 -8.36
N SER A 21 -3.05 -0.40 -9.46
CA SER A 21 -1.76 -0.01 -10.06
C SER A 21 -0.50 -0.21 -9.19
N PRO A 22 -0.47 -1.14 -8.22
CA PRO A 22 0.65 -1.31 -7.32
C PRO A 22 1.43 -2.60 -7.61
N HIS A 23 0.80 -3.71 -7.24
CA HIS A 23 1.35 -5.03 -7.41
C HIS A 23 0.50 -5.73 -8.47
N CYS A 24 -0.46 -4.97 -8.98
CA CYS A 24 -1.48 -5.51 -9.85
C CYS A 24 -1.77 -4.52 -10.96
N LYS A 25 -2.46 -4.96 -11.99
CA LYS A 25 -2.78 -4.08 -13.11
C LYS A 25 -4.20 -3.54 -12.97
N GLY A 26 -4.77 -3.67 -11.78
CA GLY A 26 -6.14 -3.24 -11.62
C GLY A 26 -6.81 -3.83 -10.44
N PRO A 27 -7.09 -5.12 -10.51
CA PRO A 27 -8.10 -5.76 -9.68
C PRO A 27 -7.68 -6.07 -8.24
N THR A 28 -7.38 -7.32 -7.96
CA THR A 28 -7.03 -7.77 -6.62
C THR A 28 -5.79 -8.65 -6.70
N CYS A 29 -5.32 -9.15 -5.57
CA CYS A 29 -4.10 -9.95 -5.56
C CYS A 29 -3.99 -10.77 -4.28
N ARG A 30 -3.60 -12.02 -4.43
CA ARG A 30 -3.19 -12.83 -3.29
C ARG A 30 -1.74 -12.58 -2.97
N GLY A 31 -1.49 -12.03 -1.80
CA GLY A 31 -0.14 -11.78 -1.38
C GLY A 31 0.15 -12.34 -0.02
N ALA A 32 0.66 -11.51 0.86
CA ALA A 32 1.02 -11.94 2.21
C ALA A 32 0.41 -11.02 3.22
N TRP A 33 0.19 -9.80 2.78
CA TRP A 33 -0.39 -8.74 3.58
C TRP A 33 -0.60 -7.53 2.70
N CYS A 34 -1.23 -6.52 3.23
CA CYS A 34 -1.55 -5.34 2.44
C CYS A 34 -0.42 -4.34 2.50
N THR A 35 -0.06 -3.81 1.35
CA THR A 35 0.86 -2.69 1.29
C THR A 35 0.27 -1.59 0.43
N VAL A 36 0.14 -0.43 1.03
CA VAL A 36 -0.35 0.73 0.32
C VAL A 36 0.82 1.64 0.03
N VAL A 37 0.75 2.38 -1.04
CA VAL A 37 1.86 3.20 -1.45
C VAL A 37 1.37 4.39 -2.24
N LEU A 38 1.55 5.57 -1.67
CA LEU A 38 1.23 6.78 -2.38
C LEU A 38 2.45 7.19 -3.19
N VAL A 39 2.40 6.94 -4.48
CA VAL A 39 3.54 7.21 -5.32
C VAL A 39 3.52 8.66 -5.74
N ARG A 40 4.18 9.48 -4.96
CA ARG A 40 4.42 10.85 -5.34
C ARG A 40 5.49 10.84 -6.42
N GLU A 41 5.02 10.94 -7.66
CA GLU A 41 5.81 10.74 -8.84
C GLU A 41 7.02 11.66 -8.90
N GLU A 42 7.88 11.41 -9.89
CA GLU A 42 9.02 12.26 -10.12
C GLU A 42 8.56 13.69 -10.30
N GLY A 43 8.78 14.48 -9.27
CA GLY A 43 8.22 15.81 -9.21
C GLY A 43 7.45 16.02 -7.92
N ARG A 44 6.37 15.24 -7.74
CA ARG A 44 5.53 15.32 -6.54
C ARG A 44 4.22 14.57 -6.71
N HIS A 45 3.73 14.48 -7.96
CA HIS A 45 2.36 14.00 -8.26
C HIS A 45 2.05 12.66 -7.59
N PRO A 46 1.27 12.69 -6.51
CA PRO A 46 0.91 11.51 -5.74
C PRO A 46 -0.17 10.67 -6.41
N GLN A 47 0.13 9.40 -6.64
CA GLN A 47 -0.85 8.45 -7.13
C GLN A 47 -1.02 7.33 -6.10
N GLU A 48 -2.23 7.15 -5.62
CA GLU A 48 -2.50 6.18 -4.56
C GLU A 48 -2.63 4.77 -5.14
N HIS A 49 -1.65 3.93 -4.83
CA HIS A 49 -1.61 2.56 -5.33
C HIS A 49 -1.52 1.59 -4.16
N ARG A 50 -2.44 0.63 -4.10
CA ARG A 50 -2.61 -0.20 -2.91
C ARG A 50 -2.89 -1.66 -3.26
N GLY A 51 -2.54 -2.58 -2.34
CA GLY A 51 -2.76 -4.01 -2.57
C GLY A 51 -1.99 -4.88 -1.61
N CYS A 52 -1.59 -6.05 -2.06
CA CYS A 52 -0.84 -6.98 -1.24
C CYS A 52 0.64 -6.91 -1.60
N GLY A 53 1.49 -6.75 -0.61
CA GLY A 53 2.92 -6.61 -0.89
C GLY A 53 3.62 -7.94 -0.97
N ASN A 54 3.02 -8.93 -0.31
CA ASN A 54 3.52 -10.31 -0.29
C ASN A 54 5.02 -10.40 -0.02
N LEU A 55 5.75 -11.04 -0.94
CA LEU A 55 7.15 -11.38 -0.73
C LEU A 55 8.04 -10.15 -0.73
N HIS A 56 7.51 -9.04 -1.20
CA HIS A 56 8.29 -7.82 -1.34
C HIS A 56 8.32 -7.05 -0.04
N ARG A 57 9.40 -7.21 0.71
CA ARG A 57 9.58 -6.54 2.00
C ARG A 57 9.94 -5.08 1.75
N GLU A 58 10.44 -4.81 0.55
CA GLU A 58 10.81 -3.46 0.14
C GLU A 58 9.60 -2.53 0.13
N LEU A 59 8.42 -3.12 -0.01
CA LEU A 59 7.17 -2.37 -0.01
C LEU A 59 6.78 -1.98 1.41
N CYS A 60 7.63 -2.30 2.37
CA CYS A 60 7.43 -1.91 3.76
C CYS A 60 8.72 -1.33 4.33
N ARG A 61 9.62 -0.91 3.45
CA ARG A 61 10.96 -0.47 3.86
C ARG A 61 11.77 0.03 2.68
N GLY A 62 12.19 1.28 2.73
CA GLY A 62 13.05 1.84 1.71
C GLY A 62 13.72 3.09 2.23
N ARG A 63 13.04 4.21 2.09
CA ARG A 63 13.51 5.47 2.64
C ARG A 63 12.32 6.31 3.09
N PRO A 64 12.22 6.59 4.39
CA PRO A 64 11.15 7.43 4.93
C PRO A 64 11.21 8.85 4.36
N THR A 65 10.54 9.04 3.24
CA THR A 65 10.54 10.32 2.56
C THR A 65 9.12 10.70 2.13
N GLU A 66 9.00 11.71 1.27
CA GLU A 66 7.70 12.19 0.85
C GLU A 66 7.24 11.48 -0.43
N PHE A 67 8.18 11.28 -1.36
CA PHE A 67 7.83 10.73 -2.67
C PHE A 67 7.65 9.21 -2.60
N VAL A 68 7.40 8.72 -1.40
CA VAL A 68 7.16 7.31 -1.18
C VAL A 68 6.70 7.06 0.26
N ASN A 69 5.47 6.59 0.39
CA ASN A 69 4.91 6.27 1.68
C ASN A 69 4.18 4.94 1.63
N HIS A 70 4.86 3.90 2.09
CA HIS A 70 4.32 2.54 2.07
C HIS A 70 3.79 2.14 3.44
N TYR A 71 2.49 1.94 3.52
CA TYR A 71 1.85 1.45 4.74
C TYR A 71 1.45 0.00 4.58
N CYS A 72 1.65 -0.82 5.61
CA CYS A 72 1.35 -2.24 5.51
C CYS A 72 0.26 -2.66 6.50
N CYS A 73 -0.52 -3.65 6.10
CA CYS A 73 -1.55 -4.24 6.96
C CYS A 73 -1.38 -5.75 6.95
N ASP A 74 -1.64 -6.38 8.08
CA ASP A 74 -1.39 -7.82 8.22
C ASP A 74 -2.70 -8.62 8.04
N SER A 75 -3.72 -7.99 7.48
CA SER A 75 -5.00 -8.66 7.26
C SER A 75 -5.53 -8.34 5.87
N HIS A 76 -6.37 -9.23 5.34
CA HIS A 76 -6.90 -9.09 3.99
C HIS A 76 -7.82 -7.89 3.86
N LEU A 77 -7.69 -7.17 2.75
CA LEU A 77 -8.60 -6.07 2.40
C LEU A 77 -8.51 -4.92 3.40
N CYS A 78 -7.29 -4.58 3.77
CA CYS A 78 -7.09 -3.53 4.79
C CYS A 78 -6.84 -2.19 4.11
N ASN A 79 -6.29 -2.24 2.91
CA ASN A 79 -6.00 -1.04 2.15
C ASN A 79 -7.26 -0.52 1.48
N HIS A 80 -8.36 -1.24 1.69
CA HIS A 80 -9.63 -0.90 1.08
C HIS A 80 -10.11 0.47 1.55
N ASN A 81 -9.68 0.88 2.74
CA ASN A 81 -10.07 2.16 3.33
C ASN A 81 -8.93 2.73 4.17
N VAL A 82 -7.71 2.35 3.80
CA VAL A 82 -6.52 2.76 4.53
C VAL A 82 -6.30 4.28 4.48
N SER A 83 -5.72 4.81 5.53
CA SER A 83 -5.37 6.22 5.56
C SER A 83 -3.85 6.37 5.40
N LEU A 84 -3.40 6.40 4.16
CA LEU A 84 -1.98 6.53 3.86
C LEU A 84 -1.65 7.90 3.32
N VAL A 85 -2.68 8.72 3.16
CA VAL A 85 -2.57 10.01 2.53
C VAL A 85 -1.57 10.93 3.24
N LEU A 86 -0.35 10.87 2.76
CA LEU A 86 0.69 11.79 3.16
C LEU A 86 0.59 13.02 2.28
N GLU A 87 -0.43 13.82 2.55
CA GLU A 87 -0.81 14.88 1.64
C GLU A 87 -1.83 15.81 2.27
N ALA A 88 -2.85 15.19 2.78
CA ALA A 88 -4.00 15.91 3.32
C ALA A 88 -4.21 15.62 4.79
N THR A 89 -4.63 16.63 5.53
CA THR A 89 -4.98 16.49 6.94
C THR A 89 -6.51 16.46 7.09
N GLN A 90 -7.17 16.06 6.01
CA GLN A 90 -8.62 16.01 5.96
C GLN A 90 -9.08 14.61 6.29
N PRO A 91 -10.26 14.48 6.94
CA PRO A 91 -10.78 13.21 7.46
C PRO A 91 -10.42 11.97 6.63
N PRO A 92 -9.37 11.26 7.07
CA PRO A 92 -8.90 10.01 6.44
C PRO A 92 -10.02 9.04 6.08
N SER A 93 -9.83 8.37 4.94
CA SER A 93 -10.82 7.50 4.34
C SER A 93 -10.36 7.19 2.93
N GLU A 94 -9.44 6.23 2.81
CA GLU A 94 -8.81 5.93 1.52
C GLU A 94 -8.03 7.17 1.06
N GLN A 95 -8.44 7.78 -0.04
CA GLN A 95 -7.85 9.04 -0.48
C GLN A 95 -8.91 10.11 -0.65
N PRO A 96 -9.00 11.05 0.30
CA PRO A 96 -9.85 12.22 0.16
C PRO A 96 -9.19 13.28 -0.72
N GLY A 97 -9.76 13.51 -1.89
CA GLY A 97 -9.16 14.41 -2.84
C GLY A 97 -9.82 15.77 -2.81
N THR A 98 -9.91 16.33 -1.62
CA THR A 98 -10.54 17.64 -1.43
C THR A 98 -9.49 18.74 -1.51
N ASP A 99 -8.33 18.47 -0.92
CA ASP A 99 -7.19 19.37 -0.97
C ASP A 99 -6.00 18.69 -0.33
N GLY A 100 -4.82 18.88 -0.89
CA GLY A 100 -3.63 18.26 -0.35
C GLY A 100 -2.37 18.97 -0.76
N GLN A 101 -1.52 19.25 0.22
CA GLN A 101 -0.24 19.89 -0.02
C GLN A 101 0.87 19.08 0.62
N ASP A 5 11.71 -20.07 -8.37
CA ASP A 5 12.25 -19.97 -7.02
C ASP A 5 11.54 -20.95 -6.08
N PRO A 6 12.30 -21.81 -5.39
CA PRO A 6 11.75 -22.80 -4.45
C PRO A 6 11.24 -22.18 -3.13
N VAL A 7 10.63 -21.02 -3.22
CA VAL A 7 10.08 -20.36 -2.03
C VAL A 7 8.61 -20.69 -1.85
N LYS A 8 8.06 -20.29 -0.70
CA LYS A 8 6.63 -20.43 -0.46
C LYS A 8 5.87 -19.39 -1.28
N PRO A 9 4.63 -19.72 -1.70
CA PRO A 9 3.80 -18.79 -2.45
C PRO A 9 3.60 -17.48 -1.69
N SER A 10 4.05 -16.38 -2.30
CA SER A 10 3.91 -15.05 -1.73
C SER A 10 4.69 -14.91 -0.42
N ARG A 11 5.80 -15.64 -0.31
CA ARG A 11 6.70 -15.55 0.85
C ARG A 11 6.01 -15.87 2.18
N GLY A 12 5.02 -16.75 2.15
CA GLY A 12 4.40 -17.15 3.40
C GLY A 12 2.88 -17.09 3.35
N PRO A 13 2.27 -16.31 4.27
CA PRO A 13 0.82 -16.20 4.38
C PRO A 13 0.20 -15.47 3.18
N LEU A 14 -1.03 -15.82 2.86
CA LEU A 14 -1.71 -15.22 1.72
C LEU A 14 -2.73 -14.21 2.19
N VAL A 15 -2.59 -12.98 1.70
CA VAL A 15 -3.50 -11.90 2.03
C VAL A 15 -3.87 -11.15 0.77
N THR A 16 -5.14 -11.21 0.40
CA THR A 16 -5.62 -10.41 -0.70
C THR A 16 -5.96 -9.02 -0.23
N CYS A 17 -5.65 -8.05 -1.07
CA CYS A 17 -5.90 -6.66 -0.77
C CYS A 17 -6.39 -5.98 -2.03
N THR A 18 -7.25 -4.98 -1.88
CA THR A 18 -7.65 -4.16 -3.01
C THR A 18 -6.41 -3.69 -3.73
N CYS A 19 -6.41 -3.74 -5.04
CA CYS A 19 -5.24 -3.40 -5.79
C CYS A 19 -5.62 -2.37 -6.84
N GLU A 20 -4.75 -1.41 -7.02
CA GLU A 20 -4.94 -0.39 -8.01
C GLU A 20 -3.57 0.08 -8.47
N SER A 21 -3.05 -0.61 -9.48
CA SER A 21 -1.72 -0.34 -10.01
C SER A 21 -0.59 -0.40 -8.96
N PRO A 22 -0.67 -1.24 -7.94
CA PRO A 22 0.26 -1.19 -6.85
C PRO A 22 1.47 -2.06 -7.10
N HIS A 23 1.38 -3.23 -6.54
CA HIS A 23 2.33 -4.29 -6.70
C HIS A 23 1.54 -5.46 -7.22
N CYS A 24 0.50 -5.06 -7.96
CA CYS A 24 -0.44 -5.95 -8.61
C CYS A 24 -0.81 -5.27 -9.90
N LYS A 25 -1.25 -6.01 -10.88
CA LYS A 25 -1.59 -5.36 -12.12
C LYS A 25 -3.09 -5.20 -12.28
N GLY A 26 -3.73 -4.49 -11.35
CA GLY A 26 -5.04 -3.97 -11.66
C GLY A 26 -6.04 -4.06 -10.54
N PRO A 27 -6.47 -5.28 -10.18
CA PRO A 27 -7.64 -5.50 -9.38
C PRO A 27 -7.39 -5.93 -7.94
N THR A 28 -7.12 -7.21 -7.74
CA THR A 28 -6.90 -7.77 -6.43
C THR A 28 -5.96 -8.95 -6.56
N CYS A 29 -5.22 -9.25 -5.52
CA CYS A 29 -4.27 -10.35 -5.59
C CYS A 29 -4.11 -11.03 -4.23
N ARG A 30 -3.73 -12.29 -4.27
CA ARG A 30 -3.38 -13.01 -3.05
C ARG A 30 -1.89 -12.89 -2.82
N GLY A 31 -1.53 -12.05 -1.87
CA GLY A 31 -0.14 -11.78 -1.63
C GLY A 31 0.29 -12.25 -0.26
N ALA A 32 0.78 -11.33 0.52
CA ALA A 32 1.31 -11.64 1.86
C ALA A 32 0.64 -10.78 2.90
N TRP A 33 0.26 -9.58 2.49
CA TRP A 33 -0.37 -8.61 3.37
C TRP A 33 -0.79 -7.39 2.56
N CYS A 34 -1.35 -6.40 3.24
CA CYS A 34 -1.81 -5.21 2.55
C CYS A 34 -0.73 -4.16 2.60
N THR A 35 -0.37 -3.66 1.45
CA THR A 35 0.64 -2.62 1.37
C THR A 35 0.19 -1.53 0.43
N VAL A 36 0.36 -0.29 0.86
CA VAL A 36 -0.08 0.85 0.08
C VAL A 36 1.07 1.82 -0.11
N VAL A 37 1.01 2.58 -1.19
CA VAL A 37 2.08 3.51 -1.52
C VAL A 37 1.55 4.67 -2.37
N LEU A 38 1.79 5.89 -1.91
CA LEU A 38 1.51 7.06 -2.74
C LEU A 38 2.71 7.35 -3.60
N VAL A 39 2.58 7.09 -4.88
CA VAL A 39 3.63 7.39 -5.81
C VAL A 39 3.44 8.81 -6.30
N ARG A 40 4.53 9.56 -6.37
CA ARG A 40 4.47 10.84 -7.02
C ARG A 40 4.20 10.62 -8.49
N GLU A 41 2.95 10.83 -8.85
CA GLU A 41 2.43 10.55 -10.16
C GLU A 41 3.27 11.18 -11.24
N GLU A 42 4.13 10.35 -11.81
CA GLU A 42 5.10 10.76 -12.80
C GLU A 42 5.77 12.07 -12.41
N GLY A 43 6.62 11.99 -11.40
CA GLY A 43 7.40 13.13 -11.00
C GLY A 43 6.87 13.85 -9.77
N ARG A 44 5.65 14.40 -9.84
CA ARG A 44 5.24 15.37 -8.82
C ARG A 44 3.79 15.18 -8.31
N HIS A 45 2.92 14.54 -9.08
CA HIS A 45 1.52 14.42 -8.67
C HIS A 45 1.38 13.31 -7.62
N PRO A 46 0.17 13.08 -7.09
CA PRO A 46 -0.12 11.96 -6.22
C PRO A 46 -0.93 10.84 -6.89
N GLN A 47 -0.42 9.62 -6.86
CA GLN A 47 -1.22 8.46 -7.24
C GLN A 47 -1.16 7.38 -6.15
N GLU A 48 -2.32 7.04 -5.61
CA GLU A 48 -2.43 6.07 -4.52
C GLU A 48 -2.49 4.65 -5.04
N HIS A 49 -1.39 3.93 -4.92
CA HIS A 49 -1.33 2.56 -5.41
C HIS A 49 -1.30 1.58 -4.25
N ARG A 50 -2.41 0.91 -4.04
CA ARG A 50 -2.63 0.05 -2.88
C ARG A 50 -2.93 -1.38 -3.29
N GLY A 51 -2.39 -2.36 -2.56
CA GLY A 51 -2.64 -3.77 -2.90
C GLY A 51 -2.08 -4.75 -1.88
N CYS A 52 -1.69 -5.93 -2.37
CA CYS A 52 -1.26 -7.05 -1.55
C CYS A 52 0.21 -7.33 -1.81
N GLY A 53 1.06 -7.05 -0.83
CA GLY A 53 2.48 -7.19 -1.05
C GLY A 53 2.86 -8.64 -1.16
N ASN A 54 3.48 -9.03 -2.25
CA ASN A 54 3.70 -10.44 -2.53
C ASN A 54 5.08 -10.89 -2.06
N LEU A 55 6.11 -10.58 -2.83
CA LEU A 55 7.44 -11.09 -2.54
C LEU A 55 8.40 -9.98 -2.12
N HIS A 56 7.84 -8.84 -1.73
CA HIS A 56 8.67 -7.71 -1.28
C HIS A 56 8.28 -7.26 0.11
N ARG A 57 9.27 -7.21 0.99
CA ARG A 57 9.07 -6.78 2.36
C ARG A 57 9.28 -5.27 2.46
N GLU A 58 9.96 -4.73 1.45
CA GLU A 58 10.21 -3.29 1.34
C GLU A 58 8.89 -2.51 1.24
N LEU A 59 7.80 -3.22 0.96
CA LEU A 59 6.51 -2.60 0.72
C LEU A 59 5.89 -2.03 2.00
N CYS A 60 6.63 -2.04 3.10
CA CYS A 60 6.19 -1.35 4.30
C CYS A 60 7.31 -0.42 4.82
N ARG A 61 8.32 -0.20 4.00
CA ARG A 61 9.43 0.66 4.39
C ARG A 61 9.41 1.99 3.64
N GLY A 62 9.36 3.07 4.40
CA GLY A 62 9.42 4.40 3.83
C GLY A 62 10.82 4.98 3.94
N ARG A 63 11.40 5.34 2.81
CA ARG A 63 12.77 5.82 2.79
C ARG A 63 12.85 7.19 2.10
N PRO A 64 13.86 8.00 2.48
CA PRO A 64 14.14 9.27 1.80
C PRO A 64 14.49 9.07 0.33
N THR A 65 13.48 9.21 -0.52
CA THR A 65 13.65 9.13 -1.96
C THR A 65 12.54 9.94 -2.64
N GLU A 66 11.66 9.29 -3.38
CA GLU A 66 10.49 9.95 -3.97
C GLU A 66 9.38 10.11 -2.93
N PHE A 67 9.79 10.27 -1.68
CA PHE A 67 8.89 10.34 -0.53
C PHE A 67 7.94 9.14 -0.50
N VAL A 68 8.41 8.00 -0.99
CA VAL A 68 7.61 6.79 -1.06
C VAL A 68 6.97 6.48 0.29
N ASN A 69 5.70 6.05 0.27
CA ASN A 69 4.94 5.88 1.50
C ASN A 69 4.37 4.47 1.55
N HIS A 70 5.20 3.53 1.95
CA HIS A 70 4.79 2.13 2.00
C HIS A 70 4.09 1.85 3.34
N TYR A 71 2.76 1.85 3.36
CA TYR A 71 2.03 1.47 4.56
C TYR A 71 1.55 0.02 4.45
N CYS A 72 1.77 -0.76 5.49
CA CYS A 72 1.34 -2.17 5.48
C CYS A 72 0.28 -2.44 6.54
N CYS A 73 -0.60 -3.39 6.23
CA CYS A 73 -1.56 -3.91 7.19
C CYS A 73 -1.43 -5.43 7.24
N ASP A 74 -2.03 -6.05 8.23
CA ASP A 74 -1.79 -7.46 8.50
C ASP A 74 -3.06 -8.30 8.36
N SER A 75 -3.99 -7.87 7.53
CA SER A 75 -5.22 -8.63 7.30
C SER A 75 -5.69 -8.38 5.87
N HIS A 76 -6.39 -9.35 5.29
CA HIS A 76 -6.87 -9.24 3.92
C HIS A 76 -7.89 -8.11 3.78
N LEU A 77 -7.80 -7.38 2.68
CA LEU A 77 -8.72 -6.30 2.34
C LEU A 77 -8.68 -5.18 3.37
N CYS A 78 -7.51 -4.97 3.95
CA CYS A 78 -7.33 -3.97 4.99
C CYS A 78 -6.94 -2.64 4.38
N ASN A 79 -6.34 -2.71 3.20
CA ASN A 79 -5.94 -1.51 2.49
C ASN A 79 -7.13 -0.94 1.72
N HIS A 80 -8.25 -1.66 1.72
CA HIS A 80 -9.42 -1.27 0.94
C HIS A 80 -9.89 0.16 1.25
N ASN A 81 -9.76 0.56 2.50
CA ASN A 81 -10.18 1.90 2.92
C ASN A 81 -8.98 2.69 3.43
N VAL A 82 -7.81 2.38 2.91
CA VAL A 82 -6.57 3.01 3.32
C VAL A 82 -6.46 4.43 2.77
N SER A 83 -5.60 5.22 3.39
CA SER A 83 -5.32 6.55 2.91
C SER A 83 -3.84 6.69 2.61
N LEU A 84 -3.52 7.17 1.43
CA LEU A 84 -2.15 7.39 1.05
C LEU A 84 -1.77 8.84 1.21
N VAL A 85 -1.65 9.25 2.45
CA VAL A 85 -1.18 10.58 2.75
C VAL A 85 0.33 10.56 2.78
N LEU A 86 0.94 11.15 1.76
CA LEU A 86 2.40 11.20 1.65
C LEU A 86 3.00 11.83 2.89
N GLU A 87 3.36 10.98 3.84
CA GLU A 87 3.74 11.43 5.17
C GLU A 87 4.13 10.20 6.00
N ALA A 88 3.57 10.10 7.18
CA ALA A 88 3.77 8.96 8.06
C ALA A 88 2.44 8.23 8.22
N THR A 89 2.28 7.51 9.32
CA THR A 89 1.04 6.81 9.60
C THR A 89 -0.09 7.79 9.97
N GLN A 90 -0.47 8.63 9.02
CA GLN A 90 -1.61 9.51 9.20
C GLN A 90 -2.88 8.74 8.86
N PRO A 91 -3.77 8.59 9.86
CA PRO A 91 -4.89 7.63 9.89
C PRO A 91 -5.26 6.98 8.55
N PRO A 92 -4.53 5.91 8.18
CA PRO A 92 -4.80 5.12 7.00
C PRO A 92 -5.65 3.89 7.32
N SER A 93 -6.48 3.48 6.38
CA SER A 93 -7.40 2.36 6.58
C SER A 93 -8.40 2.71 7.67
N GLU A 94 -8.62 4.02 7.82
CA GLU A 94 -9.46 4.57 8.89
C GLU A 94 -8.93 4.19 10.28
N GLN A 95 -7.68 3.75 10.33
CA GLN A 95 -7.06 3.38 11.61
C GLN A 95 -6.19 4.52 12.12
N PRO A 96 -6.12 4.70 13.44
CA PRO A 96 -5.32 5.76 14.06
C PRO A 96 -3.82 5.53 13.87
N GLY A 97 -3.05 6.61 13.97
CA GLY A 97 -1.61 6.52 13.79
C GLY A 97 -0.91 7.79 14.23
N THR A 98 0.40 7.70 14.47
CA THR A 98 1.18 8.85 14.90
C THR A 98 2.67 8.63 14.61
N ASP A 99 3.19 9.37 13.63
CA ASP A 99 4.62 9.35 13.33
C ASP A 99 4.97 10.56 12.47
N GLY A 100 6.15 10.58 11.88
CA GLY A 100 6.55 11.69 11.04
C GLY A 100 7.72 11.35 10.16
N GLN A 101 7.49 11.32 8.86
CA GLN A 101 8.54 11.03 7.90
C GLN A 101 9.15 12.33 7.37
N ASP A 5 16.40 -17.16 -6.83
CA ASP A 5 15.56 -17.74 -5.80
C ASP A 5 14.86 -16.63 -5.01
N PRO A 6 13.52 -16.59 -5.05
CA PRO A 6 12.74 -15.52 -4.44
C PRO A 6 12.53 -15.71 -2.94
N VAL A 7 12.18 -14.62 -2.26
CA VAL A 7 11.98 -14.64 -0.80
C VAL A 7 10.61 -15.21 -0.46
N LYS A 8 10.34 -16.41 -0.97
CA LYS A 8 9.07 -17.11 -0.76
C LYS A 8 7.88 -16.26 -1.22
N PRO A 9 7.38 -16.51 -2.43
CA PRO A 9 6.29 -15.73 -3.03
C PRO A 9 4.96 -15.94 -2.32
N SER A 10 4.84 -15.32 -1.14
CA SER A 10 3.66 -15.44 -0.28
C SER A 10 3.98 -14.86 1.09
N ARG A 11 5.26 -14.94 1.45
CA ARG A 11 5.77 -14.54 2.76
C ARG A 11 4.90 -15.04 3.92
N GLY A 12 4.23 -16.17 3.71
CA GLY A 12 3.40 -16.73 4.76
C GLY A 12 1.92 -16.66 4.43
N PRO A 13 1.22 -15.63 4.93
CA PRO A 13 -0.22 -15.48 4.76
C PRO A 13 -0.60 -14.84 3.44
N LEU A 14 -1.37 -15.54 2.61
CA LEU A 14 -1.88 -14.98 1.37
C LEU A 14 -3.03 -14.04 1.67
N VAL A 15 -2.72 -12.76 1.73
CA VAL A 15 -3.70 -11.72 2.02
C VAL A 15 -4.18 -11.06 0.74
N THR A 16 -5.48 -11.14 0.49
CA THR A 16 -6.08 -10.39 -0.61
C THR A 16 -6.35 -8.97 -0.17
N CYS A 17 -6.09 -8.02 -1.05
CA CYS A 17 -6.43 -6.65 -0.79
C CYS A 17 -6.75 -5.92 -2.08
N THR A 18 -7.52 -4.84 -1.96
CA THR A 18 -7.79 -3.95 -3.07
C THR A 18 -6.50 -3.59 -3.78
N CYS A 19 -6.45 -3.85 -5.06
CA CYS A 19 -5.26 -3.59 -5.85
C CYS A 19 -5.58 -2.52 -6.88
N GLU A 20 -4.61 -1.66 -7.14
CA GLU A 20 -4.76 -0.63 -8.15
C GLU A 20 -3.39 -0.12 -8.58
N SER A 21 -2.81 -0.79 -9.58
CA SER A 21 -1.53 -0.38 -10.18
C SER A 21 -0.32 -0.32 -9.24
N PRO A 22 -0.25 -1.10 -8.14
CA PRO A 22 0.84 -0.97 -7.19
C PRO A 22 1.89 -2.06 -7.36
N HIS A 23 1.57 -3.21 -6.83
CA HIS A 23 2.40 -4.39 -6.87
C HIS A 23 1.61 -5.46 -7.57
N CYS A 24 0.61 -5.01 -8.31
CA CYS A 24 -0.35 -5.89 -8.91
C CYS A 24 -0.96 -5.17 -10.09
N LYS A 25 -0.86 -5.74 -11.26
CA LYS A 25 -1.53 -5.18 -12.41
C LYS A 25 -2.86 -5.86 -12.59
N GLY A 26 -3.52 -6.08 -11.46
CA GLY A 26 -4.77 -6.84 -11.48
C GLY A 26 -5.57 -6.64 -10.22
N PRO A 27 -6.39 -5.55 -10.18
CA PRO A 27 -7.08 -4.94 -9.02
C PRO A 27 -7.50 -5.78 -7.80
N THR A 28 -7.22 -7.06 -7.76
CA THR A 28 -7.29 -7.81 -6.53
C THR A 28 -6.24 -8.91 -6.53
N CYS A 29 -5.52 -9.06 -5.42
CA CYS A 29 -4.41 -9.99 -5.40
C CYS A 29 -4.11 -10.47 -3.98
N ARG A 30 -3.86 -11.77 -3.88
CA ARG A 30 -3.28 -12.36 -2.69
C ARG A 30 -1.76 -12.20 -2.73
N GLY A 31 -1.16 -11.99 -1.57
CA GLY A 31 0.27 -11.79 -1.52
C GLY A 31 0.82 -12.14 -0.16
N ALA A 32 1.29 -11.12 0.55
CA ALA A 32 1.82 -11.31 1.89
C ALA A 32 0.98 -10.53 2.89
N TRP A 33 0.58 -9.35 2.47
CA TRP A 33 -0.23 -8.45 3.27
C TRP A 33 -0.63 -7.26 2.43
N CYS A 34 -1.34 -6.33 3.03
CA CYS A 34 -1.81 -5.17 2.31
C CYS A 34 -0.80 -4.06 2.41
N THR A 35 -0.25 -3.67 1.28
CA THR A 35 0.70 -2.58 1.25
C THR A 35 0.18 -1.44 0.42
N VAL A 36 0.16 -0.26 1.02
CA VAL A 36 -0.33 0.92 0.35
C VAL A 36 0.85 1.83 0.04
N VAL A 37 0.72 2.66 -0.97
CA VAL A 37 1.84 3.46 -1.44
C VAL A 37 1.35 4.67 -2.22
N LEU A 38 1.63 5.87 -1.74
CA LEU A 38 1.34 7.07 -2.50
C LEU A 38 2.50 7.38 -3.44
N VAL A 39 2.25 7.28 -4.73
CA VAL A 39 3.24 7.65 -5.73
C VAL A 39 3.07 9.11 -6.07
N ARG A 40 4.07 9.92 -5.73
CA ARG A 40 3.94 11.37 -5.83
C ARG A 40 4.01 11.82 -7.28
N GLU A 41 3.87 13.12 -7.48
CA GLU A 41 3.83 13.67 -8.81
C GLU A 41 5.20 13.64 -9.48
N GLU A 42 5.43 12.60 -10.25
CA GLU A 42 6.56 12.57 -11.14
C GLU A 42 6.06 12.96 -12.54
N GLY A 43 5.88 14.26 -12.73
CA GLY A 43 5.29 14.76 -13.96
C GLY A 43 3.77 14.71 -13.92
N ARG A 44 3.25 13.66 -13.30
CA ARG A 44 1.82 13.45 -13.20
C ARG A 44 1.28 14.07 -11.90
N HIS A 45 0.87 13.23 -10.94
CA HIS A 45 0.36 13.70 -9.65
C HIS A 45 0.37 12.54 -8.65
N PRO A 46 0.28 12.80 -7.35
CA PRO A 46 0.24 11.76 -6.33
C PRO A 46 -0.98 10.83 -6.47
N GLN A 47 -0.71 9.54 -6.63
CA GLN A 47 -1.75 8.54 -6.69
C GLN A 47 -1.45 7.45 -5.69
N GLU A 48 -2.43 7.04 -4.90
CA GLU A 48 -2.21 5.92 -4.01
C GLU A 48 -2.46 4.61 -4.73
N HIS A 49 -1.47 3.74 -4.68
CA HIS A 49 -1.57 2.42 -5.28
C HIS A 49 -1.52 1.37 -4.17
N ARG A 50 -2.55 0.55 -4.07
CA ARG A 50 -2.69 -0.35 -2.92
C ARG A 50 -2.91 -1.80 -3.36
N GLY A 51 -2.61 -2.75 -2.48
CA GLY A 51 -2.74 -4.17 -2.82
C GLY A 51 -1.81 -5.07 -2.01
N CYS A 52 -1.34 -6.15 -2.61
CA CYS A 52 -0.57 -7.14 -1.91
C CYS A 52 0.93 -6.91 -2.12
N GLY A 53 1.68 -6.79 -1.04
CA GLY A 53 3.13 -6.64 -1.14
C GLY A 53 3.78 -7.89 -1.68
N ASN A 54 3.09 -9.02 -1.53
CA ASN A 54 3.49 -10.31 -2.07
C ASN A 54 4.74 -10.86 -1.40
N LEU A 55 5.88 -10.19 -1.59
CA LEU A 55 7.13 -10.61 -0.99
C LEU A 55 8.07 -9.43 -0.77
N HIS A 56 7.52 -8.21 -0.86
CA HIS A 56 8.31 -7.00 -0.65
C HIS A 56 8.17 -6.50 0.78
N ARG A 57 9.25 -6.61 1.54
CA ARG A 57 9.26 -6.15 2.93
C ARG A 57 9.40 -4.63 2.99
N GLU A 58 10.05 -4.10 1.97
CA GLU A 58 10.31 -2.66 1.87
C GLU A 58 9.02 -1.83 1.97
N LEU A 59 7.95 -2.35 1.40
CA LEU A 59 6.69 -1.63 1.29
C LEU A 59 5.88 -1.65 2.59
N CYS A 60 6.53 -1.97 3.69
CA CYS A 60 5.83 -2.11 4.96
C CYS A 60 6.01 -0.89 5.86
N ARG A 61 7.22 -0.34 5.89
CA ARG A 61 7.53 0.69 6.89
C ARG A 61 8.09 1.94 6.22
N GLY A 62 7.21 2.82 5.76
CA GLY A 62 7.65 4.07 5.15
C GLY A 62 7.77 5.21 6.12
N ARG A 63 8.40 6.28 5.66
CA ARG A 63 8.63 7.49 6.45
C ARG A 63 8.64 8.70 5.54
N PRO A 64 8.27 9.89 6.06
CA PRO A 64 8.34 11.13 5.29
C PRO A 64 9.77 11.47 4.86
N THR A 65 9.97 11.57 3.55
CA THR A 65 11.27 11.90 2.98
C THR A 65 11.07 12.51 1.58
N GLU A 66 11.04 11.66 0.55
CA GLU A 66 10.43 12.06 -0.72
C GLU A 66 8.92 12.06 -0.51
N PHE A 67 8.55 11.51 0.66
CA PHE A 67 7.21 11.55 1.25
C PHE A 67 6.28 10.61 0.51
N VAL A 68 6.86 9.46 0.22
CA VAL A 68 6.12 8.29 -0.21
C VAL A 68 5.55 7.65 1.06
N ASN A 69 4.66 6.67 0.94
CA ASN A 69 4.04 6.09 2.12
C ASN A 69 3.74 4.63 1.84
N HIS A 70 4.74 3.77 1.99
CA HIS A 70 4.50 2.34 1.86
C HIS A 70 4.09 1.76 3.20
N TYR A 71 2.80 1.57 3.36
CA TYR A 71 2.23 1.04 4.60
C TYR A 71 1.90 -0.44 4.44
N CYS A 72 1.82 -1.15 5.56
CA CYS A 72 1.53 -2.58 5.55
C CYS A 72 0.45 -2.93 6.55
N CYS A 73 -0.38 -3.90 6.19
CA CYS A 73 -1.43 -4.38 7.06
C CYS A 73 -1.18 -5.83 7.44
N ASP A 74 -2.06 -6.41 8.23
CA ASP A 74 -1.90 -7.79 8.66
C ASP A 74 -3.15 -8.62 8.36
N SER A 75 -4.16 -8.01 7.72
CA SER A 75 -5.43 -8.68 7.52
C SER A 75 -5.96 -8.42 6.12
N HIS A 76 -6.74 -9.36 5.62
CA HIS A 76 -7.28 -9.28 4.27
C HIS A 76 -8.21 -8.09 4.13
N LEU A 77 -8.11 -7.42 2.99
CA LEU A 77 -8.99 -6.30 2.65
C LEU A 77 -8.81 -5.15 3.64
N CYS A 78 -7.57 -4.82 3.90
CA CYS A 78 -7.23 -3.78 4.86
C CYS A 78 -7.04 -2.45 4.15
N ASN A 79 -6.36 -2.48 3.01
CA ASN A 79 -6.14 -1.26 2.26
C ASN A 79 -7.39 -0.88 1.49
N HIS A 80 -8.41 -1.74 1.57
CA HIS A 80 -9.74 -1.42 1.07
C HIS A 80 -10.39 -0.31 1.90
N ASN A 81 -9.82 -0.04 3.07
CA ASN A 81 -10.30 1.01 3.96
C ASN A 81 -9.14 1.82 4.50
N VAL A 82 -8.08 1.88 3.72
CA VAL A 82 -6.93 2.70 4.08
C VAL A 82 -7.00 4.00 3.29
N SER A 83 -6.11 4.92 3.58
CA SER A 83 -5.99 6.14 2.82
C SER A 83 -4.57 6.67 2.93
N LEU A 84 -3.98 6.98 1.79
CA LEU A 84 -2.67 7.61 1.76
C LEU A 84 -2.85 9.07 2.09
N VAL A 85 -2.71 9.35 3.37
CA VAL A 85 -3.01 10.65 3.97
C VAL A 85 -2.32 11.83 3.31
N LEU A 86 -1.31 11.57 2.48
CA LEU A 86 -0.63 12.64 1.76
C LEU A 86 -1.34 12.95 0.45
N GLU A 87 -2.53 12.40 0.32
CA GLU A 87 -3.41 12.71 -0.78
C GLU A 87 -4.65 13.40 -0.25
N ALA A 88 -4.44 14.65 0.19
CA ALA A 88 -5.51 15.57 0.63
C ALA A 88 -6.92 15.05 0.43
N THR A 89 -7.64 14.92 1.55
CA THR A 89 -9.00 14.41 1.59
C THR A 89 -9.02 12.88 1.64
N GLN A 90 -7.85 12.31 1.91
CA GLN A 90 -7.76 10.89 2.18
C GLN A 90 -6.90 10.61 3.43
N PRO A 91 -7.21 11.24 4.60
CA PRO A 91 -6.64 10.83 5.88
C PRO A 91 -7.34 9.63 6.59
N PRO A 92 -8.64 9.29 6.31
CA PRO A 92 -9.39 8.30 7.07
C PRO A 92 -9.39 6.94 6.39
N SER A 93 -10.58 6.40 6.20
CA SER A 93 -10.77 5.22 5.37
C SER A 93 -11.51 5.61 4.10
N GLU A 94 -10.84 5.45 2.96
CA GLU A 94 -11.36 5.91 1.66
C GLU A 94 -11.44 7.45 1.66
N GLN A 95 -12.12 8.02 0.67
CA GLN A 95 -12.19 9.47 0.55
C GLN A 95 -13.59 10.00 0.87
N PRO A 96 -13.85 10.31 2.16
CA PRO A 96 -15.10 10.93 2.57
C PRO A 96 -15.01 12.44 2.69
N GLY A 97 -13.87 12.92 3.13
CA GLY A 97 -13.66 14.33 3.33
C GLY A 97 -12.42 14.61 4.14
N THR A 98 -12.30 15.85 4.62
CA THR A 98 -11.16 16.30 5.45
C THR A 98 -9.97 16.61 4.52
N ASP A 99 -8.90 17.20 5.06
CA ASP A 99 -7.74 17.55 4.24
C ASP A 99 -6.55 16.61 4.53
N GLY A 100 -5.94 16.73 5.69
CA GLY A 100 -4.77 15.93 5.99
C GLY A 100 -3.49 16.53 5.44
N GLN A 101 -2.78 15.79 4.60
CA GLN A 101 -1.56 16.28 3.99
C GLN A 101 -1.84 16.76 2.57
N ASP A 5 16.94 -13.03 0.00
CA ASP A 5 16.10 -13.75 0.94
C ASP A 5 14.76 -13.07 1.12
N PRO A 6 13.69 -13.68 0.62
CA PRO A 6 12.33 -13.17 0.79
C PRO A 6 11.84 -13.38 2.21
N VAL A 7 10.65 -12.88 2.51
CA VAL A 7 10.10 -13.00 3.84
C VAL A 7 9.21 -14.24 3.97
N LYS A 8 9.19 -14.82 5.17
CA LYS A 8 8.31 -15.94 5.45
C LYS A 8 6.85 -15.51 5.67
N PRO A 9 6.59 -14.30 6.22
CA PRO A 9 5.23 -13.72 6.16
C PRO A 9 4.81 -13.45 4.72
N SER A 10 4.62 -14.54 3.99
CA SER A 10 4.29 -14.54 2.58
C SER A 10 4.19 -15.99 2.14
N ARG A 11 5.26 -16.72 2.40
CA ARG A 11 5.30 -18.17 2.20
C ARG A 11 4.54 -18.90 3.31
N GLY A 12 3.90 -18.14 4.18
CA GLY A 12 3.14 -18.72 5.27
C GLY A 12 1.70 -18.30 5.24
N PRO A 13 1.38 -17.10 5.72
CA PRO A 13 0.02 -16.54 5.63
C PRO A 13 -0.28 -16.02 4.23
N LEU A 14 -1.53 -15.66 3.99
CA LEU A 14 -1.94 -15.17 2.68
C LEU A 14 -2.96 -14.05 2.86
N VAL A 15 -2.71 -12.91 2.23
CA VAL A 15 -3.55 -11.74 2.39
C VAL A 15 -3.92 -11.14 1.04
N THR A 16 -5.19 -11.21 0.71
CA THR A 16 -5.71 -10.51 -0.45
C THR A 16 -6.02 -9.06 -0.09
N CYS A 17 -5.77 -8.15 -1.01
CA CYS A 17 -6.04 -6.76 -0.78
C CYS A 17 -6.60 -6.11 -2.02
N THR A 18 -7.36 -5.04 -1.84
CA THR A 18 -7.76 -4.20 -2.96
C THR A 18 -6.52 -3.75 -3.70
N CYS A 19 -6.56 -3.82 -5.01
CA CYS A 19 -5.39 -3.52 -5.82
C CYS A 19 -5.71 -2.40 -6.78
N GLU A 20 -4.77 -1.50 -6.97
CA GLU A 20 -4.93 -0.41 -7.90
C GLU A 20 -3.58 0.15 -8.29
N SER A 21 -2.99 -0.45 -9.33
CA SER A 21 -1.71 0.00 -9.90
C SER A 21 -0.46 -0.12 -8.98
N PRO A 22 -0.42 -1.00 -7.99
CA PRO A 22 0.71 -1.08 -7.09
C PRO A 22 1.63 -2.26 -7.42
N HIS A 23 1.23 -3.41 -6.91
CA HIS A 23 1.93 -4.67 -7.12
C HIS A 23 1.08 -5.49 -8.06
N CYS A 24 0.01 -4.85 -8.51
CA CYS A 24 -1.01 -5.51 -9.26
C CYS A 24 -1.51 -4.58 -10.36
N LYS A 25 -1.43 -5.03 -11.58
CA LYS A 25 -2.06 -4.31 -12.68
C LYS A 25 -3.50 -4.80 -12.77
N GLY A 26 -3.96 -5.27 -11.63
CA GLY A 26 -5.21 -5.94 -11.51
C GLY A 26 -5.74 -5.74 -10.12
N PRO A 27 -6.75 -4.87 -10.01
CA PRO A 27 -7.50 -4.50 -8.79
C PRO A 27 -7.74 -5.56 -7.71
N THR A 28 -7.15 -6.73 -7.82
CA THR A 28 -7.07 -7.65 -6.70
C THR A 28 -5.79 -8.49 -6.76
N CYS A 29 -5.35 -8.99 -5.60
CA CYS A 29 -4.20 -9.88 -5.54
C CYS A 29 -4.05 -10.42 -4.12
N ARG A 30 -3.81 -11.71 -3.98
CA ARG A 30 -3.41 -12.27 -2.70
C ARG A 30 -1.89 -12.38 -2.61
N GLY A 31 -1.36 -11.91 -1.52
CA GLY A 31 0.08 -11.93 -1.34
C GLY A 31 0.48 -12.33 0.05
N ALA A 32 1.01 -11.36 0.75
CA ALA A 32 1.57 -11.60 2.07
C ALA A 32 0.85 -10.75 3.08
N TRP A 33 0.53 -9.55 2.65
CA TRP A 33 -0.12 -8.56 3.46
C TRP A 33 -0.54 -7.40 2.58
N CYS A 34 -1.13 -6.40 3.18
CA CYS A 34 -1.67 -5.28 2.42
C CYS A 34 -0.70 -4.12 2.46
N THR A 35 -0.20 -3.71 1.30
CA THR A 35 0.72 -2.60 1.28
C THR A 35 0.21 -1.48 0.39
N VAL A 36 0.11 -0.29 0.97
CA VAL A 36 -0.33 0.88 0.24
C VAL A 36 0.85 1.78 -0.03
N VAL A 37 0.74 2.58 -1.08
CA VAL A 37 1.77 3.52 -1.46
C VAL A 37 1.15 4.66 -2.24
N LEU A 38 1.20 5.85 -1.69
CA LEU A 38 0.75 7.04 -2.40
C LEU A 38 1.92 7.57 -3.19
N VAL A 39 1.76 7.68 -4.49
CA VAL A 39 2.80 8.28 -5.29
C VAL A 39 2.62 9.78 -5.25
N ARG A 40 3.20 10.40 -4.26
CA ARG A 40 3.06 11.83 -4.03
C ARG A 40 4.21 12.54 -4.71
N GLU A 41 4.48 12.06 -5.88
CA GLU A 41 5.62 12.48 -6.63
C GLU A 41 5.41 13.89 -7.15
N GLU A 42 6.44 14.72 -7.03
CA GLU A 42 6.33 16.17 -7.16
C GLU A 42 5.58 16.61 -8.42
N GLY A 43 4.30 16.90 -8.25
CA GLY A 43 3.47 17.41 -9.33
C GLY A 43 3.27 16.40 -10.44
N ARG A 44 3.66 15.15 -10.20
CA ARG A 44 3.57 14.12 -11.22
C ARG A 44 2.21 13.44 -11.18
N HIS A 45 2.08 12.39 -10.36
CA HIS A 45 0.83 11.66 -10.27
C HIS A 45 0.54 11.19 -8.85
N PRO A 46 0.07 12.09 -7.98
CA PRO A 46 -0.41 11.69 -6.66
C PRO A 46 -1.57 10.71 -6.76
N GLN A 47 -1.23 9.44 -6.67
CA GLN A 47 -2.19 8.37 -6.83
C GLN A 47 -1.99 7.29 -5.77
N GLU A 48 -3.08 6.83 -5.21
CA GLU A 48 -3.06 5.81 -4.18
C GLU A 48 -2.99 4.42 -4.79
N HIS A 49 -1.82 3.81 -4.77
CA HIS A 49 -1.66 2.46 -5.30
C HIS A 49 -1.62 1.46 -4.15
N ARG A 50 -2.63 0.60 -4.07
CA ARG A 50 -2.79 -0.28 -2.91
C ARG A 50 -2.97 -1.74 -3.35
N GLY A 51 -2.50 -2.70 -2.56
CA GLY A 51 -2.66 -4.12 -2.89
C GLY A 51 -1.87 -5.04 -1.98
N CYS A 52 -1.53 -6.23 -2.45
CA CYS A 52 -0.84 -7.20 -1.63
C CYS A 52 0.64 -7.16 -1.93
N GLY A 53 1.44 -7.09 -0.89
CA GLY A 53 2.86 -7.22 -1.07
C GLY A 53 3.21 -8.68 -0.95
N ASN A 54 4.06 -9.18 -1.83
CA ASN A 54 4.42 -10.58 -1.78
C ASN A 54 5.69 -10.77 -0.96
N LEU A 55 6.49 -11.76 -1.34
CA LEU A 55 7.71 -12.10 -0.62
C LEU A 55 8.77 -11.01 -0.80
N HIS A 56 8.42 -9.95 -1.49
CA HIS A 56 9.32 -8.83 -1.74
C HIS A 56 9.29 -7.86 -0.56
N ARG A 57 10.41 -7.77 0.15
CA ARG A 57 10.50 -6.94 1.34
C ARG A 57 10.41 -5.46 0.97
N GLU A 58 10.88 -5.12 -0.22
CA GLU A 58 10.81 -3.75 -0.74
C GLU A 58 9.36 -3.30 -0.83
N LEU A 59 8.47 -4.21 -1.18
CA LEU A 59 7.05 -3.89 -1.35
C LEU A 59 6.34 -3.72 -0.01
N CYS A 60 7.06 -3.22 1.00
CA CYS A 60 6.48 -3.01 2.32
C CYS A 60 7.25 -1.93 3.09
N ARG A 61 8.18 -1.26 2.40
CA ARG A 61 9.07 -0.32 3.07
C ARG A 61 10.05 0.29 2.08
N GLY A 62 10.35 1.56 2.27
CA GLY A 62 11.35 2.21 1.45
C GLY A 62 11.98 3.37 2.18
N ARG A 63 11.65 4.57 1.74
CA ARG A 63 12.12 5.78 2.40
C ARG A 63 10.98 6.76 2.48
N PRO A 64 10.30 6.83 3.64
CA PRO A 64 9.16 7.72 3.84
C PRO A 64 9.56 9.18 3.83
N THR A 65 9.74 9.70 2.63
CA THR A 65 10.09 11.10 2.43
C THR A 65 8.84 11.95 2.35
N GLU A 66 8.16 11.83 1.22
CA GLU A 66 6.91 12.53 0.98
C GLU A 66 6.23 12.00 -0.26
N PHE A 67 7.03 11.71 -1.29
CA PHE A 67 6.50 11.22 -2.56
C PHE A 67 6.33 9.71 -2.53
N VAL A 68 6.02 9.18 -1.34
CA VAL A 68 5.92 7.75 -1.14
C VAL A 68 5.54 7.42 0.31
N ASN A 69 4.54 6.54 0.47
CA ASN A 69 4.10 6.09 1.78
C ASN A 69 3.84 4.59 1.71
N HIS A 70 4.83 3.76 1.98
CA HIS A 70 4.61 2.33 1.87
C HIS A 70 4.16 1.74 3.20
N TYR A 71 2.85 1.64 3.36
CA TYR A 71 2.25 1.09 4.58
C TYR A 71 1.98 -0.40 4.41
N CYS A 72 1.91 -1.13 5.51
CA CYS A 72 1.61 -2.56 5.46
C CYS A 72 0.60 -2.95 6.55
N CYS A 73 -0.42 -3.70 6.15
CA CYS A 73 -1.46 -4.17 7.07
C CYS A 73 -1.20 -5.61 7.51
N ASP A 74 -2.13 -6.17 8.27
CA ASP A 74 -2.01 -7.52 8.81
C ASP A 74 -3.04 -8.48 8.20
N SER A 75 -4.10 -7.94 7.61
CA SER A 75 -5.25 -8.75 7.25
C SER A 75 -5.74 -8.41 5.86
N HIS A 76 -6.58 -9.28 5.32
CA HIS A 76 -7.07 -9.17 3.97
C HIS A 76 -8.07 -8.03 3.83
N LEU A 77 -7.96 -7.31 2.71
CA LEU A 77 -8.90 -6.25 2.34
C LEU A 77 -8.74 -5.05 3.26
N CYS A 78 -7.50 -4.77 3.62
CA CYS A 78 -7.20 -3.70 4.57
C CYS A 78 -6.94 -2.43 3.80
N ASN A 79 -6.42 -2.58 2.59
CA ASN A 79 -6.18 -1.45 1.73
C ASN A 79 -7.47 -0.96 1.11
N HIS A 80 -8.56 -1.66 1.42
CA HIS A 80 -9.83 -1.25 0.92
C HIS A 80 -10.29 -0.01 1.68
N ASN A 81 -9.83 0.07 2.93
CA ASN A 81 -10.16 1.18 3.82
C ASN A 81 -8.90 1.64 4.55
N VAL A 82 -7.91 2.05 3.77
CA VAL A 82 -6.62 2.45 4.34
C VAL A 82 -6.50 3.98 4.34
N SER A 83 -5.31 4.48 4.64
CA SER A 83 -5.02 5.89 4.63
C SER A 83 -3.73 6.15 3.87
N LEU A 84 -3.80 6.91 2.79
CA LEU A 84 -2.64 7.16 1.95
C LEU A 84 -2.40 8.64 1.74
N VAL A 85 -1.89 9.28 2.77
CA VAL A 85 -1.52 10.68 2.71
C VAL A 85 -0.88 11.14 4.02
N LEU A 86 0.46 11.25 3.99
CA LEU A 86 1.28 11.80 5.09
C LEU A 86 0.58 11.76 6.44
N GLU A 87 0.35 10.53 6.89
CA GLU A 87 -0.37 10.19 8.14
C GLU A 87 -0.01 11.10 9.34
N ALA A 88 -0.65 12.26 9.37
CA ALA A 88 -0.79 13.07 10.57
C ALA A 88 -1.79 14.17 10.32
N THR A 89 -2.97 14.00 10.86
CA THR A 89 -4.06 14.92 10.64
C THR A 89 -4.33 15.06 9.14
N GLN A 90 -4.15 13.94 8.43
CA GLN A 90 -4.21 13.91 6.97
C GLN A 90 -4.53 12.50 6.41
N PRO A 91 -4.05 11.38 7.02
CA PRO A 91 -4.08 10.05 6.38
C PRO A 91 -5.45 9.55 5.84
N PRO A 92 -6.57 9.62 6.64
CA PRO A 92 -7.85 8.98 6.28
C PRO A 92 -8.25 9.14 4.81
N SER A 93 -8.17 8.04 4.06
CA SER A 93 -8.66 8.02 2.69
C SER A 93 -10.06 7.41 2.66
N GLU A 94 -10.11 6.12 2.95
CA GLU A 94 -11.37 5.39 2.97
C GLU A 94 -11.87 5.28 4.41
N GLN A 95 -10.94 5.05 5.32
CA GLN A 95 -11.26 4.85 6.72
C GLN A 95 -10.49 5.83 7.60
N PRO A 96 -11.21 6.67 8.35
CA PRO A 96 -10.61 7.63 9.29
C PRO A 96 -10.24 6.95 10.62
N GLY A 97 -9.85 5.69 10.55
CA GLY A 97 -9.59 4.92 11.75
C GLY A 97 -8.17 5.04 12.26
N THR A 98 -7.27 5.51 11.40
CA THR A 98 -5.87 5.66 11.78
C THR A 98 -5.66 6.96 12.55
N ASP A 99 -5.32 8.02 11.84
CA ASP A 99 -5.30 9.36 12.41
C ASP A 99 -6.50 10.11 11.84
N GLY A 100 -6.52 11.42 11.86
CA GLY A 100 -7.71 12.11 11.45
C GLY A 100 -7.49 13.42 10.70
N GLN A 101 -7.39 13.33 9.36
CA GLN A 101 -7.61 14.52 8.53
C GLN A 101 -9.03 15.03 8.71
#